data_3FL9
#
_entry.id   3FL9
#
_cell.length_a   67.930
_cell.length_b   67.610
_cell.length_c   167.000
_cell.angle_alpha   90.00
_cell.angle_beta   90.12
_cell.angle_gamma   90.00
#
_symmetry.space_group_name_H-M   'P 1 2 1'
#
loop_
_entity.id
_entity.type
_entity.pdbx_description
1 polymer 'dihydrofolate reductase (DHFR)'
2 non-polymer 'CALCIUM ION'
3 non-polymer TRIMETHOPRIM
4 water water
#
_entity_poly.entity_id   1
_entity_poly.type   'polypeptide(L)'
_entity_poly.pdbx_seq_one_letter_code
;MIVSFMVAMDENRVIGKDNNLPWRLPSELQYVKKTTMGHPLIMGRKNYEAIGRPLPGRRNIIVTRNEGYHVEGCEVAHSV
EEVFELCKNEEEIFIFGGAQIYDLFLPYVDKLYITKIHHAFEGDTFFPEMDMTNWKEVFVEKGLTDEKNPYTYYYHVYEK
QQLVPR
;
_entity_poly.pdbx_strand_id   A,B,C,D,E,F,G,H
#
# COMPACT_ATOMS: atom_id res chain seq x y z
N MET A 1 28.94 -2.63 -19.43
CA MET A 1 28.21 -3.86 -19.15
C MET A 1 27.09 -3.65 -18.12
N ILE A 2 25.86 -3.92 -18.53
CA ILE A 2 24.72 -3.84 -17.62
C ILE A 2 24.91 -4.83 -16.47
N VAL A 3 24.88 -4.30 -15.25
CA VAL A 3 24.90 -5.12 -14.04
C VAL A 3 23.48 -5.30 -13.52
N SER A 4 22.88 -6.46 -13.74
CA SER A 4 21.49 -6.74 -13.33
C SER A 4 21.42 -7.66 -12.13
N PHE A 5 20.41 -7.47 -11.29
CA PHE A 5 20.10 -8.42 -10.22
C PHE A 5 18.98 -9.33 -10.68
N MET A 6 19.02 -10.58 -10.23
CA MET A 6 17.89 -11.49 -10.44
C MET A 6 17.54 -12.15 -9.13
N VAL A 7 16.51 -11.63 -8.48
CA VAL A 7 16.07 -12.18 -7.20
C VAL A 7 14.59 -12.51 -7.24
N ALA A 8 14.23 -13.61 -6.57
CA ALA A 8 12.86 -13.91 -6.27
C ALA A 8 12.70 -13.61 -4.79
N MET A 9 11.67 -12.85 -4.44
CA MET A 9 11.57 -12.30 -3.08
C MET A 9 10.29 -12.71 -2.35
N ASP A 10 9.99 -12.03 -1.25
CA ASP A 10 8.89 -12.40 -0.37
C ASP A 10 8.17 -11.15 0.14
N GLU A 11 7.12 -11.36 0.92
CA GLU A 11 6.44 -10.24 1.57
C GLU A 11 7.41 -9.55 2.49
N ASN A 12 8.20 -10.36 3.19
CA ASN A 12 9.21 -9.87 4.12
C ASN A 12 10.60 -9.87 3.49
N ARG A 13 10.63 -9.89 2.16
CA ARG A 13 11.90 -9.89 1.43
C ARG A 13 12.71 -11.15 1.67
N VAL A 14 12.04 -12.26 1.96
CA VAL A 14 12.73 -13.54 2.12
C VAL A 14 13.20 -14.09 0.77
N ILE A 15 14.47 -14.49 0.70
CA ILE A 15 15.02 -15.12 -0.50
C ILE A 15 15.69 -16.45 -0.19
N GLY A 16 15.34 -17.06 0.94
CA GLY A 16 15.87 -18.36 1.28
C GLY A 16 15.69 -18.74 2.74
N LYS A 17 16.06 -19.97 3.07
CA LYS A 17 16.07 -20.41 4.46
C LYS A 17 17.47 -20.89 4.83
N ASP A 18 17.58 -22.15 5.23
CA ASP A 18 18.87 -22.70 5.58
C ASP A 18 19.81 -22.63 4.39
N ASN A 19 19.23 -22.71 3.18
CA ASN A 19 20.00 -22.56 1.95
C ASN A 19 19.15 -22.54 0.68
N ASN A 20 17.98 -23.18 0.73
CA ASN A 20 17.13 -23.28 -0.45
C ASN A 20 15.96 -22.29 -0.43
N LEU A 21 15.15 -22.31 -1.48
CA LEU A 21 13.97 -21.46 -1.59
C LEU A 21 12.80 -22.03 -0.78
N PRO A 22 12.04 -21.15 -0.11
CA PRO A 22 10.88 -21.53 0.68
C PRO A 22 9.67 -21.89 -0.19
N TRP A 23 9.73 -21.50 -1.46
CA TRP A 23 8.63 -21.74 -2.39
C TRP A 23 9.09 -22.62 -3.55
N ARG A 24 8.13 -23.23 -4.23
CA ARG A 24 8.42 -24.14 -5.32
C ARG A 24 7.69 -23.69 -6.58
N LEU A 25 8.35 -22.84 -7.36
CA LEU A 25 7.69 -22.20 -8.51
C LEU A 25 8.36 -22.48 -9.86
N PRO A 26 8.00 -23.59 -10.51
CA PRO A 26 8.53 -24.01 -11.82
C PRO A 26 8.31 -22.98 -12.93
N SER A 27 7.24 -22.19 -12.82
CA SER A 27 6.94 -21.16 -13.80
C SER A 27 7.89 -19.99 -13.60
N GLU A 28 7.96 -19.53 -12.35
CA GLU A 28 8.90 -18.48 -11.97
C GLU A 28 10.29 -18.87 -12.46
N LEU A 29 10.71 -20.08 -12.11
CA LEU A 29 12.05 -20.54 -12.46
C LEU A 29 12.26 -20.60 -13.98
N GLN A 30 11.18 -20.83 -14.73
CA GLN A 30 11.24 -20.78 -16.18
C GLN A 30 11.45 -19.35 -16.67
N TYR A 31 10.71 -18.40 -16.10
CA TYR A 31 10.86 -16.99 -16.44
C TYR A 31 12.26 -16.53 -16.11
N VAL A 32 12.81 -17.09 -15.05
CA VAL A 32 14.18 -16.82 -14.66
C VAL A 32 15.08 -17.35 -15.74
N LYS A 33 14.94 -18.63 -16.05
CA LYS A 33 15.79 -19.28 -17.04
C LYS A 33 15.82 -18.58 -18.39
N LYS A 34 14.65 -18.12 -18.84
CA LYS A 34 14.53 -17.48 -20.15
C LYS A 34 15.15 -16.09 -20.17
N THR A 35 14.92 -15.33 -19.11
CA THR A 35 15.37 -13.95 -19.01
C THR A 35 16.89 -13.84 -19.03
N THR A 36 17.53 -14.70 -18.26
CA THR A 36 18.99 -14.64 -18.14
C THR A 36 19.73 -15.43 -19.23
N MET A 37 18.98 -16.08 -20.12
CA MET A 37 19.57 -16.92 -21.17
C MET A 37 20.44 -16.12 -22.14
N GLY A 38 21.74 -16.39 -22.10
CA GLY A 38 22.70 -15.72 -22.96
C GLY A 38 23.64 -14.87 -22.14
N HIS A 39 23.33 -14.73 -20.85
CA HIS A 39 24.12 -13.88 -19.96
C HIS A 39 24.63 -14.69 -18.77
N PRO A 40 25.83 -14.35 -18.30
CA PRO A 40 26.46 -15.02 -17.14
C PRO A 40 25.59 -15.00 -15.88
N LEU A 41 25.82 -15.97 -15.00
CA LEU A 41 25.10 -16.06 -13.73
C LEU A 41 26.07 -15.86 -12.57
N ILE A 42 25.97 -14.68 -11.94
CA ILE A 42 26.85 -14.34 -10.84
C ILE A 42 26.21 -14.76 -9.52
N MET A 43 26.77 -15.78 -8.89
CA MET A 43 26.21 -16.29 -7.65
C MET A 43 27.30 -16.81 -6.72
N GLY A 44 27.04 -16.70 -5.42
CA GLY A 44 27.97 -17.17 -4.41
C GLY A 44 28.01 -18.69 -4.30
N ARG A 45 28.93 -19.19 -3.48
CA ARG A 45 29.14 -20.64 -3.37
C ARG A 45 27.95 -21.36 -2.72
N LYS A 46 27.58 -20.93 -1.52
CA LYS A 46 26.46 -21.54 -0.80
C LYS A 46 25.18 -21.43 -1.60
N ASN A 47 25.06 -20.36 -2.38
CA ASN A 47 23.94 -20.19 -3.30
C ASN A 47 23.92 -21.27 -4.37
N TYR A 48 25.00 -21.34 -5.16
CA TYR A 48 25.10 -22.35 -6.22
C TYR A 48 24.90 -23.75 -5.68
N GLU A 49 25.29 -23.96 -4.43
CA GLU A 49 25.17 -25.28 -3.82
C GLU A 49 23.72 -25.55 -3.45
N ALA A 50 22.98 -24.48 -3.20
CA ALA A 50 21.53 -24.56 -3.07
C ALA A 50 20.94 -24.94 -4.41
N ILE A 51 21.29 -24.18 -5.45
CA ILE A 51 20.86 -24.49 -6.81
C ILE A 51 21.09 -25.97 -7.11
N GLY A 52 22.30 -26.44 -6.83
CA GLY A 52 22.62 -27.84 -7.00
C GLY A 52 23.44 -28.19 -8.23
N ARG A 53 23.18 -27.49 -9.34
CA ARG A 53 23.86 -27.81 -10.58
C ARG A 53 23.99 -26.60 -11.51
N PRO A 54 24.96 -26.67 -12.45
CA PRO A 54 25.17 -25.63 -13.46
C PRO A 54 23.96 -25.44 -14.36
N LEU A 55 23.35 -24.26 -14.27
CA LEU A 55 22.30 -23.85 -15.18
C LEU A 55 22.88 -23.58 -16.57
N PRO A 56 22.51 -24.42 -17.55
CA PRO A 56 23.03 -24.35 -18.92
C PRO A 56 22.57 -23.10 -19.69
N GLY A 57 23.27 -22.81 -20.79
CA GLY A 57 22.91 -21.69 -21.64
C GLY A 57 23.59 -20.37 -21.27
N ARG A 58 24.38 -20.39 -20.20
CA ARG A 58 25.00 -19.16 -19.70
C ARG A 58 26.27 -19.47 -18.92
N ARG A 59 27.18 -18.50 -18.86
CA ARG A 59 28.41 -18.66 -18.10
C ARG A 59 28.09 -18.72 -16.62
N ASN A 60 28.33 -19.87 -16.00
CA ASN A 60 28.11 -20.00 -14.57
C ASN A 60 29.31 -19.56 -13.75
N ILE A 61 29.33 -18.28 -13.41
CA ILE A 61 30.42 -17.70 -12.62
C ILE A 61 30.09 -17.68 -11.13
N ILE A 62 31.00 -18.22 -10.33
CA ILE A 62 30.81 -18.38 -8.90
C ILE A 62 31.79 -17.52 -8.10
N VAL A 63 31.37 -17.05 -6.94
CA VAL A 63 32.20 -16.18 -6.13
C VAL A 63 32.50 -16.81 -4.77
N THR A 64 33.76 -16.70 -4.34
CA THR A 64 34.19 -17.29 -3.08
C THR A 64 35.60 -16.81 -2.72
N ARG A 65 35.84 -16.56 -1.44
CA ARG A 65 37.18 -16.25 -0.98
C ARG A 65 38.11 -17.38 -1.39
N ASN A 66 37.70 -18.60 -1.03
CA ASN A 66 38.44 -19.81 -1.37
C ASN A 66 39.17 -19.70 -2.71
N GLU A 67 40.49 -19.60 -2.64
CA GLU A 67 41.32 -19.55 -3.85
C GLU A 67 41.33 -20.91 -4.53
N GLY A 68 41.19 -21.95 -3.73
CA GLY A 68 41.24 -23.32 -4.23
C GLY A 68 39.86 -23.95 -4.34
N TYR A 69 38.91 -23.17 -4.83
CA TYR A 69 37.58 -23.70 -5.09
C TYR A 69 37.38 -23.91 -6.58
N HIS A 70 37.06 -25.15 -6.94
CA HIS A 70 36.76 -25.49 -8.32
C HIS A 70 35.46 -26.29 -8.39
N VAL A 71 34.77 -26.20 -9.51
CA VAL A 71 33.56 -26.98 -9.74
C VAL A 71 33.32 -27.07 -11.23
N GLU A 72 32.96 -28.26 -11.70
CA GLU A 72 32.95 -28.56 -13.13
C GLU A 72 31.89 -27.78 -13.92
N GLY A 73 32.28 -27.34 -15.11
CA GLY A 73 31.41 -26.57 -15.98
C GLY A 73 31.11 -25.19 -15.42
N CYS A 74 32.03 -24.66 -14.62
CA CYS A 74 31.79 -23.39 -13.96
C CYS A 74 33.08 -22.58 -13.81
N GLU A 75 32.95 -21.27 -14.01
CA GLU A 75 34.05 -20.35 -13.73
C GLU A 75 33.93 -19.85 -12.30
N VAL A 76 35.06 -19.50 -11.70
CA VAL A 76 35.07 -19.05 -10.31
C VAL A 76 35.84 -17.74 -10.19
N ALA A 77 35.27 -16.80 -9.45
CA ALA A 77 35.88 -15.49 -9.25
C ALA A 77 36.00 -15.19 -7.76
N HIS A 78 37.09 -14.55 -7.34
CA HIS A 78 37.31 -14.27 -5.92
C HIS A 78 37.08 -12.81 -5.59
N SER A 79 36.76 -12.02 -6.62
CA SER A 79 36.57 -10.59 -6.48
C SER A 79 35.44 -10.15 -7.39
N VAL A 80 34.84 -9.01 -7.08
CA VAL A 80 33.94 -8.35 -8.00
C VAL A 80 34.74 -7.97 -9.22
N GLU A 81 35.96 -7.48 -8.96
CA GLU A 81 36.89 -7.06 -10.00
C GLU A 81 37.19 -8.21 -10.97
N GLU A 82 37.15 -9.43 -10.44
CA GLU A 82 37.50 -10.62 -11.21
C GLU A 82 36.29 -11.09 -11.99
N VAL A 83 35.11 -10.75 -11.49
CA VAL A 83 33.88 -10.96 -12.25
C VAL A 83 33.78 -9.94 -13.38
N PHE A 84 33.93 -8.67 -13.04
CA PHE A 84 33.93 -7.62 -14.06
C PHE A 84 35.02 -7.92 -15.07
N GLU A 85 36.10 -8.50 -14.57
CA GLU A 85 37.19 -8.94 -15.43
C GLU A 85 36.68 -10.00 -16.40
N LEU A 86 36.14 -11.08 -15.86
CA LEU A 86 35.63 -12.17 -16.69
C LEU A 86 34.53 -11.71 -17.65
N CYS A 87 33.63 -10.89 -17.13
CA CYS A 87 32.45 -10.47 -17.88
C CYS A 87 32.71 -9.15 -18.60
N LYS A 88 33.98 -8.86 -18.81
CA LYS A 88 34.41 -7.63 -19.44
C LYS A 88 33.81 -7.38 -20.82
N ASN A 89 33.63 -8.46 -21.58
CA ASN A 89 33.08 -8.38 -22.93
C ASN A 89 31.57 -8.62 -22.95
N GLU A 90 31.01 -8.83 -21.77
CA GLU A 90 29.58 -9.09 -21.61
C GLU A 90 28.75 -7.84 -21.80
N GLU A 91 27.56 -7.99 -22.38
CA GLU A 91 26.65 -6.87 -22.55
C GLU A 91 25.75 -6.69 -21.32
N GLU A 92 25.62 -7.78 -20.56
CA GLU A 92 24.83 -7.76 -19.33
C GLU A 92 25.11 -9.00 -18.50
N ILE A 93 25.10 -8.85 -17.18
CA ILE A 93 25.25 -9.99 -16.29
C ILE A 93 24.09 -10.01 -15.31
N PHE A 94 23.95 -11.11 -14.59
CA PHE A 94 22.87 -11.27 -13.62
C PHE A 94 23.36 -11.75 -12.26
N ILE A 95 23.43 -10.82 -11.31
CA ILE A 95 23.69 -11.17 -9.92
C ILE A 95 22.52 -11.98 -9.39
N PHE A 96 22.81 -13.17 -8.89
CA PHE A 96 21.78 -14.18 -8.69
C PHE A 96 21.44 -14.50 -7.24
N GLY A 97 22.45 -14.78 -6.42
CA GLY A 97 22.19 -15.32 -5.11
C GLY A 97 23.28 -15.17 -4.07
N GLY A 98 22.84 -15.11 -2.81
CA GLY A 98 23.71 -14.77 -1.71
C GLY A 98 23.47 -13.31 -1.39
N ALA A 99 22.91 -13.04 -0.22
CA ALA A 99 22.57 -11.69 0.19
C ALA A 99 23.80 -10.80 0.24
N GLN A 100 24.95 -11.42 0.44
CA GLN A 100 26.21 -10.71 0.61
C GLN A 100 26.85 -10.47 -0.74
N ILE A 101 26.44 -11.26 -1.73
CA ILE A 101 26.90 -11.08 -3.10
C ILE A 101 26.22 -9.85 -3.68
N TYR A 102 24.96 -9.65 -3.33
CA TYR A 102 24.23 -8.46 -3.75
C TYR A 102 24.93 -7.20 -3.23
N ASP A 103 25.37 -7.23 -1.97
CA ASP A 103 25.99 -6.08 -1.33
C ASP A 103 27.35 -5.74 -1.96
N LEU A 104 27.93 -6.74 -2.64
CA LEU A 104 29.20 -6.56 -3.33
C LEU A 104 28.99 -5.91 -4.69
N PHE A 105 27.85 -6.21 -5.33
CA PHE A 105 27.55 -5.66 -6.65
C PHE A 105 26.55 -4.52 -6.55
N LEU A 106 26.12 -4.25 -5.32
CA LEU A 106 25.23 -3.14 -5.02
C LEU A 106 25.73 -1.82 -5.65
N PRO A 107 27.00 -1.47 -5.41
CA PRO A 107 27.55 -0.18 -5.86
C PRO A 107 27.53 -0.02 -7.37
N TYR A 108 27.26 -1.11 -8.08
CA TYR A 108 27.36 -1.12 -9.54
C TYR A 108 26.02 -1.44 -10.20
N VAL A 109 25.11 -2.05 -9.45
CA VAL A 109 23.85 -2.51 -10.03
C VAL A 109 23.24 -1.51 -11.01
N ASP A 110 22.59 -2.04 -12.03
CA ASP A 110 21.98 -1.23 -13.06
C ASP A 110 20.49 -1.53 -13.19
N LYS A 111 20.16 -2.81 -13.20
CA LYS A 111 18.77 -3.23 -13.38
C LYS A 111 18.39 -4.25 -12.32
N LEU A 112 17.14 -4.22 -11.89
CA LEU A 112 16.66 -5.09 -10.82
C LEU A 112 15.55 -6.00 -11.32
N TYR A 113 15.84 -7.29 -11.42
CA TYR A 113 14.83 -8.25 -11.81
C TYR A 113 14.26 -8.92 -10.57
N ILE A 114 13.31 -8.25 -9.93
CA ILE A 114 12.75 -8.72 -8.67
C ILE A 114 11.38 -9.38 -8.82
N THR A 115 11.29 -10.61 -8.35
CA THR A 115 10.03 -11.31 -8.23
C THR A 115 9.57 -11.16 -6.79
N LYS A 116 8.27 -10.90 -6.60
CA LYS A 116 7.71 -10.76 -5.26
C LYS A 116 6.55 -11.74 -5.06
N ILE A 117 6.75 -12.71 -4.18
CA ILE A 117 5.68 -13.66 -3.85
C ILE A 117 4.86 -13.12 -2.68
N HIS A 118 3.58 -12.90 -2.91
CA HIS A 118 2.69 -12.23 -1.94
C HIS A 118 2.38 -13.05 -0.70
N HIS A 119 3.40 -13.65 -0.10
CA HIS A 119 3.19 -14.47 1.08
C HIS A 119 4.29 -14.22 2.12
N ALA A 120 4.04 -14.67 3.34
CA ALA A 120 5.03 -14.56 4.40
C ALA A 120 5.54 -15.94 4.80
N PHE A 121 6.74 -16.28 4.35
CA PHE A 121 7.33 -17.58 4.64
C PHE A 121 8.31 -17.51 5.81
N GLU A 122 8.70 -18.69 6.30
CA GLU A 122 9.80 -18.79 7.25
C GLU A 122 11.12 -18.95 6.49
N GLY A 123 12.01 -17.98 6.63
CA GLY A 123 13.29 -18.04 5.96
C GLY A 123 14.43 -17.44 6.77
N ASP A 124 15.63 -17.99 6.58
CA ASP A 124 16.81 -17.46 7.25
C ASP A 124 17.42 -16.30 6.46
N THR A 125 17.61 -16.49 5.16
CA THR A 125 18.19 -15.45 4.30
C THR A 125 17.16 -14.41 3.87
N PHE A 126 17.64 -13.19 3.62
CA PHE A 126 16.79 -12.08 3.22
C PHE A 126 17.48 -11.21 2.18
N PHE A 127 16.73 -10.27 1.60
CA PHE A 127 17.27 -9.39 0.56
C PHE A 127 17.58 -8.00 1.09
N PRO A 128 18.77 -7.47 0.77
CA PRO A 128 19.17 -6.14 1.25
C PRO A 128 18.17 -5.08 0.80
N GLU A 129 17.94 -4.06 1.61
CA GLU A 129 16.98 -3.03 1.26
C GLU A 129 17.57 -1.94 0.36
N MET A 130 16.70 -1.30 -0.41
CA MET A 130 17.10 -0.30 -1.40
C MET A 130 16.13 0.88 -1.39
N ASP A 131 16.64 2.07 -1.67
CA ASP A 131 15.80 3.26 -1.77
C ASP A 131 15.02 3.27 -3.08
N ASN A 134 13.61 6.77 -6.55
CA ASN A 134 14.13 5.47 -6.97
C ASN A 134 13.46 4.28 -6.28
N TRP A 135 13.38 3.17 -7.00
CA TRP A 135 13.93 3.07 -8.34
C TRP A 135 12.92 3.45 -9.42
N LYS A 136 13.01 2.79 -10.57
CA LYS A 136 12.09 3.04 -11.67
C LYS A 136 11.61 1.76 -12.32
N GLU A 137 10.32 1.48 -12.16
CA GLU A 137 9.75 0.29 -12.78
C GLU A 137 9.41 0.48 -14.25
N VAL A 138 9.97 -0.42 -15.06
CA VAL A 138 9.80 -0.40 -16.50
C VAL A 138 8.90 -1.54 -16.96
N PHE A 139 8.84 -2.62 -16.18
CA PHE A 139 7.99 -3.76 -16.51
C PHE A 139 7.33 -4.41 -15.28
N VAL A 140 6.18 -5.03 -15.51
CA VAL A 140 5.45 -5.71 -14.44
C VAL A 140 4.44 -6.73 -15.00
N GLU A 141 4.54 -7.96 -14.53
CA GLU A 141 3.66 -9.03 -14.97
C GLU A 141 3.41 -10.04 -13.85
N LYS A 142 2.17 -10.52 -13.76
CA LYS A 142 1.82 -11.49 -12.75
C LYS A 142 2.30 -12.90 -13.13
N GLY A 143 2.85 -13.61 -12.15
CA GLY A 143 3.26 -14.99 -12.34
C GLY A 143 2.08 -15.95 -12.28
N LEU A 144 2.16 -16.99 -13.12
CA LEU A 144 1.14 -18.01 -13.27
C LEU A 144 0.89 -18.83 -11.98
N THR A 145 -0.26 -18.60 -11.35
CA THR A 145 -0.65 -19.38 -10.19
C THR A 145 -1.42 -20.62 -10.63
N ASP A 146 -0.78 -21.78 -10.48
CA ASP A 146 -1.31 -23.07 -10.91
C ASP A 146 -1.55 -23.98 -9.72
N GLU A 147 -1.35 -25.28 -9.95
CA GLU A 147 -1.27 -26.26 -8.88
C GLU A 147 0.19 -26.41 -8.50
N LYS A 148 1.05 -26.31 -9.51
CA LYS A 148 2.48 -26.44 -9.32
C LYS A 148 3.10 -25.09 -8.97
N ASN A 149 2.28 -24.04 -9.08
CA ASN A 149 2.69 -22.73 -8.63
C ASN A 149 1.68 -22.18 -7.62
N PRO A 150 1.54 -22.85 -6.47
CA PRO A 150 0.55 -22.55 -5.43
C PRO A 150 0.84 -21.24 -4.68
N TYR A 151 1.00 -20.14 -5.43
CA TYR A 151 1.25 -18.86 -4.80
C TYR A 151 1.03 -17.74 -5.81
N THR A 152 0.62 -16.58 -5.32
CA THR A 152 0.47 -15.40 -6.16
C THR A 152 1.73 -14.54 -6.09
N TYR A 153 2.32 -14.29 -7.25
CA TYR A 153 3.55 -13.54 -7.34
C TYR A 153 3.61 -12.78 -8.66
N TYR A 154 4.31 -11.64 -8.67
CA TYR A 154 4.46 -10.83 -9.87
C TYR A 154 5.93 -10.60 -10.21
N TYR A 155 6.23 -10.53 -11.50
CA TYR A 155 7.58 -10.18 -11.95
C TYR A 155 7.70 -8.65 -11.96
N HIS A 156 8.75 -8.12 -11.32
CA HIS A 156 8.99 -6.67 -11.30
C HIS A 156 10.36 -6.30 -11.85
N VAL A 157 10.38 -5.43 -12.86
CA VAL A 157 11.65 -4.93 -13.39
C VAL A 157 11.86 -3.47 -13.05
N TYR A 158 13.10 -3.12 -12.73
CA TYR A 158 13.45 -1.77 -12.33
C TYR A 158 14.78 -1.32 -12.91
N GLU A 159 14.76 -0.21 -13.64
CA GLU A 159 15.97 0.43 -14.13
C GLU A 159 16.17 1.72 -13.35
N LYS A 160 17.41 2.22 -13.32
CA LYS A 160 17.75 3.38 -12.53
C LYS A 160 16.91 4.60 -12.90
N GLN A 161 16.47 5.35 -11.89
CA GLN A 161 15.72 6.57 -12.13
C GLN A 161 16.68 7.68 -12.57
N GLN A 162 16.38 8.30 -13.71
CA GLN A 162 17.22 9.39 -14.20
C GLN A 162 17.00 10.64 -13.33
N LEU A 163 16.91 11.80 -13.97
CA LEU A 163 16.69 13.06 -13.26
C LEU A 163 16.98 14.26 -14.15
N VAL A 164 16.11 15.27 -14.08
CA VAL A 164 16.26 16.48 -14.87
C VAL A 164 17.25 17.44 -14.22
N PRO A 165 18.31 17.81 -14.97
CA PRO A 165 19.34 18.72 -14.48
C PRO A 165 18.76 19.96 -13.82
N ARG A 166 19.20 20.25 -12.60
CA ARG A 166 18.72 21.41 -11.85
C ARG A 166 18.99 22.71 -12.60
N MET B 1 23.49 5.00 10.39
CA MET B 1 24.25 6.04 11.07
C MET B 1 25.75 5.87 10.86
N ILE B 2 26.33 6.70 10.00
CA ILE B 2 27.75 6.63 9.70
C ILE B 2 28.58 7.31 10.78
N VAL B 3 29.19 6.49 11.64
CA VAL B 3 30.16 7.00 12.60
C VAL B 3 31.50 7.14 11.89
N SER B 4 31.86 8.37 11.57
CA SER B 4 33.14 8.66 10.93
C SER B 4 34.09 9.39 11.88
N PHE B 5 35.32 8.92 11.97
CA PHE B 5 36.37 9.70 12.61
C PHE B 5 36.70 10.86 11.68
N MET B 6 37.28 11.91 12.25
CA MET B 6 37.88 12.98 11.47
C MET B 6 39.17 13.37 12.17
N VAL B 7 40.30 13.22 11.49
CA VAL B 7 41.58 13.50 12.11
C VAL B 7 42.59 14.12 11.14
N ALA B 8 43.33 15.12 11.62
CA ALA B 8 44.52 15.60 10.94
C ALA B 8 45.71 15.05 11.72
N MET B 9 46.55 14.29 11.05
CA MET B 9 47.57 13.51 11.72
C MET B 9 49.00 13.99 11.45
N ASP B 10 49.95 13.08 11.63
CA ASP B 10 51.34 13.45 11.63
C ASP B 10 52.15 12.24 11.20
N GLU B 11 53.42 12.47 10.89
CA GLU B 11 54.33 11.37 10.57
C GLU B 11 54.44 10.42 11.74
N ASN B 12 54.20 10.97 12.93
CA ASN B 12 54.22 10.23 14.17
C ASN B 12 52.86 10.27 14.85
N ARG B 13 51.82 10.40 14.04
CA ARG B 13 50.45 10.36 14.52
C ARG B 13 50.10 11.46 15.53
N VAL B 14 51.00 12.40 15.73
CA VAL B 14 50.71 13.54 16.60
C VAL B 14 49.51 14.30 16.05
N ILE B 15 48.52 14.55 16.90
CA ILE B 15 47.30 15.24 16.49
C ILE B 15 47.10 16.52 17.28
N GLY B 16 48.18 17.02 17.88
CA GLY B 16 48.11 18.22 18.68
C GLY B 16 49.29 18.33 19.62
N LYS B 17 49.32 19.42 20.37
CA LYS B 17 50.27 19.58 21.47
C LYS B 17 49.51 19.93 22.75
N ASP B 18 50.20 20.59 23.67
CA ASP B 18 49.69 20.89 25.00
C ASP B 18 48.17 21.02 25.09
N ASN B 20 46.62 21.84 21.35
CA ASN B 20 46.30 22.54 20.11
C ASN B 20 47.13 22.06 18.94
N LEU B 21 46.59 22.23 17.73
CA LEU B 21 47.23 21.76 16.51
C LEU B 21 48.65 22.30 16.32
N PRO B 22 49.61 21.39 16.09
CA PRO B 22 51.03 21.69 15.87
C PRO B 22 51.30 22.23 14.46
N TRP B 23 50.25 22.35 13.66
CA TRP B 23 50.39 22.82 12.28
C TRP B 23 49.31 23.83 11.97
N ARG B 24 49.65 24.79 11.11
CA ARG B 24 48.73 25.86 10.74
C ARG B 24 48.37 25.76 9.27
N LEU B 25 47.49 24.83 8.95
CA LEU B 25 47.01 24.65 7.57
C LEU B 25 45.53 25.03 7.46
N PRO B 26 45.25 26.20 6.86
CA PRO B 26 43.87 26.64 6.58
C PRO B 26 43.18 25.78 5.53
N SER B 27 43.92 25.39 4.49
CA SER B 27 43.41 24.51 3.45
C SER B 27 42.90 23.21 4.05
N GLU B 28 43.64 22.68 5.02
CA GLU B 28 43.24 21.47 5.71
C GLU B 28 41.95 21.74 6.47
N LEU B 29 41.92 22.85 7.21
CA LEU B 29 40.77 23.23 8.02
C LEU B 29 39.54 23.53 7.16
N GLN B 30 39.77 24.06 5.96
CA GLN B 30 38.72 24.31 4.99
C GLN B 30 38.07 23.00 4.54
N TYR B 31 38.90 22.06 4.10
CA TYR B 31 38.42 20.74 3.70
C TYR B 31 37.63 20.08 4.82
N VAL B 32 38.15 20.19 6.04
CA VAL B 32 37.45 19.68 7.21
C VAL B 32 36.05 20.27 7.25
N LYS B 33 35.97 21.60 7.34
CA LYS B 33 34.67 22.28 7.35
C LYS B 33 33.76 21.73 6.26
N LYS B 34 34.31 21.62 5.05
CA LYS B 34 33.55 21.15 3.89
C LYS B 34 32.95 19.76 4.10
N THR B 35 33.72 18.88 4.72
CA THR B 35 33.33 17.49 4.95
C THR B 35 32.38 17.34 6.14
N THR B 36 32.62 18.14 7.18
CA THR B 36 31.88 18.03 8.43
C THR B 36 30.67 18.96 8.55
N MET B 37 30.34 19.66 7.46
CA MET B 37 29.21 20.60 7.45
C MET B 37 27.84 19.91 7.45
N GLY B 38 27.01 20.26 8.42
CA GLY B 38 25.66 19.74 8.52
C GLY B 38 25.61 18.51 9.40
N HIS B 39 26.78 18.02 9.76
CA HIS B 39 26.87 16.80 10.56
C HIS B 39 27.48 17.04 11.93
N PRO B 40 26.94 16.37 12.96
CA PRO B 40 27.41 16.52 14.33
C PRO B 40 28.90 16.20 14.50
N LEU B 41 29.60 17.03 15.27
CA LEU B 41 30.98 16.79 15.64
C LEU B 41 31.04 16.25 17.07
N ILE B 42 31.67 15.10 17.24
CA ILE B 42 31.73 14.44 18.54
C ILE B 42 33.12 14.53 19.14
N MET B 43 33.33 15.52 20.00
CA MET B 43 34.62 15.74 20.64
C MET B 43 34.49 15.87 22.15
N GLY B 44 35.52 15.47 22.89
CA GLY B 44 35.52 15.54 24.34
C GLY B 44 35.55 16.96 24.87
N ARG B 45 35.34 17.11 26.17
CA ARG B 45 35.32 18.44 26.81
C ARG B 45 36.59 19.23 26.57
N LYS B 46 37.72 18.55 26.64
CA LYS B 46 39.02 19.19 26.47
C LYS B 46 39.27 19.58 25.02
N ASN B 47 38.87 18.70 24.10
CA ASN B 47 39.08 18.96 22.69
C ASN B 47 38.42 20.27 22.26
N TYR B 48 37.19 20.48 22.72
CA TYR B 48 36.46 21.71 22.41
C TYR B 48 37.15 22.96 22.98
N GLU B 49 37.79 22.82 24.14
CA GLU B 49 38.54 23.91 24.76
C GLU B 49 39.80 24.15 23.97
N ALA B 50 40.17 23.16 23.16
CA ALA B 50 41.32 23.24 22.28
C ALA B 50 40.94 23.93 20.99
N ILE B 51 39.81 23.54 20.40
CA ILE B 51 39.26 24.25 19.26
C ILE B 51 38.97 25.69 19.69
N GLY B 52 38.43 25.83 20.90
CA GLY B 52 38.15 27.12 21.48
C GLY B 52 36.75 27.63 21.21
N ARG B 53 36.22 27.25 20.05
CA ARG B 53 34.94 27.78 19.59
C ARG B 53 33.99 26.69 19.11
N PRO B 54 32.68 26.94 19.22
CA PRO B 54 31.68 26.03 18.63
C PRO B 54 31.66 26.24 17.11
N LEU B 55 32.23 25.29 16.38
CA LEU B 55 32.26 25.36 14.93
C LEU B 55 30.84 25.36 14.38
N PRO B 56 30.43 26.47 13.76
CA PRO B 56 29.06 26.61 13.26
C PRO B 56 28.74 25.55 12.24
N GLY B 57 27.46 25.45 11.86
CA GLY B 57 27.04 24.59 10.76
C GLY B 57 26.66 23.17 11.15
N ARG B 58 27.10 22.74 12.32
CA ARG B 58 26.85 21.37 12.76
C ARG B 58 26.54 21.31 14.24
N ARG B 59 25.95 20.19 14.66
CA ARG B 59 25.69 19.96 16.08
C ARG B 59 26.98 19.70 16.83
N ASN B 60 27.34 20.61 17.72
CA ASN B 60 28.53 20.42 18.54
C ASN B 60 28.17 19.66 19.81
N ILE B 61 28.57 18.40 19.85
CA ILE B 61 28.30 17.55 21.01
C ILE B 61 29.59 17.23 21.76
N ILE B 62 29.61 17.59 23.05
CA ILE B 62 30.76 17.34 23.91
C ILE B 62 30.46 16.14 24.79
N VAL B 63 31.50 15.42 25.22
CA VAL B 63 31.31 14.24 26.04
C VAL B 63 32.09 14.32 27.36
N THR B 64 31.34 14.51 28.46
CA THR B 64 31.94 14.56 29.79
C THR B 64 31.30 13.58 30.74
N ARG B 65 32.10 13.06 31.67
CA ARG B 65 31.55 12.34 32.81
C ARG B 65 30.95 13.38 33.74
N ASN B 66 31.35 14.63 33.51
CA ASN B 66 30.94 15.76 34.35
C ASN B 66 29.43 16.02 34.33
N GLU B 67 28.71 15.40 35.25
CA GLU B 67 27.25 15.51 35.34
C GLU B 67 26.78 16.93 35.62
N GLY B 68 27.67 17.90 35.41
CA GLY B 68 27.33 19.30 35.61
C GLY B 68 28.06 20.23 34.66
N TYR B 69 28.38 19.73 33.48
CA TYR B 69 29.07 20.56 32.49
C TYR B 69 28.12 21.19 31.48
N HIS B 70 28.38 22.45 31.16
CA HIS B 70 27.58 23.20 30.20
C HIS B 70 28.44 24.28 29.54
N VAL B 71 28.00 24.71 28.37
CA VAL B 71 28.72 25.71 27.60
C VAL B 71 27.88 26.07 26.39
N GLU B 72 27.69 27.37 26.16
CA GLU B 72 26.70 27.84 25.19
C GLU B 72 26.92 27.27 23.80
N GLY B 73 25.82 26.92 23.13
CA GLY B 73 25.85 26.44 21.76
C GLY B 73 26.44 25.05 21.64
N CYS B 74 26.30 24.26 22.70
CA CYS B 74 26.82 22.90 22.72
C CYS B 74 25.82 21.93 23.34
N GLU B 75 25.97 20.66 23.00
CA GLU B 75 25.14 19.60 23.56
C GLU B 75 26.00 18.65 24.39
N VAL B 76 25.55 18.37 25.60
CA VAL B 76 26.39 17.70 26.58
C VAL B 76 26.00 16.25 26.86
N ALA B 77 26.64 15.33 26.15
CA ALA B 77 26.47 13.90 26.42
C ALA B 77 27.47 13.46 27.49
N HIS B 78 27.32 12.25 27.99
CA HIS B 78 28.19 11.74 29.06
C HIS B 78 28.59 10.29 28.81
N SER B 79 27.94 9.67 27.85
CA SER B 79 28.26 8.31 27.44
C SER B 79 28.11 8.25 25.94
N VAL B 80 28.59 7.18 25.33
CA VAL B 80 28.42 6.98 23.89
C VAL B 80 26.95 6.65 23.61
N GLU B 81 26.25 6.13 24.62
CA GLU B 81 24.82 5.91 24.53
C GLU B 81 24.13 7.25 24.41
N GLU B 82 24.54 8.19 25.27
CA GLU B 82 24.01 9.54 25.27
C GLU B 82 24.34 10.26 23.98
N VAL B 83 25.42 9.84 23.33
CA VAL B 83 25.77 10.35 22.01
C VAL B 83 24.92 9.67 20.94
N PHE B 84 24.91 8.34 20.94
CA PHE B 84 24.12 7.60 19.97
C PHE B 84 22.64 7.98 20.06
N GLU B 85 22.26 8.61 21.16
CA GLU B 85 20.87 8.96 21.42
C GLU B 85 20.47 10.29 20.77
N LEU B 86 21.35 11.28 20.86
CA LEU B 86 21.09 12.59 20.27
C LEU B 86 21.24 12.54 18.76
N CYS B 87 22.19 11.72 18.32
CA CYS B 87 22.47 11.60 16.89
C CYS B 87 21.71 10.42 16.35
N LYS B 88 20.71 9.99 17.12
CA LYS B 88 19.87 8.87 16.76
C LYS B 88 19.29 8.99 15.34
N ASN B 89 19.15 10.21 14.86
CA ASN B 89 18.57 10.47 13.54
C ASN B 89 19.58 10.95 12.50
N GLU B 90 20.87 10.79 12.81
CA GLU B 90 21.94 11.32 11.97
C GLU B 90 22.47 10.30 10.98
N GLU B 91 22.57 10.70 9.72
CA GLU B 91 23.15 9.87 8.68
C GLU B 91 24.65 9.71 8.89
N GLU B 92 25.31 10.78 9.35
CA GLU B 92 26.72 10.70 9.68
C GLU B 92 27.14 11.64 10.80
N ILE B 93 27.98 11.14 11.69
CA ILE B 93 28.58 11.95 12.75
C ILE B 93 30.10 11.84 12.67
N PHE B 94 30.79 12.84 13.18
CA PHE B 94 32.24 12.86 13.15
C PHE B 94 32.83 12.93 14.55
N ILE B 95 33.54 11.87 14.94
CA ILE B 95 34.33 11.91 16.17
C ILE B 95 35.57 12.74 15.90
N PHE B 96 35.69 13.86 16.60
CA PHE B 96 36.58 14.94 16.17
C PHE B 96 37.86 15.05 16.96
N GLY B 97 37.77 14.76 18.25
CA GLY B 97 38.90 15.02 19.13
C GLY B 97 38.87 14.24 20.42
N GLY B 98 40.06 13.97 20.94
CA GLY B 98 40.22 13.12 22.10
C GLY B 98 40.65 11.73 21.66
N ALA B 99 41.89 11.37 21.95
CA ALA B 99 42.37 10.03 21.67
C ALA B 99 41.60 9.03 22.50
N GLN B 100 41.03 9.51 23.60
CA GLN B 100 40.25 8.68 24.51
C GLN B 100 38.78 8.71 24.13
N ILE B 101 38.43 9.66 23.26
CA ILE B 101 37.11 9.72 22.65
C ILE B 101 37.09 8.88 21.38
N TYR B 102 38.19 8.90 20.64
CA TYR B 102 38.33 8.03 19.49
C TYR B 102 38.26 6.60 20.00
N ASP B 103 38.95 6.35 21.11
CA ASP B 103 38.93 5.05 21.78
C ASP B 103 37.52 4.66 22.16
N LEU B 104 36.73 5.67 22.54
CA LEU B 104 35.34 5.47 22.91
C LEU B 104 34.48 5.01 21.74
N PHE B 105 34.81 5.47 20.55
CA PHE B 105 33.96 5.22 19.39
C PHE B 105 34.58 4.23 18.41
N LEU B 106 35.76 3.73 18.75
CA LEU B 106 36.43 2.74 17.91
C LEU B 106 35.59 1.50 17.62
N PRO B 107 34.76 1.06 18.58
CA PRO B 107 33.91 -0.11 18.34
C PRO B 107 32.74 0.16 17.40
N TYR B 108 32.56 1.41 16.98
CA TYR B 108 31.36 1.80 16.24
C TYR B 108 31.67 2.49 14.91
N VAL B 109 32.92 2.93 14.75
CA VAL B 109 33.31 3.69 13.56
C VAL B 109 33.05 2.94 12.25
N ASP B 110 32.77 3.68 11.19
CA ASP B 110 32.42 3.10 9.90
C ASP B 110 33.41 3.48 8.81
N LYS B 111 33.81 4.75 8.85
CA LYS B 111 34.67 5.34 7.84
C LYS B 111 35.82 6.04 8.56
N LEU B 112 36.82 6.47 7.80
CA LEU B 112 37.97 7.15 8.38
C LEU B 112 38.44 8.28 7.47
N TYR B 113 38.17 9.52 7.90
CA TYR B 113 38.68 10.70 7.22
C TYR B 113 39.99 11.10 7.86
N ILE B 114 41.09 10.66 7.25
CA ILE B 114 42.41 10.84 7.84
C ILE B 114 43.30 11.76 7.00
N THR B 115 43.67 12.89 7.57
CA THR B 115 44.65 13.78 6.94
C THR B 115 46.02 13.49 7.54
N LYS B 116 47.02 13.31 6.69
CA LYS B 116 48.35 12.91 7.12
C LYS B 116 49.38 13.92 6.64
N ILE B 117 50.07 14.53 7.58
CA ILE B 117 51.10 15.52 7.26
C ILE B 117 52.47 14.87 7.22
N HIS B 118 53.16 14.98 6.09
CA HIS B 118 54.48 14.39 5.94
C HIS B 118 55.53 15.21 6.65
N HIS B 119 55.25 15.51 7.91
CA HIS B 119 56.20 16.17 8.78
C HIS B 119 56.06 15.58 10.17
N ALA B 120 57.02 15.86 11.04
CA ALA B 120 56.99 15.34 12.39
C ALA B 120 57.08 16.48 13.39
N PHE B 121 56.02 16.67 14.17
CA PHE B 121 55.93 17.81 15.07
C PHE B 121 56.13 17.41 16.53
N GLU B 122 56.45 18.37 17.37
CA GLU B 122 56.47 18.17 18.81
C GLU B 122 55.03 18.17 19.31
N GLY B 123 54.53 17.02 19.73
CA GLY B 123 53.16 16.91 20.16
C GLY B 123 52.94 15.92 21.27
N ASP B 124 51.96 16.21 22.13
CA ASP B 124 51.63 15.33 23.26
C ASP B 124 50.51 14.33 22.94
N THR B 125 49.40 14.83 22.38
CA THR B 125 48.25 14.00 22.07
C THR B 125 48.40 13.32 20.72
N PHE B 126 48.21 11.99 20.72
CA PHE B 126 48.42 11.17 19.53
C PHE B 126 47.15 10.44 19.12
N PHE B 127 47.03 10.20 17.81
CA PHE B 127 45.91 9.44 17.27
C PHE B 127 46.15 7.94 17.41
N PRO B 128 45.30 7.25 18.19
CA PRO B 128 45.47 5.82 18.42
C PRO B 128 45.78 5.05 17.15
N GLU B 129 46.54 3.96 17.29
CA GLU B 129 46.91 3.12 16.16
C GLU B 129 45.71 2.31 15.66
N MET B 130 45.78 1.89 14.40
CA MET B 130 44.64 1.23 13.75
C MET B 130 45.08 0.22 12.69
N ASP B 131 44.12 -0.26 11.91
CA ASP B 131 44.40 -1.23 10.85
C ASP B 131 43.74 -0.84 9.52
N TRP B 135 40.93 -2.18 6.75
CA TRP B 135 40.26 -0.98 6.27
C TRP B 135 40.77 -0.60 4.90
N LYS B 136 39.87 -0.13 4.04
CA LYS B 136 40.23 0.15 2.65
C LYS B 136 40.19 1.63 2.36
N GLU B 137 41.06 2.04 1.44
CA GLU B 137 41.10 3.42 0.99
C GLU B 137 40.29 3.57 -0.27
N VAL B 138 39.31 4.47 -0.21
CA VAL B 138 38.40 4.71 -1.32
C VAL B 138 38.86 5.94 -2.11
N PHE B 139 39.54 6.86 -1.43
CA PHE B 139 39.93 8.14 -2.02
C PHE B 139 41.24 8.67 -1.44
N VAL B 140 42.04 9.30 -2.30
CA VAL B 140 43.25 10.00 -1.88
C VAL B 140 43.43 11.29 -2.69
N GLU B 141 43.73 12.38 -1.99
CA GLU B 141 44.00 13.65 -2.63
C GLU B 141 45.12 14.35 -1.90
N LYS B 142 46.01 14.99 -2.64
CA LYS B 142 47.13 15.71 -2.03
C LYS B 142 46.65 17.09 -1.60
N GLY B 143 47.19 17.58 -0.50
CA GLY B 143 46.79 18.87 0.04
C GLY B 143 47.53 20.04 -0.57
N LEU B 144 46.98 21.24 -0.35
CA LEU B 144 47.52 22.45 -0.94
C LEU B 144 48.69 22.99 -0.13
N THR B 145 49.91 22.75 -0.60
CA THR B 145 51.10 23.30 0.05
C THR B 145 51.43 24.68 -0.52
N ASP B 146 51.40 25.69 0.35
CA ASP B 146 51.50 27.09 -0.04
C ASP B 146 52.53 27.84 0.76
N GLU B 147 52.29 29.14 0.87
CA GLU B 147 52.93 29.99 1.85
C GLU B 147 52.12 29.88 3.13
N LYS B 148 50.81 29.89 2.97
CA LYS B 148 49.88 29.77 4.09
C LYS B 148 49.70 28.30 4.50
N ASN B 149 50.26 27.39 3.70
CA ASN B 149 50.19 25.97 4.00
C ASN B 149 51.57 25.31 3.95
N PRO B 150 52.45 25.69 4.89
CA PRO B 150 53.88 25.36 4.93
C PRO B 150 54.25 23.89 4.70
N TYR B 151 53.32 22.95 4.90
CA TYR B 151 53.68 21.54 4.84
C TYR B 151 52.96 20.75 3.77
N THR B 152 53.60 19.67 3.32
CA THR B 152 52.99 18.76 2.36
C THR B 152 52.24 17.66 3.10
N TYR B 153 51.03 17.37 2.63
CA TYR B 153 50.13 16.44 3.30
C TYR B 153 49.14 15.83 2.30
N TYR B 154 48.40 14.81 2.74
CA TYR B 154 47.45 14.13 1.87
C TYR B 154 46.11 13.85 2.55
N TYR B 155 45.04 13.79 1.76
CA TYR B 155 43.74 13.35 2.25
C TYR B 155 43.50 11.89 1.91
N HIS B 156 43.20 11.08 2.92
CA HIS B 156 42.79 9.69 2.72
C HIS B 156 41.44 9.45 3.37
N VAL B 157 40.57 8.73 2.67
CA VAL B 157 39.28 8.34 3.26
C VAL B 157 39.12 6.83 3.17
N TYR B 158 38.76 6.22 4.30
CA TYR B 158 38.69 4.77 4.39
C TYR B 158 37.30 4.27 4.75
N GLU B 159 36.91 3.15 4.17
CA GLU B 159 35.68 2.48 4.57
C GLU B 159 36.01 1.03 4.90
N LYS B 160 35.37 0.51 5.94
CA LYS B 160 35.53 -0.89 6.30
C LYS B 160 35.27 -1.70 5.05
N GLN B 161 36.24 -2.53 4.66
CA GLN B 161 36.17 -3.19 3.35
C GLN B 161 35.75 -4.66 3.39
N GLN B 162 35.27 -5.14 2.24
CA GLN B 162 34.96 -6.55 2.02
C GLN B 162 34.89 -7.37 3.30
N MET C 1 0.89 -33.89 -10.42
CA MET C 1 -0.01 -34.16 -9.29
C MET C 1 -1.46 -34.22 -9.73
N ILE C 2 -2.12 -35.33 -9.41
CA ILE C 2 -3.50 -35.56 -9.80
C ILE C 2 -4.46 -34.95 -8.78
N VAL C 3 -5.40 -34.16 -9.28
CA VAL C 3 -6.48 -33.62 -8.46
C VAL C 3 -7.72 -34.46 -8.74
N SER C 4 -8.17 -35.22 -7.74
CA SER C 4 -9.24 -36.17 -7.93
C SER C 4 -10.50 -35.85 -7.14
N PHE C 5 -11.65 -35.90 -7.80
CA PHE C 5 -12.94 -35.69 -7.15
C PHE C 5 -13.52 -37.01 -6.68
N MET C 6 -13.71 -37.16 -5.37
CA MET C 6 -14.32 -38.36 -4.84
C MET C 6 -15.67 -38.00 -4.22
N VAL C 7 -16.74 -38.42 -4.88
CA VAL C 7 -18.08 -38.05 -4.44
C VAL C 7 -19.09 -39.19 -4.60
N ALA C 8 -19.87 -39.42 -3.55
CA ALA C 8 -21.02 -40.31 -3.62
C ALA C 8 -22.22 -39.43 -3.86
N MET C 9 -22.84 -39.60 -5.03
CA MET C 9 -23.85 -38.66 -5.51
C MET C 9 -25.26 -39.18 -5.28
N ASP C 10 -26.16 -38.79 -6.17
CA ASP C 10 -27.55 -39.19 -6.07
C ASP C 10 -28.07 -39.23 -7.49
N GLU C 11 -29.33 -39.60 -7.66
CA GLU C 11 -29.95 -39.49 -8.96
C GLU C 11 -30.18 -38.01 -9.24
N ASN C 12 -30.13 -37.22 -8.17
CA ASN C 12 -30.33 -35.78 -8.25
C ASN C 12 -29.16 -35.00 -7.66
N ARG C 13 -27.98 -35.61 -7.70
CA ARG C 13 -26.75 -35.00 -7.23
C ARG C 13 -26.79 -34.63 -5.74
N VAL C 14 -27.78 -35.18 -5.03
CA VAL C 14 -27.86 -35.02 -3.59
C VAL C 14 -26.71 -35.78 -2.93
N ILE C 15 -25.74 -35.05 -2.39
CA ILE C 15 -24.57 -35.66 -1.79
C ILE C 15 -24.54 -35.50 -0.26
N GLY C 16 -25.72 -35.32 0.32
CA GLY C 16 -25.81 -35.22 1.76
C GLY C 16 -27.09 -34.53 2.22
N LYS C 17 -27.43 -34.74 3.48
CA LYS C 17 -28.59 -34.07 4.07
C LYS C 17 -28.14 -32.85 4.86
N ASP C 18 -28.64 -32.73 6.09
CA ASP C 18 -28.23 -31.64 6.96
C ASP C 18 -26.71 -31.64 7.15
N ASN C 19 -26.19 -32.76 7.66
CA ASN C 19 -24.76 -32.93 7.85
C ASN C 19 -24.41 -34.41 7.89
N ASN C 20 -24.83 -35.13 6.86
CA ASN C 20 -24.56 -36.56 6.75
C ASN C 20 -25.11 -37.20 5.47
N LEU C 21 -24.66 -38.42 5.21
CA LEU C 21 -25.05 -39.13 4.00
C LEU C 21 -26.49 -39.61 4.08
N PRO C 22 -27.30 -39.24 3.08
CA PRO C 22 -28.74 -39.58 3.02
C PRO C 22 -28.95 -41.09 2.95
N TRP C 23 -27.94 -41.80 2.46
CA TRP C 23 -27.99 -43.25 2.34
C TRP C 23 -27.07 -43.85 3.39
N ARG C 24 -26.94 -45.17 3.36
CA ARG C 24 -26.09 -45.87 4.31
C ARG C 24 -25.40 -47.03 3.61
N LEU C 25 -24.29 -46.74 2.95
CA LEU C 25 -23.56 -47.75 2.19
C LEU C 25 -22.12 -47.93 2.70
N PRO C 26 -21.87 -49.00 3.47
CA PRO C 26 -20.56 -49.33 4.03
C PRO C 26 -19.63 -50.01 3.03
N SER C 27 -20.22 -50.62 2.01
CA SER C 27 -19.43 -51.24 0.94
C SER C 27 -18.90 -50.16 0.01
N GLU C 28 -19.71 -49.12 -0.21
CA GLU C 28 -19.29 -47.96 -0.98
C GLU C 28 -18.25 -47.19 -0.19
N LEU C 29 -18.50 -47.02 1.10
CA LEU C 29 -17.54 -46.39 1.99
C LEU C 29 -16.24 -47.18 1.98
N GLN C 30 -16.37 -48.50 1.88
CA GLN C 30 -15.23 -49.40 1.74
C GLN C 30 -14.41 -49.03 0.49
N TYR C 31 -15.10 -49.01 -0.65
CA TYR C 31 -14.48 -48.69 -1.93
C TYR C 31 -13.78 -47.34 -1.89
N VAL C 32 -14.42 -46.36 -1.25
CA VAL C 32 -13.83 -45.05 -1.10
C VAL C 32 -12.54 -45.16 -0.30
N LYS C 33 -12.61 -45.78 0.88
CA LYS C 33 -11.44 -45.92 1.75
C LYS C 33 -10.26 -46.59 1.03
N LYS C 34 -10.50 -47.75 0.45
CA LYS C 34 -9.46 -48.48 -0.27
C LYS C 34 -8.86 -47.67 -1.40
N THR C 35 -9.68 -46.80 -1.99
CA THR C 35 -9.28 -46.01 -3.15
C THR C 35 -8.37 -44.85 -2.75
N THR C 36 -8.82 -44.06 -1.78
CA THR C 36 -8.13 -42.84 -1.39
C THR C 36 -7.05 -43.06 -0.32
N MET C 37 -6.90 -44.31 0.11
CA MET C 37 -5.94 -44.67 1.14
C MET C 37 -4.50 -44.41 0.70
N GLY C 38 -3.79 -43.61 1.48
CA GLY C 38 -2.44 -43.19 1.14
C GLY C 38 -2.46 -41.88 0.40
N HIS C 39 -3.54 -41.12 0.58
CA HIS C 39 -3.75 -39.89 -0.16
C HIS C 39 -4.53 -38.86 0.66
N PRO C 40 -4.11 -37.59 0.58
CA PRO C 40 -4.76 -36.47 1.27
C PRO C 40 -6.22 -36.26 0.88
N LEU C 41 -7.07 -36.10 1.89
CA LEU C 41 -8.49 -35.82 1.69
C LEU C 41 -8.75 -34.33 1.87
N ILE C 42 -9.27 -33.70 0.81
CA ILE C 42 -9.46 -32.26 0.81
C ILE C 42 -10.92 -31.90 0.95
N MET C 43 -11.28 -31.24 2.04
CA MET C 43 -12.67 -30.93 2.35
C MET C 43 -12.71 -29.74 3.29
N GLY C 44 -13.91 -29.25 3.57
CA GLY C 44 -14.08 -28.21 4.57
C GLY C 44 -14.17 -28.82 5.95
N ARG C 45 -14.60 -28.02 6.93
CA ARG C 45 -14.86 -28.53 8.27
C ARG C 45 -16.35 -28.82 8.41
N LYS C 46 -17.11 -28.41 7.40
CA LYS C 46 -18.53 -28.70 7.31
C LYS C 46 -18.69 -30.05 6.64
N ASN C 47 -17.76 -30.39 5.75
CA ASN C 47 -17.66 -31.75 5.26
C ASN C 47 -17.02 -32.61 6.33
N TYR C 48 -16.23 -31.98 7.20
CA TYR C 48 -15.60 -32.69 8.31
C TYR C 48 -16.58 -32.91 9.47
N GLU C 49 -17.28 -31.85 9.85
CA GLU C 49 -18.34 -31.94 10.86
C GLU C 49 -19.38 -32.98 10.44
N ALA C 50 -19.41 -33.29 9.15
CA ALA C 50 -20.33 -34.28 8.60
C ALA C 50 -19.80 -35.69 8.82
N ILE C 51 -18.58 -35.96 8.34
CA ILE C 51 -17.95 -37.24 8.62
C ILE C 51 -17.93 -37.47 10.13
N GLY C 52 -17.31 -36.55 10.85
CA GLY C 52 -17.26 -36.60 12.30
C GLY C 52 -15.88 -36.81 12.90
N ARG C 53 -14.96 -37.31 12.09
CA ARG C 53 -13.62 -37.65 12.58
C ARG C 53 -12.55 -37.76 11.50
N PRO C 54 -11.27 -37.81 11.92
CA PRO C 54 -10.15 -37.96 10.99
C PRO C 54 -10.08 -39.36 10.39
N LEU C 55 -10.45 -39.48 9.11
CA LEU C 55 -10.37 -40.76 8.41
C LEU C 55 -8.91 -41.20 8.33
N PRO C 56 -8.57 -42.26 9.07
CA PRO C 56 -7.20 -42.75 9.25
C PRO C 56 -6.53 -43.23 7.96
N GLY C 57 -5.23 -43.01 7.85
CA GLY C 57 -4.43 -43.58 6.78
C GLY C 57 -4.20 -42.61 5.65
N ARG C 58 -4.66 -41.38 5.84
CA ARG C 58 -4.57 -40.36 4.81
C ARG C 58 -4.44 -39.00 5.46
N ARG C 59 -3.67 -38.13 4.83
CA ARG C 59 -3.57 -36.75 5.29
C ARG C 59 -4.93 -36.06 5.22
N ASN C 60 -5.51 -35.78 6.38
CA ASN C 60 -6.78 -35.06 6.44
C ASN C 60 -6.54 -33.55 6.42
N ILE C 61 -6.70 -32.98 5.23
CA ILE C 61 -6.57 -31.54 5.06
C ILE C 61 -7.95 -30.92 5.01
N ILE C 62 -8.10 -29.77 5.66
CA ILE C 62 -9.38 -29.10 5.79
C ILE C 62 -9.25 -27.66 5.34
N VAL C 63 -10.21 -27.19 4.53
CA VAL C 63 -10.15 -25.85 3.97
C VAL C 63 -11.16 -24.89 4.58
N THR C 64 -10.67 -23.88 5.29
CA THR C 64 -11.51 -22.87 5.89
C THR C 64 -10.80 -21.52 5.83
N ARG C 65 -11.55 -20.46 5.58
CA ARG C 65 -11.00 -19.11 5.58
C ARG C 65 -10.87 -18.61 7.01
N ASN C 66 -11.16 -19.50 7.95
CA ASN C 66 -10.95 -19.24 9.37
C ASN C 66 -9.49 -19.51 9.73
N GLU C 67 -8.65 -18.48 9.63
CA GLU C 67 -7.21 -18.63 9.84
C GLU C 67 -6.86 -18.95 11.30
N GLY C 68 -7.90 -19.05 12.14
CA GLY C 68 -7.72 -19.41 13.53
C GLY C 68 -8.38 -20.72 13.91
N TYR C 69 -8.69 -21.55 12.91
CA TYR C 69 -9.34 -22.83 13.16
C TYR C 69 -8.33 -23.97 13.27
N HIS C 70 -8.53 -24.85 14.24
CA HIS C 70 -7.66 -26.02 14.42
C HIS C 70 -8.41 -27.25 14.95
N VAL C 71 -8.04 -28.43 14.43
CA VAL C 71 -8.63 -29.69 14.85
C VAL C 71 -7.58 -30.80 14.89
N GLU C 72 -7.62 -31.60 15.95
CA GLU C 72 -6.62 -32.64 16.16
C GLU C 72 -6.71 -33.77 15.14
N GLY C 73 -5.56 -34.21 14.63
CA GLY C 73 -5.49 -35.30 13.69
C GLY C 73 -5.69 -34.89 12.24
N CYS C 74 -5.44 -33.61 11.96
CA CYS C 74 -5.66 -33.06 10.62
C CYS C 74 -4.70 -31.91 10.30
N GLU C 75 -4.88 -31.33 9.13
CA GLU C 75 -4.12 -30.15 8.72
C GLU C 75 -5.09 -29.11 8.19
N VAL C 76 -4.74 -27.84 8.33
CA VAL C 76 -5.63 -26.77 7.93
C VAL C 76 -5.02 -25.88 6.86
N ALA C 77 -5.80 -25.66 5.79
CA ALA C 77 -5.37 -24.82 4.70
C ALA C 77 -6.48 -23.80 4.40
N HIS C 78 -6.09 -22.56 4.20
CA HIS C 78 -7.07 -21.48 4.03
C HIS C 78 -7.19 -21.03 2.57
N SER C 79 -6.29 -21.54 1.73
CA SER C 79 -6.30 -21.24 0.30
C SER C 79 -6.27 -22.53 -0.49
N VAL C 80 -6.75 -22.46 -1.73
CA VAL C 80 -6.55 -23.53 -2.69
C VAL C 80 -5.06 -23.78 -2.84
N GLU C 81 -4.33 -22.69 -3.09
CA GLU C 81 -2.89 -22.75 -3.27
C GLU C 81 -2.18 -23.31 -2.04
N GLU C 82 -2.74 -23.08 -0.86
CA GLU C 82 -2.11 -23.53 0.39
C GLU C 82 -2.20 -25.04 0.57
N VAL C 83 -3.22 -25.65 -0.02
CA VAL C 83 -3.34 -27.11 -0.04
C VAL C 83 -2.40 -27.70 -1.09
N PHE C 84 -2.44 -27.16 -2.30
CA PHE C 84 -1.51 -27.58 -3.34
C PHE C 84 -0.09 -27.50 -2.79
N GLU C 85 0.17 -26.44 -2.04
CA GLU C 85 1.43 -26.24 -1.36
C GLU C 85 1.74 -27.39 -0.41
N LEU C 86 0.75 -27.80 0.37
CA LEU C 86 0.90 -28.96 1.26
C LEU C 86 1.10 -30.22 0.44
N CYS C 87 0.09 -30.58 -0.34
CA CYS C 87 0.12 -31.80 -1.12
C CYS C 87 1.05 -31.68 -2.32
N LYS C 88 1.99 -30.76 -2.23
CA LYS C 88 3.00 -30.56 -3.25
C LYS C 88 3.69 -31.86 -3.65
N ASN C 89 3.95 -32.70 -2.67
CA ASN C 89 4.68 -33.94 -2.91
C ASN C 89 3.79 -35.18 -2.98
N GLU C 90 2.55 -34.98 -3.44
CA GLU C 90 1.62 -36.08 -3.64
C GLU C 90 1.55 -36.46 -5.12
N GLU C 91 1.04 -37.65 -5.40
CA GLU C 91 0.80 -38.07 -6.78
C GLU C 91 -0.67 -37.86 -7.10
N GLU C 92 -1.47 -37.75 -6.04
CA GLU C 92 -2.91 -37.62 -6.19
C GLU C 92 -3.59 -37.27 -4.87
N ILE C 93 -4.49 -36.30 -4.92
CA ILE C 93 -5.32 -35.96 -3.77
C ILE C 93 -6.79 -36.15 -4.11
N PHE C 94 -7.62 -36.15 -3.08
CA PHE C 94 -9.04 -36.31 -3.27
C PHE C 94 -9.82 -35.15 -2.65
N ILE C 95 -10.41 -34.32 -3.49
CA ILE C 95 -11.37 -33.31 -3.06
C ILE C 95 -12.61 -34.08 -2.61
N PHE C 96 -12.84 -34.07 -1.30
CA PHE C 96 -13.76 -35.03 -0.71
C PHE C 96 -15.19 -34.52 -0.66
N GLY C 97 -15.36 -33.28 -0.26
CA GLY C 97 -16.70 -32.78 -0.01
C GLY C 97 -16.79 -31.29 0.18
N GLY C 98 -18.01 -30.79 0.06
CA GLY C 98 -18.27 -29.36 0.06
C GLY C 98 -18.65 -28.95 -1.33
N ALA C 99 -19.94 -28.82 -1.58
CA ALA C 99 -20.44 -28.40 -2.88
C ALA C 99 -19.70 -27.17 -3.38
N GLN C 100 -19.22 -26.36 -2.44
CA GLN C 100 -18.46 -25.16 -2.76
C GLN C 100 -16.98 -25.50 -2.92
N ILE C 101 -16.52 -26.44 -2.10
CA ILE C 101 -15.15 -26.94 -2.13
C ILE C 101 -14.82 -27.48 -3.51
N TYR C 102 -15.82 -28.11 -4.12
CA TYR C 102 -15.68 -28.67 -5.45
C TYR C 102 -15.50 -27.57 -6.48
N ASP C 103 -16.14 -26.43 -6.22
CA ASP C 103 -16.02 -25.27 -7.10
C ASP C 103 -14.62 -24.67 -7.01
N LEU C 104 -14.06 -24.67 -5.80
CA LEU C 104 -12.70 -24.21 -5.57
C LEU C 104 -11.66 -25.06 -6.30
N PHE C 105 -11.93 -26.36 -6.43
CA PHE C 105 -10.98 -27.26 -7.07
C PHE C 105 -11.50 -27.78 -8.42
N LEU C 106 -12.51 -27.10 -8.93
CA LEU C 106 -13.04 -27.37 -10.27
C LEU C 106 -12.06 -27.00 -11.38
N PRO C 107 -11.27 -25.92 -11.18
CA PRO C 107 -10.34 -25.50 -12.23
C PRO C 107 -9.13 -26.41 -12.38
N TYR C 108 -8.94 -27.32 -11.43
CA TYR C 108 -7.68 -28.08 -11.36
C TYR C 108 -7.88 -29.58 -11.48
N VAL C 109 -9.13 -30.02 -11.47
CA VAL C 109 -9.43 -31.44 -11.41
C VAL C 109 -8.99 -32.22 -12.66
N ASP C 110 -8.42 -33.39 -12.43
CA ASP C 110 -7.88 -34.22 -13.49
C ASP C 110 -8.65 -35.53 -13.68
N LYS C 111 -9.17 -36.05 -12.58
CA LYS C 111 -9.90 -37.33 -12.61
C LYS C 111 -11.15 -37.30 -11.73
N LEU C 112 -12.12 -38.16 -12.05
CA LEU C 112 -13.38 -38.20 -11.31
C LEU C 112 -13.67 -39.57 -10.70
N TYR C 113 -14.05 -39.56 -9.43
CA TYR C 113 -14.46 -40.75 -8.71
C TYR C 113 -15.88 -40.53 -8.20
N ILE C 114 -16.83 -40.70 -9.11
CA ILE C 114 -18.22 -40.40 -8.81
C ILE C 114 -19.06 -41.65 -8.64
N THR C 115 -19.58 -41.84 -7.44
CA THR C 115 -20.59 -42.84 -7.20
C THR C 115 -21.93 -42.18 -7.51
N LYS C 116 -22.85 -42.94 -8.11
CA LYS C 116 -24.17 -42.43 -8.43
C LYS C 116 -25.23 -43.39 -7.92
N ILE C 117 -25.93 -43.00 -6.86
CA ILE C 117 -26.96 -43.85 -6.29
C ILE C 117 -28.27 -43.73 -7.06
N HIS C 118 -28.76 -44.87 -7.54
CA HIS C 118 -29.98 -44.90 -8.35
C HIS C 118 -31.24 -44.72 -7.53
N HIS C 119 -31.23 -43.73 -6.64
CA HIS C 119 -32.39 -43.45 -5.82
C HIS C 119 -32.60 -41.95 -5.64
N ALA C 120 -33.81 -41.55 -5.27
CA ALA C 120 -34.15 -40.14 -5.12
C ALA C 120 -34.37 -39.77 -3.65
N PHE C 121 -33.27 -39.47 -2.96
CA PHE C 121 -33.31 -39.07 -1.56
C PHE C 121 -33.56 -37.58 -1.42
N GLU C 122 -33.90 -37.17 -0.21
CA GLU C 122 -34.05 -35.76 0.11
C GLU C 122 -32.73 -35.24 0.68
N GLY C 123 -32.23 -34.15 0.11
CA GLY C 123 -30.96 -33.60 0.56
C GLY C 123 -30.89 -32.10 0.39
N ASP C 124 -29.99 -31.48 1.13
CA ASP C 124 -29.80 -30.03 1.08
C ASP C 124 -28.41 -29.66 0.57
N THR C 125 -27.54 -30.68 0.44
CA THR C 125 -26.24 -30.50 -0.17
C THR C 125 -26.17 -31.29 -1.48
N PHE C 126 -25.64 -30.66 -2.52
CA PHE C 126 -25.62 -31.24 -3.86
C PHE C 126 -24.23 -31.22 -4.49
N PHE C 127 -24.13 -31.80 -5.68
CA PHE C 127 -22.88 -31.81 -6.44
C PHE C 127 -23.03 -30.96 -7.69
N PRO C 128 -22.17 -29.94 -7.82
CA PRO C 128 -22.19 -29.05 -8.98
C PRO C 128 -22.10 -29.83 -10.28
N GLU C 129 -22.66 -29.28 -11.36
CA GLU C 129 -22.66 -29.97 -12.64
C GLU C 129 -21.35 -29.72 -13.41
N MET C 130 -21.16 -30.44 -14.51
CA MET C 130 -19.93 -30.33 -15.28
C MET C 130 -20.15 -30.62 -16.75
N ASP C 131 -19.06 -30.93 -17.45
CA ASP C 131 -19.11 -31.23 -18.87
C ASP C 131 -19.30 -32.73 -19.09
N THR C 133 -19.53 -32.80 -23.99
CA THR C 133 -18.17 -32.29 -23.85
C THR C 133 -17.24 -33.34 -23.24
N ASN C 134 -17.05 -33.26 -21.93
CA ASN C 134 -16.21 -34.23 -21.25
C ASN C 134 -17.04 -35.17 -20.38
N TRP C 135 -16.40 -36.16 -19.75
CA TRP C 135 -14.95 -36.36 -19.79
C TRP C 135 -14.58 -37.53 -20.67
N LYS C 136 -14.22 -38.63 -20.02
CA LYS C 136 -13.95 -39.90 -20.71
C LYS C 136 -13.94 -41.03 -19.69
N GLU C 137 -14.84 -41.99 -19.85
CA GLU C 137 -14.99 -43.07 -18.88
C GLU C 137 -13.96 -44.16 -19.07
N VAL C 138 -13.16 -44.36 -18.03
CA VAL C 138 -12.07 -45.34 -18.07
C VAL C 138 -12.52 -46.66 -17.43
N PHE C 139 -13.50 -46.58 -16.54
CA PHE C 139 -13.93 -47.74 -15.78
C PHE C 139 -15.22 -47.48 -15.01
N VAL C 140 -16.10 -48.49 -15.00
CA VAL C 140 -17.34 -48.46 -14.21
C VAL C 140 -17.47 -49.77 -13.45
N GLU C 141 -18.20 -49.75 -12.34
CA GLU C 141 -18.48 -50.97 -11.61
C GLU C 141 -19.76 -50.89 -10.80
N LYS C 142 -20.69 -51.80 -11.08
CA LYS C 142 -21.91 -51.87 -10.29
C LYS C 142 -21.51 -52.15 -8.85
N GLY C 143 -22.04 -51.33 -7.95
CA GLY C 143 -21.84 -51.51 -6.51
C GLY C 143 -22.59 -52.73 -5.98
N LEU C 144 -22.41 -53.01 -4.71
CA LEU C 144 -23.02 -54.18 -4.09
C LEU C 144 -24.34 -53.83 -3.42
N THR C 145 -25.45 -54.26 -4.01
CA THR C 145 -26.74 -54.16 -3.35
C THR C 145 -26.83 -55.32 -2.37
N ASP C 146 -27.10 -54.99 -1.11
CA ASP C 146 -27.06 -55.96 -0.03
C ASP C 146 -28.31 -55.87 0.82
N GLU C 147 -28.15 -56.23 2.09
CA GLU C 147 -29.10 -55.84 3.13
C GLU C 147 -28.52 -54.63 3.84
N LYS C 148 -27.19 -54.53 3.89
CA LYS C 148 -26.53 -53.34 4.42
C LYS C 148 -26.17 -52.40 3.27
N ASN C 149 -26.76 -52.68 2.12
CA ASN C 149 -26.58 -51.85 0.94
C ASN C 149 -27.87 -51.85 0.14
N PRO C 150 -28.95 -51.40 0.78
CA PRO C 150 -30.32 -51.43 0.25
C PRO C 150 -30.50 -50.38 -0.85
N TYR C 151 -29.52 -50.26 -1.74
CA TYR C 151 -29.64 -49.38 -2.88
C TYR C 151 -28.81 -49.85 -4.07
N THR C 152 -29.37 -49.74 -5.27
CA THR C 152 -28.63 -50.06 -6.49
C THR C 152 -27.84 -48.83 -6.93
N TYR C 153 -26.55 -49.02 -7.23
CA TYR C 153 -25.66 -47.91 -7.55
C TYR C 153 -24.45 -48.33 -8.39
N TYR C 154 -23.66 -47.35 -8.82
CA TYR C 154 -22.54 -47.57 -9.73
C TYR C 154 -21.36 -46.64 -9.44
N TYR C 155 -20.16 -47.22 -9.37
CA TYR C 155 -18.92 -46.43 -9.34
C TYR C 155 -18.53 -46.04 -10.76
N HIS C 156 -18.33 -44.75 -10.98
CA HIS C 156 -17.83 -44.29 -12.27
C HIS C 156 -16.54 -43.50 -12.05
N VAL C 157 -15.54 -43.77 -12.88
CA VAL C 157 -14.27 -43.05 -12.81
C VAL C 157 -13.96 -42.45 -14.19
N TYR C 158 -13.78 -41.14 -14.22
CA TYR C 158 -13.53 -40.42 -15.46
C TYR C 158 -12.15 -39.77 -15.49
N GLU C 159 -11.62 -39.58 -16.69
CA GLU C 159 -10.39 -38.82 -16.89
C GLU C 159 -10.58 -37.89 -18.09
N LYS C 160 -10.17 -36.64 -17.95
CA LYS C 160 -10.37 -35.67 -19.01
C LYS C 160 -10.01 -36.29 -20.37
N GLN C 161 -10.70 -35.85 -21.41
CA GLN C 161 -10.58 -36.45 -22.73
C GLN C 161 -9.50 -35.77 -23.57
N GLN C 162 -8.74 -36.55 -24.33
CA GLN C 162 -7.72 -35.99 -25.22
C GLN C 162 -7.80 -36.60 -26.62
N LEU C 163 -8.37 -35.84 -27.55
CA LEU C 163 -8.46 -36.31 -28.94
C LEU C 163 -7.31 -35.80 -29.79
N VAL C 164 -7.20 -36.33 -31.00
CA VAL C 164 -6.09 -36.01 -31.90
C VAL C 164 -5.82 -34.51 -31.99
N PRO C 165 -4.54 -34.13 -32.01
CA PRO C 165 -4.13 -32.72 -32.09
C PRO C 165 -4.68 -32.02 -33.32
N ARG C 166 -4.72 -30.70 -33.28
CA ARG C 166 -5.20 -29.92 -34.40
C ARG C 166 -4.48 -30.29 -35.69
N MET D 1 -5.67 -22.36 26.72
CA MET D 1 -4.65 -21.74 25.88
C MET D 1 -3.72 -20.91 26.75
N ILE D 2 -2.60 -20.51 26.18
CA ILE D 2 -1.66 -19.63 26.87
C ILE D 2 -2.06 -18.19 26.62
N VAL D 3 -2.30 -17.45 27.70
CA VAL D 3 -2.46 -16.01 27.61
C VAL D 3 -1.19 -15.33 28.10
N SER D 4 -0.45 -14.71 27.18
CA SER D 4 0.84 -14.12 27.52
C SER D 4 0.93 -12.65 27.17
N PHE D 5 1.46 -11.88 28.12
CA PHE D 5 1.67 -10.45 27.92
C PHE D 5 2.95 -10.20 27.14
N MET D 6 2.89 -9.35 26.12
CA MET D 6 4.10 -8.90 25.47
C MET D 6 4.28 -7.43 25.77
N VAL D 7 5.21 -7.13 26.67
CA VAL D 7 5.47 -5.75 27.03
C VAL D 7 6.97 -5.45 27.01
N ALA D 8 7.32 -4.41 26.26
CA ALA D 8 8.61 -3.76 26.40
C ALA D 8 8.34 -2.60 27.32
N MET D 9 9.11 -2.48 28.37
CA MET D 9 8.72 -1.62 29.48
C MET D 9 9.67 -0.46 29.74
N ASP D 10 10.13 -0.37 30.97
CA ASP D 10 10.87 0.80 31.43
C ASP D 10 11.39 0.54 32.83
N GLU D 11 12.15 1.51 33.35
CA GLU D 11 12.56 1.46 34.74
C GLU D 11 11.39 1.90 35.61
N ASN D 12 10.48 2.66 35.00
CA ASN D 12 9.30 3.15 35.71
C ASN D 12 7.99 2.64 35.08
N ARG D 13 8.08 1.53 34.38
CA ARG D 13 6.91 0.85 33.79
C ARG D 13 6.25 1.63 32.66
N VAL D 14 6.96 2.59 32.09
CA VAL D 14 6.45 3.35 30.94
C VAL D 14 6.42 2.47 29.70
N ILE D 15 5.27 2.39 29.05
CA ILE D 15 5.11 1.57 27.85
C ILE D 15 4.72 2.40 26.63
N GLY D 16 4.72 3.71 26.79
CA GLY D 16 4.37 4.62 25.70
C GLY D 16 4.25 6.06 26.16
N LYS D 17 3.94 6.95 25.22
CA LYS D 17 3.66 8.33 25.56
C LYS D 17 2.28 8.72 25.02
N ASP D 18 2.22 9.81 24.25
CA ASP D 18 0.94 10.27 23.73
C ASP D 18 0.19 9.11 23.07
N ASN D 19 0.95 8.23 22.42
CA ASN D 19 0.41 6.99 21.84
C ASN D 19 1.52 6.05 21.36
N ASN D 20 2.68 6.61 21.07
CA ASN D 20 3.80 5.85 20.52
C ASN D 20 4.94 5.64 21.51
N LEU D 21 5.64 4.51 21.36
CA LEU D 21 6.79 4.19 22.22
C LEU D 21 7.74 5.39 22.39
N PRO D 22 8.38 5.47 23.56
CA PRO D 22 9.37 6.53 23.85
C PRO D 22 10.76 6.13 23.38
N TRP D 23 10.88 4.92 22.85
CA TRP D 23 12.16 4.42 22.36
C TRP D 23 12.05 3.88 20.93
N ARG D 24 13.18 3.76 20.27
CA ARG D 24 13.25 3.22 18.92
C ARG D 24 14.27 2.08 18.92
N LEU D 25 13.80 0.87 19.20
CA LEU D 25 14.68 -0.29 19.33
C LEU D 25 14.31 -1.39 18.34
N PRO D 26 14.82 -1.28 17.10
CA PRO D 26 14.57 -2.26 16.04
C PRO D 26 14.80 -3.71 16.49
N SER D 27 15.91 -3.98 17.17
CA SER D 27 16.23 -5.34 17.58
C SER D 27 15.19 -5.86 18.57
N GLU D 28 14.68 -4.97 19.42
CA GLU D 28 13.63 -5.32 20.36
C GLU D 28 12.38 -5.71 19.57
N LEU D 29 12.01 -4.83 18.64
CA LEU D 29 10.83 -5.02 17.80
C LEU D 29 11.00 -6.24 16.90
N GLN D 30 12.24 -6.60 16.63
CA GLN D 30 12.56 -7.78 15.84
C GLN D 30 12.33 -9.03 16.68
N TYR D 31 12.75 -8.98 17.93
CA TYR D 31 12.53 -10.08 18.86
C TYR D 31 11.02 -10.27 19.01
N VAL D 32 10.33 -9.18 19.33
CA VAL D 32 8.87 -9.19 19.41
C VAL D 32 8.23 -9.96 18.24
N LYS D 33 8.57 -9.57 17.01
CA LYS D 33 8.04 -10.23 15.81
C LYS D 33 8.38 -11.73 15.75
N LYS D 34 9.66 -12.04 15.97
CA LYS D 34 10.14 -13.42 15.96
C LYS D 34 9.55 -14.24 17.11
N THR D 35 9.04 -13.57 18.13
CA THR D 35 8.49 -14.25 19.30
C THR D 35 6.99 -14.50 19.20
N THR D 36 6.26 -13.56 18.63
CA THR D 36 4.82 -13.69 18.50
C THR D 36 4.35 -14.16 17.12
N MET D 37 5.27 -14.72 16.33
CA MET D 37 5.01 -15.08 14.94
C MET D 37 4.20 -16.37 14.79
N GLY D 38 3.02 -16.25 14.18
CA GLY D 38 2.15 -17.38 13.97
C GLY D 38 1.03 -17.47 14.99
N HIS D 39 1.11 -16.65 16.03
CA HIS D 39 0.07 -16.59 17.05
C HIS D 39 -0.67 -15.26 16.94
N PRO D 40 -1.87 -15.17 17.53
CA PRO D 40 -2.60 -13.90 17.56
C PRO D 40 -1.93 -12.83 18.44
N LEU D 41 -1.88 -11.62 17.91
CA LEU D 41 -1.55 -10.44 18.69
C LEU D 41 -2.86 -9.86 19.15
N ILE D 42 -3.00 -9.67 20.45
CA ILE D 42 -4.18 -9.03 21.01
C ILE D 42 -3.84 -7.58 21.32
N MET D 43 -4.56 -6.67 20.69
CA MET D 43 -4.25 -5.27 20.85
C MET D 43 -5.49 -4.39 20.90
N GLY D 44 -5.40 -3.27 21.61
CA GLY D 44 -6.48 -2.30 21.66
C GLY D 44 -6.39 -1.31 20.51
N ARG D 45 -7.50 -0.63 20.23
CA ARG D 45 -7.58 0.32 19.12
C ARG D 45 -6.44 1.34 19.12
N LYS D 46 -6.37 2.16 20.16
CA LYS D 46 -5.33 3.19 20.25
C LYS D 46 -3.95 2.56 20.25
N ASN D 47 -3.91 1.26 20.56
CA ASN D 47 -2.67 0.51 20.55
C ASN D 47 -2.30 0.13 19.10
N TYR D 48 -3.25 -0.45 18.38
CA TYR D 48 -3.08 -0.76 16.97
C TYR D 48 -2.89 0.50 16.12
N GLU D 49 -3.50 1.60 16.53
CA GLU D 49 -3.35 2.88 15.86
C GLU D 49 -1.97 3.46 16.11
N ALA D 50 -1.43 3.16 17.28
CA ALA D 50 -0.06 3.53 17.62
C ALA D 50 0.89 2.78 16.71
N ILE D 51 0.74 1.45 16.70
CA ILE D 51 1.49 0.59 15.78
C ILE D 51 1.36 1.11 14.35
N GLY D 52 0.12 1.41 13.94
CA GLY D 52 -0.16 1.97 12.63
C GLY D 52 -0.88 1.03 11.69
N ARG D 53 -0.12 0.14 11.07
CA ARG D 53 -0.64 -0.84 10.14
C ARG D 53 -0.61 -2.23 10.77
N PRO D 54 -1.28 -3.21 10.14
CA PRO D 54 -1.32 -4.60 10.62
C PRO D 54 0.04 -5.29 10.55
N LEU D 55 0.42 -6.00 11.61
CA LEU D 55 1.70 -6.73 11.62
C LEU D 55 1.54 -8.13 11.04
N PRO D 56 2.16 -8.37 9.87
CA PRO D 56 1.96 -9.57 9.05
C PRO D 56 2.48 -10.85 9.70
N GLY D 57 1.93 -11.99 9.27
CA GLY D 57 2.35 -13.29 9.77
C GLY D 57 1.55 -13.82 10.95
N ARG D 58 0.56 -13.05 11.40
CA ARG D 58 -0.15 -13.35 12.64
C ARG D 58 -1.58 -12.82 12.62
N ARG D 59 -2.46 -13.45 13.39
CA ARG D 59 -3.83 -12.97 13.54
C ARG D 59 -3.85 -11.67 14.33
N ASN D 60 -4.08 -10.56 13.64
CA ASN D 60 -4.21 -9.27 14.31
C ASN D 60 -5.60 -9.12 14.92
N ILE D 61 -5.67 -9.22 16.24
CA ILE D 61 -6.94 -9.08 16.94
C ILE D 61 -7.00 -7.79 17.74
N ILE D 62 -7.93 -6.93 17.36
CA ILE D 62 -8.10 -5.63 18.01
C ILE D 62 -9.38 -5.62 18.84
N VAL D 63 -9.34 -4.94 19.98
CA VAL D 63 -10.46 -4.96 20.91
C VAL D 63 -11.01 -3.56 21.11
N THR D 64 -12.33 -3.45 21.19
CA THR D 64 -12.98 -2.14 21.32
C THR D 64 -14.47 -2.29 21.63
N ARG D 65 -15.00 -1.39 22.45
CA ARG D 65 -16.43 -1.34 22.68
C ARG D 65 -17.12 -1.02 21.36
N ASN D 66 -16.39 -0.28 20.51
CA ASN D 66 -16.88 0.08 19.18
C ASN D 66 -17.38 -1.14 18.43
N GLU D 67 -18.68 -1.41 18.55
CA GLU D 67 -19.28 -2.62 18.00
C GLU D 67 -19.26 -2.66 16.48
N GLY D 68 -19.10 -1.50 15.85
CA GLY D 68 -19.06 -1.42 14.40
C GLY D 68 -17.71 -1.02 13.83
N TYR D 69 -16.65 -1.20 14.63
CA TYR D 69 -15.31 -0.82 14.20
C TYR D 69 -14.74 -1.81 13.18
N HIS D 70 -14.30 -1.28 12.04
CA HIS D 70 -13.79 -2.14 10.98
C HIS D 70 -12.45 -1.65 10.42
N VAL D 71 -11.48 -2.56 10.40
CA VAL D 71 -10.17 -2.28 9.83
C VAL D 71 -9.80 -3.44 8.92
N GLU D 72 -8.98 -3.16 7.90
CA GLU D 72 -8.65 -4.17 6.90
C GLU D 72 -7.49 -5.06 7.32
N GLY D 73 -7.66 -6.36 7.11
CA GLY D 73 -6.61 -7.32 7.41
C GLY D 73 -6.50 -7.67 8.89
N CYS D 74 -7.51 -7.28 9.67
CA CYS D 74 -7.50 -7.55 11.10
C CYS D 74 -8.88 -8.05 11.56
N GLU D 75 -8.93 -8.58 12.77
CA GLU D 75 -10.17 -9.07 13.35
C GLU D 75 -10.48 -8.30 14.62
N VAL D 76 -11.75 -8.04 14.85
CA VAL D 76 -12.17 -7.20 15.97
C VAL D 76 -13.05 -7.94 16.97
N ALA D 77 -12.58 -8.02 18.20
CA ALA D 77 -13.40 -8.52 19.31
C ALA D 77 -13.86 -7.35 20.15
N HIS D 78 -15.01 -7.48 20.80
CA HIS D 78 -15.48 -6.42 21.68
C HIS D 78 -15.53 -6.93 23.11
N SER D 79 -15.14 -8.19 23.28
CA SER D 79 -15.14 -8.84 24.58
C SER D 79 -13.84 -9.60 24.82
N VAL D 80 -13.44 -9.69 26.08
CA VAL D 80 -12.42 -10.62 26.47
C VAL D 80 -12.94 -11.98 26.03
N GLU D 81 -14.24 -12.17 26.24
CA GLU D 81 -14.94 -13.38 25.82
C GLU D 81 -14.89 -13.59 24.31
N GLU D 82 -14.96 -12.49 23.56
CA GLU D 82 -14.94 -12.58 22.10
C GLU D 82 -13.57 -12.98 21.62
N VAL D 83 -12.54 -12.36 22.18
CA VAL D 83 -11.18 -12.79 21.93
C VAL D 83 -11.05 -14.28 22.21
N PHE D 84 -11.29 -14.67 23.47
CA PHE D 84 -11.13 -16.07 23.87
C PHE D 84 -11.99 -16.99 23.00
N GLU D 85 -13.05 -16.42 22.43
CA GLU D 85 -13.91 -17.15 21.51
C GLU D 85 -13.24 -17.24 20.15
N LEU D 86 -12.60 -16.15 19.74
CA LEU D 86 -11.85 -16.13 18.50
C LEU D 86 -10.63 -17.05 18.58
N CYS D 87 -9.75 -16.78 19.54
CA CYS D 87 -8.54 -17.56 19.74
C CYS D 87 -8.84 -18.88 20.43
N LYS D 88 -10.04 -19.39 20.17
CA LYS D 88 -10.55 -20.59 20.82
C LYS D 88 -9.76 -21.83 20.40
N ASN D 89 -9.13 -21.75 19.23
CA ASN D 89 -8.35 -22.86 18.69
C ASN D 89 -6.87 -22.57 18.81
N GLU D 90 -6.54 -21.40 19.34
CA GLU D 90 -5.17 -20.93 19.40
C GLU D 90 -4.41 -21.53 20.56
N GLU D 91 -3.11 -21.72 20.34
CA GLU D 91 -2.25 -22.37 21.31
C GLU D 91 -1.78 -21.35 22.33
N GLU D 92 -1.37 -20.19 21.84
CA GLU D 92 -0.92 -19.10 22.68
C GLU D 92 -1.22 -17.75 22.01
N ILE D 93 -1.69 -16.79 22.81
CA ILE D 93 -1.93 -15.43 22.33
C ILE D 93 -1.20 -14.42 23.20
N PHE D 94 -0.86 -13.27 22.62
CA PHE D 94 -0.06 -12.26 23.30
C PHE D 94 -0.78 -10.92 23.40
N ILE D 95 -1.25 -10.60 24.60
CA ILE D 95 -1.79 -9.27 24.87
C ILE D 95 -0.69 -8.22 24.66
N PHE D 96 -0.95 -7.27 23.76
CA PHE D 96 0.12 -6.52 23.12
C PHE D 96 0.24 -5.06 23.56
N GLY D 97 -0.79 -4.52 24.18
CA GLY D 97 -0.73 -3.12 24.56
C GLY D 97 -2.04 -2.53 25.07
N GLY D 98 -2.02 -1.22 25.27
CA GLY D 98 -3.09 -0.56 25.99
C GLY D 98 -3.00 -1.01 27.43
N ALA D 99 -2.62 -0.08 28.31
CA ALA D 99 -2.47 -0.38 29.73
C ALA D 99 -3.78 -0.95 30.27
N GLN D 100 -4.88 -0.54 29.67
CA GLN D 100 -6.20 -1.00 30.09
C GLN D 100 -6.51 -2.39 29.54
N ILE D 101 -6.00 -2.69 28.35
CA ILE D 101 -6.13 -4.02 27.80
C ILE D 101 -5.46 -5.02 28.74
N TYR D 102 -4.21 -4.74 29.10
CA TYR D 102 -3.46 -5.60 30.00
C TYR D 102 -4.27 -5.94 31.24
N ASP D 103 -5.11 -5.00 31.68
CA ASP D 103 -6.00 -5.20 32.83
C ASP D 103 -7.02 -6.30 32.58
N LEU D 104 -7.85 -6.10 31.55
CA LEU D 104 -8.87 -7.06 31.17
C LEU D 104 -8.36 -8.50 31.06
N PHE D 105 -7.10 -8.65 30.68
CA PHE D 105 -6.53 -9.98 30.44
C PHE D 105 -5.51 -10.35 31.50
N LEU D 106 -5.49 -9.59 32.60
CA LEU D 106 -4.65 -9.90 33.73
C LEU D 106 -5.09 -11.16 34.48
N PRO D 107 -6.41 -11.29 34.74
CA PRO D 107 -6.89 -12.46 35.48
C PRO D 107 -6.57 -13.76 34.78
N TYR D 108 -6.17 -13.68 33.51
CA TYR D 108 -5.98 -14.86 32.70
C TYR D 108 -4.54 -15.00 32.23
N VAL D 109 -3.62 -14.29 32.89
CA VAL D 109 -2.24 -14.24 32.41
C VAL D 109 -1.42 -15.46 32.83
N ASP D 110 -0.83 -16.13 31.85
CA ASP D 110 -0.13 -17.39 32.06
C ASP D 110 1.39 -17.23 31.91
N LYS D 111 1.80 -16.22 31.17
CA LYS D 111 3.22 -16.00 30.95
C LYS D 111 3.53 -14.53 30.70
N LEU D 112 4.74 -14.11 31.06
CA LEU D 112 5.15 -12.72 30.89
C LEU D 112 6.40 -12.60 30.06
N TYR D 113 6.26 -12.04 28.87
CA TYR D 113 7.41 -11.71 28.04
C TYR D 113 7.71 -10.23 28.21
N ILE D 114 8.60 -9.91 29.15
CA ILE D 114 8.83 -8.52 29.53
C ILE D 114 10.25 -8.00 29.26
N THR D 115 10.37 -7.21 28.19
CA THR D 115 11.59 -6.46 27.94
C THR D 115 11.57 -5.20 28.79
N LYS D 116 12.58 -5.02 29.65
CA LYS D 116 12.68 -3.81 30.46
C LYS D 116 13.90 -2.98 30.10
N ILE D 117 13.68 -1.81 29.52
CA ILE D 117 14.77 -0.89 29.21
C ILE D 117 15.18 -0.16 30.48
N HIS D 118 16.48 -0.18 30.77
CA HIS D 118 17.01 0.38 32.02
C HIS D 118 17.20 1.89 31.96
N HIS D 119 16.21 2.59 31.44
CA HIS D 119 16.24 4.05 31.39
C HIS D 119 14.95 4.61 31.98
N ALA D 120 14.83 5.93 31.97
CA ALA D 120 13.64 6.60 32.48
C ALA D 120 13.04 7.54 31.44
N PHE D 121 12.03 7.06 30.74
CA PHE D 121 11.39 7.85 29.69
C PHE D 121 10.21 8.65 30.23
N GLU D 122 9.99 9.81 29.65
CA GLU D 122 8.79 10.59 29.93
C GLU D 122 7.65 10.06 29.09
N GLY D 123 6.66 9.46 29.75
CA GLY D 123 5.51 8.91 29.09
C GLY D 123 4.32 8.93 30.04
N ASP D 124 3.12 9.04 29.47
CA ASP D 124 1.91 9.12 30.28
C ASP D 124 1.25 7.75 30.55
N THR D 125 1.53 6.77 29.70
CA THR D 125 0.96 5.42 29.86
C THR D 125 1.96 4.45 30.49
N PHE D 126 1.47 3.68 31.46
CA PHE D 126 2.32 2.72 32.19
C PHE D 126 1.76 1.31 32.18
N PHE D 127 2.62 0.35 32.45
CA PHE D 127 2.24 -1.04 32.58
C PHE D 127 1.82 -1.35 34.02
N PRO D 128 0.58 -1.85 34.20
CA PRO D 128 0.09 -2.10 35.56
C PRO D 128 1.04 -2.99 36.36
N GLU D 129 1.07 -2.80 37.68
CA GLU D 129 1.94 -3.58 38.55
C GLU D 129 1.48 -5.03 38.71
N MET D 130 2.43 -5.89 39.06
CA MET D 130 2.16 -7.28 39.38
C MET D 130 2.96 -7.66 40.63
N ASP D 131 2.51 -8.69 41.34
CA ASP D 131 3.14 -9.07 42.61
C ASP D 131 4.60 -9.48 42.43
N MET D 132 4.84 -10.50 41.62
CA MET D 132 6.19 -10.95 41.34
C MET D 132 6.88 -11.55 42.56
N ASN D 134 5.76 -14.81 43.76
CA ASN D 134 4.75 -14.78 42.72
C ASN D 134 5.28 -15.39 41.43
N TRP D 135 5.32 -14.60 40.35
CA TRP D 135 5.78 -15.13 39.08
C TRP D 135 7.15 -15.80 39.22
N LYS D 136 7.56 -16.50 38.18
CA LYS D 136 8.81 -17.25 38.22
C LYS D 136 9.57 -17.04 36.92
N GLU D 137 10.75 -16.44 37.02
CA GLU D 137 11.56 -16.14 35.85
C GLU D 137 12.12 -17.41 35.22
N VAL D 138 11.78 -17.62 33.96
CA VAL D 138 12.23 -18.80 33.23
C VAL D 138 13.38 -18.50 32.25
N PHE D 139 13.41 -17.27 31.74
CA PHE D 139 14.45 -16.93 30.77
C PHE D 139 14.83 -15.45 30.86
N VAL D 140 16.08 -15.15 30.51
CA VAL D 140 16.56 -13.78 30.40
C VAL D 140 17.71 -13.68 29.40
N GLU D 141 17.74 -12.58 28.65
CA GLU D 141 18.82 -12.32 27.70
C GLU D 141 18.97 -10.80 27.52
N LYS D 142 20.22 -10.34 27.52
CA LYS D 142 20.50 -8.92 27.34
C LYS D 142 20.27 -8.51 25.88
N GLY D 143 19.37 -7.56 25.69
CA GLY D 143 19.08 -7.01 24.37
C GLY D 143 20.29 -6.34 23.74
N LEU D 144 20.33 -6.37 22.42
CA LEU D 144 21.43 -5.80 21.65
C LEU D 144 21.43 -4.27 21.67
N THR D 145 22.47 -3.70 22.26
CA THR D 145 22.62 -2.25 22.36
C THR D 145 23.53 -1.73 21.25
N ASP D 146 22.94 -0.99 20.33
CA ASP D 146 23.60 -0.57 19.10
C ASP D 146 23.80 0.93 19.00
N GLU D 147 24.16 1.36 17.80
CA GLU D 147 23.99 2.74 17.41
C GLU D 147 22.49 2.92 17.28
N LYS D 148 21.88 2.02 16.51
CA LYS D 148 20.44 2.05 16.30
C LYS D 148 19.69 1.37 17.45
N ASN D 149 20.33 1.31 18.60
CA ASN D 149 19.72 0.76 19.80
C ASN D 149 20.39 1.33 21.04
N PRO D 150 20.26 2.66 21.24
CA PRO D 150 21.01 3.49 22.19
C PRO D 150 20.71 3.22 23.66
N TYR D 151 20.29 2.02 23.99
CA TYR D 151 19.83 1.71 25.35
C TYR D 151 20.13 0.30 25.80
N THR D 152 20.28 0.16 27.11
CA THR D 152 20.51 -1.13 27.73
C THR D 152 19.19 -1.72 28.24
N TYR D 153 18.83 -2.88 27.69
CA TYR D 153 17.54 -3.48 27.98
C TYR D 153 17.61 -5.00 28.04
N TYR D 154 16.79 -5.58 28.92
CA TYR D 154 16.82 -7.02 29.13
C TYR D 154 15.50 -7.70 28.76
N TYR D 155 15.58 -8.83 28.07
CA TYR D 155 14.40 -9.64 27.80
C TYR D 155 14.15 -10.54 28.99
N HIS D 156 12.92 -10.52 29.51
CA HIS D 156 12.58 -11.37 30.64
C HIS D 156 11.35 -12.20 30.32
N VAL D 157 11.40 -13.47 30.72
CA VAL D 157 10.26 -14.34 30.57
C VAL D 157 9.94 -14.98 31.91
N TYR D 158 8.68 -14.87 32.31
CA TYR D 158 8.19 -15.43 33.55
C TYR D 158 7.03 -16.37 33.28
N GLU D 159 7.00 -17.50 33.97
CA GLU D 159 5.84 -18.36 34.02
C GLU D 159 5.33 -18.37 35.46
N LYS D 160 4.03 -18.58 35.64
CA LYS D 160 3.47 -18.59 36.99
C LYS D 160 4.16 -19.63 37.88
N GLN D 161 4.54 -19.21 39.08
CA GLN D 161 5.13 -20.11 40.08
C GLN D 161 4.16 -21.22 40.50
N GLN D 162 4.72 -22.34 40.94
CA GLN D 162 3.91 -23.45 41.42
C GLN D 162 3.91 -23.47 42.94
N LEU D 163 2.73 -23.65 43.53
CA LEU D 163 2.58 -23.70 44.99
C LEU D 163 2.74 -25.10 45.58
N VAL D 164 3.60 -25.21 46.58
CA VAL D 164 3.89 -26.46 47.26
C VAL D 164 2.89 -26.73 48.37
N PRO D 165 2.25 -27.91 48.34
CA PRO D 165 1.24 -28.31 49.32
C PRO D 165 1.80 -28.56 50.71
N ARG D 166 1.67 -27.59 51.60
CA ARG D 166 2.11 -27.75 52.99
C ARG D 166 1.19 -28.71 53.74
N MET E 1 4.97 11.14 -33.28
CA MET E 1 5.73 12.36 -33.02
C MET E 1 7.22 12.14 -33.21
N ILE E 2 7.83 12.96 -34.05
CA ILE E 2 9.25 12.81 -34.34
C ILE E 2 10.12 13.44 -33.25
N VAL E 3 10.77 12.60 -32.46
CA VAL E 3 11.69 13.08 -31.44
C VAL E 3 13.08 13.14 -32.04
N SER E 4 13.47 14.33 -32.48
CA SER E 4 14.73 14.52 -33.19
C SER E 4 15.82 15.03 -32.24
N PHE E 5 17.06 14.68 -32.55
CA PHE E 5 18.21 15.17 -31.81
C PHE E 5 18.90 16.22 -32.66
N MET E 6 19.18 17.38 -32.07
CA MET E 6 19.94 18.41 -32.76
C MET E 6 21.25 18.68 -32.02
N VAL E 7 22.35 18.25 -32.61
CA VAL E 7 23.65 18.36 -31.98
C VAL E 7 24.73 18.79 -32.97
N ALA E 8 25.58 19.73 -32.53
CA ALA E 8 26.80 20.03 -33.25
C ALA E 8 27.93 19.39 -32.47
N MET E 9 28.57 18.40 -33.10
CA MET E 9 29.49 17.52 -32.40
C MET E 9 30.95 17.87 -32.65
N ASP E 10 31.82 16.96 -32.23
CA ASP E 10 33.26 17.07 -32.38
C ASP E 10 33.73 15.76 -32.99
N GLU E 11 34.97 15.73 -33.45
CA GLU E 11 35.59 14.46 -33.84
C GLU E 11 35.55 13.54 -32.61
N ASN E 12 35.68 14.15 -31.43
CA ASN E 12 35.61 13.43 -30.17
C ASN E 12 34.29 13.66 -29.45
N ARG E 13 33.27 14.02 -30.22
CA ARG E 13 31.90 14.22 -29.72
C ARG E 13 31.71 15.47 -28.86
N VAL E 14 32.79 16.18 -28.57
CA VAL E 14 32.70 17.42 -27.79
C VAL E 14 31.57 18.30 -28.32
N ILE E 15 30.58 18.55 -27.47
CA ILE E 15 29.46 19.41 -27.82
C ILE E 15 29.52 20.74 -27.07
N GLY E 16 30.61 20.94 -26.35
CA GLY E 16 30.81 22.18 -25.61
C GLY E 16 31.88 22.07 -24.56
N LYS E 17 32.25 23.21 -23.98
CA LYS E 17 33.18 23.22 -22.87
C LYS E 17 32.45 23.62 -21.59
N ASP E 18 32.99 24.61 -20.89
CA ASP E 18 32.43 25.04 -19.61
C ASP E 18 30.92 25.24 -19.65
N ASN E 19 30.39 25.48 -20.86
CA ASN E 19 28.96 25.65 -21.08
C ASN E 19 28.59 25.89 -22.55
N ASN E 20 29.45 26.58 -23.29
CA ASN E 20 29.13 27.00 -24.65
C ASN E 20 30.01 26.37 -25.73
N LEU E 21 29.66 26.63 -26.99
CA LEU E 21 30.33 26.00 -28.14
C LEU E 21 31.83 26.28 -28.25
N PRO E 22 32.62 25.20 -28.36
CA PRO E 22 34.07 25.25 -28.54
C PRO E 22 34.42 25.84 -29.91
N TRP E 23 33.44 25.87 -30.80
CA TRP E 23 33.63 26.40 -32.15
C TRP E 23 32.58 27.47 -32.45
N ARG E 24 32.97 28.41 -33.31
CA ARG E 24 32.10 29.52 -33.69
C ARG E 24 31.79 29.41 -35.17
N LEU E 25 30.56 29.01 -35.48
CA LEU E 25 30.15 28.72 -36.85
C LEU E 25 28.70 29.16 -37.09
N PRO E 26 28.50 30.42 -37.49
CA PRO E 26 27.19 31.01 -37.76
C PRO E 26 26.45 30.34 -38.93
N SER E 27 27.15 30.05 -40.02
CA SER E 27 26.56 29.35 -41.15
C SER E 27 25.88 28.06 -40.70
N GLU E 28 26.46 27.44 -39.66
CA GLU E 28 25.96 26.22 -39.06
C GLU E 28 24.75 26.52 -38.19
N LEU E 29 24.83 27.62 -37.44
CA LEU E 29 23.77 28.05 -36.54
C LEU E 29 22.58 28.54 -37.35
N GLN E 30 22.82 28.75 -38.65
CA GLN E 30 21.77 29.11 -39.60
C GLN E 30 21.03 27.85 -40.06
N TYR E 31 21.78 26.88 -40.59
CA TYR E 31 21.22 25.60 -40.99
C TYR E 31 20.43 25.03 -39.83
N VAL E 32 20.91 25.28 -38.62
CA VAL E 32 20.20 24.85 -37.43
C VAL E 32 18.86 25.57 -37.38
N LYS E 33 18.93 26.90 -37.41
CA LYS E 33 17.73 27.74 -37.38
C LYS E 33 16.70 27.34 -38.43
N LYS E 34 17.12 27.25 -39.69
CA LYS E 34 16.22 26.89 -40.79
C LYS E 34 15.61 25.50 -40.64
N THR E 35 16.35 24.58 -40.05
CA THR E 35 15.88 23.20 -39.87
C THR E 35 14.85 23.06 -38.75
N THR E 36 15.13 23.65 -37.60
CA THR E 36 14.27 23.53 -36.42
C THR E 36 13.12 24.54 -36.40
N MET E 37 13.15 25.50 -37.31
CA MET E 37 12.14 26.55 -37.37
C MET E 37 10.71 26.02 -37.41
N GLY E 38 9.87 26.54 -36.52
CA GLY E 38 8.48 26.12 -36.41
C GLY E 38 8.33 24.92 -35.50
N HIS E 39 9.45 24.45 -34.96
CA HIS E 39 9.44 23.27 -34.12
C HIS E 39 9.95 23.57 -32.72
N PRO E 40 9.37 22.92 -31.71
CA PRO E 40 9.81 23.08 -30.32
C PRO E 40 11.29 22.75 -30.12
N LEU E 41 11.92 23.44 -29.18
CA LEU E 41 13.30 23.18 -28.83
C LEU E 41 13.37 22.71 -27.39
N ILE E 42 13.71 21.44 -27.19
CA ILE E 42 13.79 20.89 -25.85
C ILE E 42 15.23 20.93 -25.35
N MET E 43 15.50 21.85 -24.43
CA MET E 43 16.86 22.05 -23.95
C MET E 43 16.91 22.21 -22.44
N GLY E 44 18.06 21.90 -21.85
CA GLY E 44 18.27 22.04 -20.42
C GLY E 44 18.41 23.49 -20.00
N ARG E 45 18.34 23.71 -18.69
CA ARG E 45 18.43 25.05 -18.13
C ARG E 45 19.76 25.69 -18.45
N LYS E 46 20.84 24.96 -18.17
CA LYS E 46 22.19 25.48 -18.36
C LYS E 46 22.62 25.40 -19.82
N ASN E 47 21.84 24.71 -20.64
CA ASN E 47 22.05 24.72 -22.07
C ASN E 47 21.36 25.96 -22.65
N TYR E 48 20.15 26.21 -22.16
CA TYR E 48 19.42 27.41 -22.53
C TYR E 48 20.20 28.66 -22.14
N GLU E 49 20.81 28.63 -20.96
CA GLU E 49 21.62 29.75 -20.50
C GLU E 49 22.93 29.83 -21.29
N ALA E 50 23.32 28.70 -21.87
CA ALA E 50 24.41 28.64 -22.83
C ALA E 50 23.98 29.35 -24.12
N ILE E 51 22.81 28.99 -24.64
CA ILE E 51 22.23 29.70 -25.77
C ILE E 51 22.17 31.19 -25.45
N GLY E 52 21.64 31.51 -24.28
CA GLY E 52 21.58 32.88 -23.81
C GLY E 52 20.20 33.51 -23.87
N ARG E 53 19.50 33.27 -24.97
CA ARG E 53 18.18 33.88 -25.21
C ARG E 53 17.22 32.88 -25.85
N PRO E 54 15.92 33.25 -25.92
CA PRO E 54 14.92 32.41 -26.58
C PRO E 54 15.05 32.47 -28.09
N LEU E 55 15.37 31.34 -28.73
CA LEU E 55 15.46 31.28 -30.18
C LEU E 55 14.08 31.45 -30.79
N PRO E 56 13.89 32.55 -31.55
CA PRO E 56 12.61 33.07 -32.06
C PRO E 56 11.97 32.23 -33.18
N GLY E 57 10.67 31.95 -33.02
CA GLY E 57 9.91 31.26 -34.04
C GLY E 57 9.52 29.85 -33.63
N ARG E 58 10.02 29.40 -32.48
CA ARG E 58 9.80 28.03 -32.04
C ARG E 58 9.42 28.00 -30.56
N ARG E 59 8.77 26.93 -30.14
CA ARG E 59 8.42 26.75 -28.74
C ARG E 59 9.65 26.37 -27.94
N ASN E 60 10.23 27.35 -27.24
CA ASN E 60 11.34 27.07 -26.36
C ASN E 60 10.86 26.29 -25.15
N ILE E 61 11.25 25.02 -25.09
CA ILE E 61 10.87 24.16 -23.97
C ILE E 61 12.12 23.75 -23.20
N ILE E 62 12.14 24.11 -21.91
CA ILE E 62 13.30 23.86 -21.07
C ILE E 62 13.02 22.74 -20.06
N VAL E 63 14.06 22.04 -19.64
CA VAL E 63 13.90 20.90 -18.74
C VAL E 63 14.68 21.12 -17.44
N THR E 64 13.97 21.15 -16.31
CA THR E 64 14.60 21.33 -15.00
C THR E 64 13.84 20.58 -13.91
N ARG E 65 14.57 20.06 -12.93
CA ARG E 65 13.96 19.35 -11.80
C ARG E 65 12.65 19.99 -11.36
N ASN E 66 11.62 19.16 -11.18
CA ASN E 66 10.26 19.64 -10.90
C ASN E 66 10.19 20.71 -9.80
N GLU E 67 10.53 21.93 -10.17
CA GLU E 67 10.67 23.01 -9.19
C GLU E 67 9.86 24.23 -9.60
N GLY E 68 10.46 25.41 -9.50
CA GLY E 68 9.77 26.64 -9.83
C GLY E 68 10.59 27.55 -10.72
N TYR E 69 11.20 26.95 -11.73
CA TYR E 69 12.05 27.70 -12.66
C TYR E 69 11.23 28.26 -13.80
N HIS E 70 11.11 29.58 -13.85
CA HIS E 70 10.34 30.25 -14.88
C HIS E 70 11.18 31.30 -15.62
N VAL E 71 11.21 31.19 -16.94
CA VAL E 71 11.94 32.11 -17.79
C VAL E 71 11.01 32.61 -18.89
N GLU E 72 11.19 33.86 -19.30
CA GLU E 72 10.26 34.51 -20.22
C GLU E 72 10.40 33.98 -21.65
N GLY E 73 9.28 33.93 -22.37
CA GLY E 73 9.26 33.51 -23.76
C GLY E 73 9.48 32.02 -23.94
N CYS E 74 9.72 31.32 -22.83
CA CYS E 74 10.03 29.90 -22.87
C CYS E 74 9.08 29.07 -22.00
N GLU E 75 8.85 27.83 -22.43
CA GLU E 75 8.02 26.88 -21.68
C GLU E 75 8.90 26.01 -20.78
N VAL E 76 8.39 25.68 -19.60
CA VAL E 76 9.21 24.98 -18.60
C VAL E 76 8.66 23.59 -18.24
N ALA E 77 9.37 22.55 -18.67
CA ALA E 77 9.01 21.17 -18.36
C ALA E 77 9.98 20.60 -17.32
N HIS E 78 9.49 19.62 -16.54
CA HIS E 78 10.31 19.01 -15.49
C HIS E 78 10.39 17.50 -15.63
N SER E 79 9.77 16.98 -16.69
CA SER E 79 9.77 15.54 -16.96
C SER E 79 9.78 15.30 -18.46
N VAL E 80 9.98 14.05 -18.85
CA VAL E 80 9.88 13.65 -20.25
C VAL E 80 8.41 13.55 -20.61
N GLU E 81 7.62 13.01 -19.69
CA GLU E 81 6.18 12.91 -19.88
C GLU E 81 5.55 14.30 -19.73
N GLU E 82 6.38 15.27 -19.38
CA GLU E 82 5.93 16.66 -19.37
C GLU E 82 6.08 17.24 -20.78
N VAL E 83 7.23 17.01 -21.40
CA VAL E 83 7.49 17.48 -22.75
C VAL E 83 6.63 16.75 -23.78
N PHE E 84 6.37 15.47 -23.55
CA PHE E 84 5.52 14.71 -24.46
C PHE E 84 4.07 15.14 -24.28
N GLU E 85 3.74 15.61 -23.09
CA GLU E 85 2.42 16.17 -22.84
C GLU E 85 2.30 17.53 -23.51
N LEU E 86 3.38 18.31 -23.45
CA LEU E 86 3.40 19.63 -24.06
C LEU E 86 3.44 19.57 -25.58
N CYS E 87 4.33 18.72 -26.10
CA CYS E 87 4.50 18.51 -27.54
C CYS E 87 3.58 17.40 -28.04
N LYS E 88 2.47 17.22 -27.31
CA LYS E 88 1.49 16.18 -27.58
C LYS E 88 0.83 16.37 -28.94
N ASN E 89 0.93 17.59 -29.48
CA ASN E 89 0.28 17.92 -30.74
C ASN E 89 1.28 18.30 -31.84
N GLU E 90 2.57 18.07 -31.58
CA GLU E 90 3.63 18.46 -32.52
C GLU E 90 3.97 17.35 -33.50
N GLU E 91 4.55 17.76 -34.64
CA GLU E 91 4.94 16.83 -35.70
C GLU E 91 6.39 16.40 -35.55
N GLU E 92 7.19 17.26 -34.93
CA GLU E 92 8.63 17.07 -34.81
C GLU E 92 9.31 18.06 -33.84
N ILE E 93 9.76 17.54 -32.71
CA ILE E 93 10.51 18.35 -31.77
C ILE E 93 11.98 17.98 -31.86
N PHE E 94 12.83 18.92 -31.49
CA PHE E 94 14.26 18.70 -31.53
C PHE E 94 14.84 18.83 -30.13
N ILE E 95 15.41 17.73 -29.65
CA ILE E 95 16.19 17.76 -28.42
C ILE E 95 17.45 18.52 -28.79
N PHE E 96 17.76 19.55 -28.01
CA PHE E 96 18.77 20.51 -28.42
C PHE E 96 20.09 20.38 -27.68
N GLY E 97 20.04 20.44 -26.36
CA GLY E 97 21.27 20.47 -25.58
C GLY E 97 21.14 19.84 -24.22
N GLY E 98 22.29 19.59 -23.59
CA GLY E 98 22.35 18.86 -22.34
C GLY E 98 22.54 17.38 -22.61
N ALA E 99 23.70 16.87 -22.23
CA ALA E 99 24.03 15.46 -22.46
C ALA E 99 23.07 14.54 -21.73
N GLN E 100 22.64 14.96 -20.54
CA GLN E 100 21.69 14.19 -19.75
C GLN E 100 20.31 14.35 -20.37
N ILE E 101 20.10 15.48 -21.04
CA ILE E 101 18.87 15.74 -21.77
C ILE E 101 18.76 14.78 -22.96
N TYR E 102 19.91 14.48 -23.58
CA TYR E 102 19.96 13.50 -24.65
C TYR E 102 19.69 12.11 -24.11
N ASP E 103 20.20 11.83 -22.92
CA ASP E 103 19.96 10.56 -22.24
C ASP E 103 18.50 10.42 -21.86
N LEU E 104 17.87 11.55 -21.50
CA LEU E 104 16.46 11.54 -21.11
C LEU E 104 15.56 11.15 -22.27
N PHE E 105 15.90 11.64 -23.45
CA PHE E 105 15.10 11.40 -24.66
C PHE E 105 15.75 10.39 -25.58
N LEU E 106 16.75 9.68 -25.06
CA LEU E 106 17.44 8.64 -25.82
C LEU E 106 16.50 7.48 -26.17
N PRO E 107 15.67 7.05 -25.21
CA PRO E 107 14.74 5.93 -25.40
C PRO E 107 13.66 6.14 -26.47
N TYR E 108 13.47 7.36 -26.93
CA TYR E 108 12.34 7.68 -27.81
C TYR E 108 12.77 8.32 -29.14
N VAL E 109 14.08 8.42 -29.35
CA VAL E 109 14.62 9.12 -30.51
C VAL E 109 14.38 8.35 -31.82
N ASP E 110 13.96 9.10 -32.83
CA ASP E 110 13.61 8.53 -34.13
C ASP E 110 14.56 9.06 -35.21
N LYS E 111 14.88 10.35 -35.14
CA LYS E 111 15.80 10.94 -36.10
C LYS E 111 16.95 11.68 -35.41
N LEU E 112 18.08 11.79 -36.10
CA LEU E 112 19.28 12.46 -35.59
C LEU E 112 19.78 13.46 -36.61
N TYR E 113 19.95 14.71 -36.17
CA TYR E 113 20.60 15.72 -37.00
C TYR E 113 21.94 16.06 -36.38
N ILE E 114 22.97 15.34 -36.81
CA ILE E 114 24.30 15.51 -36.24
C ILE E 114 25.20 16.31 -37.15
N THR E 115 25.78 17.37 -36.59
CA THR E 115 26.81 18.13 -37.28
C THR E 115 28.16 17.68 -36.70
N LYS E 116 29.08 17.31 -37.58
CA LYS E 116 30.38 16.83 -37.13
C LYS E 116 31.51 17.71 -37.66
N ILE E 117 32.17 18.42 -36.75
CA ILE E 117 33.31 19.26 -37.11
C ILE E 117 34.59 18.45 -37.05
N HIS E 118 35.41 18.55 -38.10
CA HIS E 118 36.61 17.73 -38.20
C HIS E 118 37.82 18.37 -37.52
N HIS E 119 37.67 18.66 -36.23
CA HIS E 119 38.75 19.22 -35.43
C HIS E 119 38.51 18.80 -33.99
N ALA E 120 39.55 18.88 -33.16
CA ALA E 120 39.45 18.47 -31.76
C ALA E 120 39.63 19.64 -30.80
N PHE E 121 38.54 20.04 -30.14
CA PHE E 121 38.59 21.17 -29.22
C PHE E 121 38.64 20.71 -27.77
N GLU E 122 39.27 21.51 -26.92
CA GLU E 122 39.34 21.20 -25.49
C GLU E 122 38.02 21.47 -24.77
N GLY E 123 37.12 20.48 -24.81
CA GLY E 123 35.84 20.60 -24.17
C GLY E 123 35.69 19.68 -22.97
N ASP E 124 34.49 19.65 -22.41
CA ASP E 124 34.23 18.83 -21.22
C ASP E 124 32.88 18.12 -21.27
N THR E 125 31.90 18.74 -21.92
CA THR E 125 30.58 18.13 -22.08
C THR E 125 30.56 17.35 -23.38
N PHE E 126 30.15 16.08 -23.31
CA PHE E 126 30.22 15.18 -24.46
C PHE E 126 28.86 14.58 -24.83
N PHE E 127 28.70 14.33 -26.12
CA PHE E 127 27.48 13.72 -26.64
C PHE E 127 27.53 12.21 -26.42
N PRO E 128 26.47 11.65 -25.82
CA PRO E 128 26.37 10.22 -25.60
C PRO E 128 26.74 9.44 -26.86
N GLU E 129 27.08 8.16 -26.71
CA GLU E 129 27.37 7.31 -27.86
C GLU E 129 26.19 6.40 -28.17
N MET E 130 26.17 5.84 -29.39
CA MET E 130 25.01 5.06 -29.83
C MET E 130 25.37 3.85 -30.72
N ASP E 131 24.38 3.35 -31.45
CA ASP E 131 24.49 2.07 -32.15
C ASP E 131 24.99 2.16 -33.60
N MET E 132 25.28 1.00 -34.18
CA MET E 132 25.74 0.93 -35.56
C MET E 132 24.70 0.26 -36.46
N TRP E 135 22.27 3.06 -37.20
CA TRP E 135 21.27 3.96 -37.78
C TRP E 135 21.42 4.02 -39.30
N LYS E 136 20.58 4.84 -39.94
CA LYS E 136 20.59 4.92 -41.39
C LYS E 136 20.67 6.37 -41.90
N GLU E 137 21.87 6.75 -42.31
CA GLU E 137 22.13 8.06 -42.88
C GLU E 137 21.28 8.27 -44.13
N VAL E 138 20.44 9.28 -44.10
CA VAL E 138 19.54 9.56 -45.21
C VAL E 138 19.94 10.84 -45.95
N PHE E 139 20.64 11.74 -45.26
CA PHE E 139 21.11 12.99 -45.85
C PHE E 139 22.46 13.41 -45.31
N VAL E 140 23.31 13.98 -46.16
CA VAL E 140 24.64 14.42 -45.77
C VAL E 140 25.16 15.55 -46.65
N GLU E 141 25.61 16.63 -46.02
CA GLU E 141 26.07 17.79 -46.76
C GLU E 141 27.34 18.39 -46.15
N LYS E 142 28.14 19.06 -46.97
CA LYS E 142 29.36 19.70 -46.49
C LYS E 142 29.08 21.13 -46.02
N GLY E 143 29.55 21.45 -44.82
CA GLY E 143 29.31 22.75 -44.23
C GLY E 143 30.21 23.83 -44.78
N LEU E 144 29.61 25.00 -45.01
CA LEU E 144 30.32 26.16 -45.53
C LEU E 144 31.49 26.58 -44.63
N THR E 145 32.70 26.46 -45.17
CA THR E 145 33.92 26.81 -44.43
C THR E 145 34.55 28.06 -45.03
N ASP E 146 34.39 29.18 -44.33
CA ASP E 146 34.91 30.47 -44.76
C ASP E 146 35.85 31.02 -43.70
N GLU E 147 36.17 32.31 -43.81
CA GLU E 147 36.96 33.00 -42.81
C GLU E 147 36.18 33.10 -41.50
N LYS E 148 34.86 33.07 -41.61
CA LYS E 148 33.97 33.17 -40.46
C LYS E 148 33.59 31.79 -39.96
N ASN E 149 34.01 30.78 -40.71
CA ASN E 149 33.82 29.38 -40.32
C ASN E 149 35.12 28.63 -40.56
N PRO E 150 36.13 28.88 -39.70
CA PRO E 150 37.52 28.43 -39.83
C PRO E 150 37.72 26.92 -39.65
N TYR E 151 36.71 26.12 -40.00
CA TYR E 151 36.81 24.69 -39.81
C TYR E 151 36.08 23.91 -40.89
N THR E 152 36.52 22.69 -41.13
CA THR E 152 35.85 21.79 -42.06
C THR E 152 34.87 20.90 -41.32
N TYR E 153 33.63 20.81 -41.81
CA TYR E 153 32.58 20.07 -41.12
C TYR E 153 31.42 19.69 -42.05
N TYR E 154 30.60 18.75 -41.60
CA TYR E 154 29.52 18.20 -42.40
C TYR E 154 28.20 18.08 -41.62
N TYR E 155 27.09 18.30 -42.32
CA TYR E 155 25.78 18.00 -41.77
C TYR E 155 25.40 16.54 -42.07
N HIS E 156 24.88 15.84 -41.07
CA HIS E 156 24.42 14.48 -41.25
C HIS E 156 23.01 14.33 -40.70
N VAL E 157 22.20 13.52 -41.38
CA VAL E 157 20.88 13.16 -40.91
C VAL E 157 20.75 11.65 -40.89
N TYR E 158 20.30 11.12 -39.75
CA TYR E 158 20.06 9.69 -39.60
C TYR E 158 18.62 9.44 -39.19
N GLU E 159 18.06 8.37 -39.72
CA GLU E 159 16.76 7.92 -39.27
C GLU E 159 16.90 6.48 -38.81
N LYS E 160 16.29 6.17 -37.67
CA LYS E 160 16.34 4.82 -37.11
C LYS E 160 16.10 3.79 -38.21
N GLN E 161 17.00 2.81 -38.31
CA GLN E 161 16.98 1.87 -39.43
C GLN E 161 16.06 0.70 -39.14
N GLN E 162 15.42 0.19 -40.20
CA GLN E 162 14.52 -0.95 -40.07
C GLN E 162 15.27 -2.25 -39.85
N LEU E 163 14.86 -2.98 -38.83
CA LEU E 163 15.44 -4.27 -38.52
C LEU E 163 14.70 -5.31 -39.36
N VAL E 164 15.44 -6.03 -40.19
CA VAL E 164 14.86 -7.10 -41.00
C VAL E 164 14.62 -8.31 -40.11
N PRO E 165 13.43 -8.93 -40.23
CA PRO E 165 13.13 -10.11 -39.43
C PRO E 165 14.08 -11.27 -39.69
N ARG E 166 14.31 -12.09 -38.66
CA ARG E 166 15.26 -13.20 -38.76
C ARG E 166 14.73 -14.35 -39.61
N MET F 1 2.07 32.54 -3.18
CA MET F 1 1.76 31.33 -2.44
C MET F 1 0.61 31.54 -1.48
N ILE F 2 -0.44 30.73 -1.62
CA ILE F 2 -1.61 30.86 -0.78
C ILE F 2 -1.46 30.04 0.49
N VAL F 3 -1.31 30.73 1.61
CA VAL F 3 -1.28 30.08 2.91
C VAL F 3 -2.73 29.90 3.35
N SER F 4 -3.17 28.65 3.41
CA SER F 4 -4.56 28.34 3.75
C SER F 4 -4.68 27.60 5.07
N PHE F 5 -5.55 28.08 5.94
CA PHE F 5 -5.94 27.35 7.14
C PHE F 5 -7.05 26.40 6.74
N MET F 6 -6.89 25.12 7.02
CA MET F 6 -7.98 24.16 6.83
C MET F 6 -8.44 23.62 8.19
N VAL F 7 -9.70 23.84 8.52
CA VAL F 7 -10.18 23.53 9.86
C VAL F 7 -11.65 23.10 9.93
N ALA F 8 -11.94 22.13 10.78
CA ALA F 8 -13.30 21.80 11.16
C ALA F 8 -13.53 22.37 12.55
N MET F 9 -14.68 22.99 12.76
CA MET F 9 -14.88 23.74 13.99
C MET F 9 -16.20 23.43 14.67
N ASP F 10 -16.34 24.00 15.85
CA ASP F 10 -17.50 23.78 16.70
C ASP F 10 -18.23 25.11 16.88
N GLU F 11 -19.41 25.03 17.52
CA GLU F 11 -20.12 26.24 17.87
C GLU F 11 -19.27 27.03 18.84
N ASN F 12 -18.46 26.32 19.62
CA ASN F 12 -17.61 26.93 20.62
C ASN F 12 -16.17 26.98 20.16
N ARG F 13 -15.94 26.59 18.90
CA ARG F 13 -14.62 26.55 18.28
C ARG F 13 -13.76 25.37 18.70
N VAL F 14 -14.41 24.28 19.11
CA VAL F 14 -13.71 23.05 19.43
C VAL F 14 -13.19 22.42 18.14
N ILE F 15 -11.89 22.16 18.08
CA ILE F 15 -11.29 21.55 16.89
C ILE F 15 -10.67 20.19 17.18
N GLY F 16 -11.12 19.56 18.26
CA GLY F 16 -10.64 18.24 18.61
C GLY F 16 -10.71 17.99 20.10
N LYS F 17 -10.30 16.81 20.52
CA LYS F 17 -10.26 16.47 21.93
C LYS F 17 -8.89 15.93 22.29
N ASP F 18 -8.83 14.96 23.19
CA ASP F 18 -7.57 14.45 23.72
C ASP F 18 -6.48 14.39 22.66
N ASN F 19 -6.78 13.71 21.56
CA ASN F 19 -5.95 13.72 20.37
C ASN F 19 -6.70 13.18 19.15
N ASN F 20 -7.98 13.55 19.03
CA ASN F 20 -8.80 13.20 17.89
C ASN F 20 -10.08 14.03 17.76
N LEU F 21 -10.77 13.89 16.64
CA LEU F 21 -11.98 14.67 16.33
C LEU F 21 -13.21 14.28 17.15
N PRO F 22 -13.95 15.31 17.62
CA PRO F 22 -15.16 15.16 18.44
C PRO F 22 -16.38 14.67 17.64
N TRP F 23 -16.33 14.85 16.33
CA TRP F 23 -17.44 14.44 15.47
C TRP F 23 -16.97 13.42 14.44
N ARG F 24 -17.92 12.63 13.94
CA ARG F 24 -17.63 11.72 12.82
C ARG F 24 -18.37 12.23 11.58
N LEU F 25 -17.65 12.96 10.74
CA LEU F 25 -18.22 13.50 9.52
C LEU F 25 -17.38 13.12 8.31
N PRO F 26 -17.58 11.89 7.81
CA PRO F 26 -16.84 11.36 6.65
C PRO F 26 -17.03 12.22 5.40
N SER F 27 -18.26 12.66 5.16
CA SER F 27 -18.56 13.50 4.00
C SER F 27 -17.76 14.78 4.07
N GLU F 28 -17.48 15.22 5.29
CA GLU F 28 -16.71 16.42 5.50
C GLU F 28 -15.23 16.13 5.19
N LEU F 29 -14.72 15.05 5.74
CA LEU F 29 -13.33 14.62 5.49
C LEU F 29 -13.07 14.36 4.02
N GLN F 30 -14.11 14.09 3.26
CA GLN F 30 -13.98 13.87 1.81
C GLN F 30 -13.82 15.19 1.08
N TYR F 31 -14.59 16.20 1.47
CA TYR F 31 -14.49 17.53 0.88
C TYR F 31 -13.15 18.15 1.26
N VAL F 32 -12.72 17.89 2.48
CA VAL F 32 -11.39 18.24 2.92
C VAL F 32 -10.38 17.66 1.95
N LYS F 33 -10.42 16.34 1.78
CA LYS F 33 -9.56 15.64 0.82
C LYS F 33 -9.67 16.20 -0.59
N LYS F 34 -10.89 16.28 -1.11
CA LYS F 34 -11.12 16.82 -2.44
C LYS F 34 -10.51 18.21 -2.61
N THR F 35 -10.38 18.93 -1.52
CA THR F 35 -9.94 20.32 -1.55
C THR F 35 -8.44 20.48 -1.32
N THR F 36 -7.88 19.68 -0.42
CA THR F 36 -6.45 19.76 -0.12
C THR F 36 -5.59 18.87 -1.02
N MET F 37 -6.20 18.30 -2.05
CA MET F 37 -5.52 17.36 -2.94
C MET F 37 -4.48 18.03 -3.85
N GLY F 38 -3.27 17.46 -3.88
CA GLY F 38 -2.19 17.95 -4.70
C GLY F 38 -1.43 19.13 -4.10
N HIS F 39 -1.68 19.39 -2.81
CA HIS F 39 -1.02 20.47 -2.08
C HIS F 39 -0.34 19.93 -0.83
N PRO F 40 0.57 20.71 -0.23
CA PRO F 40 1.19 20.31 1.04
C PRO F 40 0.30 20.57 2.26
N LEU F 41 0.20 19.57 3.12
CA LEU F 41 -0.49 19.70 4.39
C LEU F 41 0.51 20.10 5.46
N ILE F 42 0.24 21.24 6.11
CA ILE F 42 1.16 21.75 7.11
C ILE F 42 0.58 21.50 8.51
N MET F 43 1.15 20.53 9.21
CA MET F 43 0.60 20.13 10.51
C MET F 43 1.68 19.58 11.43
N GLY F 44 1.64 20.01 12.69
CA GLY F 44 2.63 19.64 13.68
C GLY F 44 2.74 18.15 13.94
N ARG F 45 3.77 17.77 14.70
CA ARG F 45 3.99 16.37 15.07
C ARG F 45 2.76 15.77 15.73
N LYS F 46 2.15 16.55 16.63
CA LYS F 46 1.03 16.09 17.44
C LYS F 46 -0.20 15.89 16.56
N ASN F 47 -0.62 16.97 15.92
CA ASN F 47 -1.73 16.95 14.99
C ASN F 47 -1.62 15.77 14.02
N TYR F 48 -0.41 15.47 13.56
CA TYR F 48 -0.19 14.40 12.60
C TYR F 48 -0.50 13.03 13.18
N GLU F 49 -0.18 12.84 14.47
CA GLU F 49 -0.47 11.58 15.14
C GLU F 49 -1.98 11.37 15.23
N ALA F 50 -2.69 12.43 15.61
CA ALA F 50 -4.15 12.40 15.62
C ALA F 50 -4.63 11.71 14.35
N ILE F 51 -4.41 12.36 13.21
CA ILE F 51 -4.66 11.76 11.91
C ILE F 51 -4.13 10.33 11.89
N GLY F 52 -2.86 10.18 12.26
CA GLY F 52 -2.23 8.88 12.36
C GLY F 52 -1.64 8.40 11.05
N ARG F 53 -2.35 8.68 9.96
CA ARG F 53 -1.97 8.21 8.65
C ARG F 53 -1.56 9.34 7.72
N PRO F 54 -0.54 9.11 6.88
CA PRO F 54 -0.12 10.10 5.89
C PRO F 54 -1.16 10.26 4.79
N LEU F 55 -2.02 11.27 4.94
CA LEU F 55 -2.99 11.61 3.90
C LEU F 55 -2.30 11.76 2.54
N PRO F 56 -2.54 10.78 1.65
CA PRO F 56 -1.82 10.60 0.38
C PRO F 56 -2.19 11.63 -0.69
N GLY F 57 -1.40 11.64 -1.76
CA GLY F 57 -1.61 12.58 -2.86
C GLY F 57 -1.11 13.97 -2.51
N ARG F 58 -0.38 14.05 -1.40
CA ARG F 58 0.04 15.34 -0.85
C ARG F 58 1.34 15.23 -0.05
N ARG F 59 2.16 16.27 -0.15
CA ARG F 59 3.40 16.37 0.63
C ARG F 59 3.09 16.55 2.10
N ASN F 60 3.08 15.46 2.86
CA ASN F 60 2.77 15.52 4.28
C ASN F 60 3.89 16.18 5.09
N ILE F 61 3.81 17.49 5.25
CA ILE F 61 4.80 18.27 6.00
C ILE F 61 4.44 18.39 7.47
N ILE F 62 5.45 18.35 8.33
CA ILE F 62 5.27 18.38 9.77
C ILE F 62 6.19 19.38 10.44
N VAL F 63 5.65 20.16 11.37
CA VAL F 63 6.41 21.23 12.01
C VAL F 63 6.73 20.86 13.46
N THR F 64 8.01 20.63 13.75
CA THR F 64 8.43 20.17 15.06
C THR F 64 9.75 20.82 15.48
N ARG F 65 9.81 21.25 16.74
CA ARG F 65 11.07 21.74 17.31
C ARG F 65 12.11 20.63 17.20
N ASN F 66 11.78 19.49 17.79
CA ASN F 66 12.68 18.34 17.82
C ASN F 66 13.45 18.16 16.52
N GLU F 67 14.76 18.44 16.59
CA GLU F 67 15.65 18.31 15.45
C GLU F 67 15.92 16.84 15.11
N GLY F 68 15.20 15.95 15.78
CA GLY F 68 15.39 14.53 15.59
C GLY F 68 14.13 13.78 15.21
N TYR F 69 13.10 14.52 14.80
CA TYR F 69 11.83 13.88 14.44
C TYR F 69 11.84 13.37 13.00
N HIS F 70 11.30 12.18 12.81
CA HIS F 70 11.22 11.55 11.49
C HIS F 70 9.97 10.66 11.41
N VAL F 71 9.41 10.54 10.22
CA VAL F 71 8.25 9.69 10.01
C VAL F 71 8.04 9.39 8.53
N GLU F 72 7.69 8.14 8.23
CA GLU F 72 7.62 7.64 6.87
C GLU F 72 6.78 8.50 5.94
N GLY F 73 7.34 8.80 4.76
CA GLY F 73 6.62 9.50 3.71
C GLY F 73 6.20 10.92 4.06
N CYS F 74 6.77 11.46 5.13
CA CYS F 74 6.48 12.82 5.56
C CYS F 74 7.75 13.66 5.59
N GLU F 75 7.62 14.95 5.29
CA GLU F 75 8.74 15.88 5.36
C GLU F 75 8.67 16.68 6.66
N VAL F 76 9.82 16.87 7.29
CA VAL F 76 9.85 17.63 8.54
C VAL F 76 10.34 19.06 8.33
N ALA F 77 9.66 19.99 8.97
CA ALA F 77 10.10 21.37 9.06
C ALA F 77 10.19 21.75 10.52
N HIS F 78 11.16 22.58 10.88
CA HIS F 78 11.34 22.98 12.27
C HIS F 78 11.10 24.48 12.46
N SER F 79 10.90 25.19 11.35
CA SER F 79 10.66 26.64 11.38
C SER F 79 9.56 27.03 10.40
N VAL F 80 8.90 28.16 10.65
CA VAL F 80 7.96 28.74 9.69
C VAL F 80 8.71 29.07 8.41
N GLU F 81 9.87 29.68 8.59
CA GLU F 81 10.78 29.96 7.50
C GLU F 81 11.00 28.74 6.60
N GLU F 82 11.13 27.57 7.22
CA GLU F 82 11.46 26.34 6.49
C GLU F 82 10.30 25.83 5.64
N VAL F 83 9.10 25.83 6.22
CA VAL F 83 7.91 25.45 5.46
C VAL F 83 7.82 26.29 4.20
N PHE F 84 8.03 27.59 4.36
CA PHE F 84 8.02 28.50 3.22
C PHE F 84 9.15 28.17 2.26
N GLU F 85 10.23 27.60 2.80
CA GLU F 85 11.34 27.15 1.98
C GLU F 85 10.92 25.94 1.13
N LEU F 86 10.55 24.87 1.82
CA LEU F 86 10.05 23.67 1.15
C LEU F 86 8.95 24.03 0.17
N CYS F 87 7.92 24.70 0.68
CA CYS F 87 6.76 25.07 -0.13
C CYS F 87 7.00 26.37 -0.89
N LYS F 88 8.27 26.70 -1.07
CA LYS F 88 8.68 27.88 -1.82
C LYS F 88 8.20 27.87 -3.26
N ASN F 89 8.01 26.67 -3.81
CA ASN F 89 7.47 26.54 -5.17
C ASN F 89 6.00 26.16 -5.15
N GLU F 90 5.49 25.84 -3.96
CA GLU F 90 4.10 25.44 -3.79
C GLU F 90 3.11 26.55 -4.13
N GLU F 91 2.02 26.15 -4.78
CA GLU F 91 1.00 27.08 -5.24
C GLU F 91 0.15 27.50 -4.07
N GLU F 92 -0.30 26.50 -3.31
CA GLU F 92 -1.11 26.72 -2.13
C GLU F 92 -0.76 25.68 -1.07
N ILE F 93 -0.72 26.11 0.18
CA ILE F 93 -0.46 25.19 1.29
C ILE F 93 -1.57 25.31 2.33
N PHE F 94 -1.75 24.24 3.11
CA PHE F 94 -2.89 24.15 4.01
C PHE F 94 -2.50 23.89 5.46
N ILE F 95 -2.44 24.94 6.28
CA ILE F 95 -2.25 24.79 7.72
C ILE F 95 -3.39 23.94 8.23
N PHE F 96 -3.05 22.80 8.81
CA PHE F 96 -4.02 21.72 8.98
C PHE F 96 -4.29 21.30 10.41
N GLY F 97 -3.47 21.78 11.34
CA GLY F 97 -3.63 21.36 12.72
C GLY F 97 -2.68 21.96 13.72
N GLY F 98 -3.10 21.94 14.98
CA GLY F 98 -2.36 22.58 16.05
C GLY F 98 -2.72 24.05 16.11
N ALA F 99 -3.47 24.43 17.14
CA ALA F 99 -3.79 25.84 17.34
C ALA F 99 -2.52 26.63 17.57
N GLN F 100 -1.42 25.92 17.78
CA GLN F 100 -0.12 26.52 18.03
C GLN F 100 0.60 26.75 16.70
N ILE F 101 0.16 26.01 15.68
CA ILE F 101 0.69 26.13 14.32
C ILE F 101 -0.16 27.12 13.53
N TYR F 102 -1.47 27.07 13.76
CA TYR F 102 -2.37 28.07 13.22
C TYR F 102 -1.88 29.43 13.69
N ASP F 103 -1.37 29.48 14.92
CA ASP F 103 -0.89 30.72 15.52
C ASP F 103 0.49 31.13 14.97
N LEU F 104 1.24 30.16 14.44
CA LEU F 104 2.54 30.44 13.85
C LEU F 104 2.34 30.99 12.45
N PHE F 105 1.41 30.39 11.72
CA PHE F 105 1.17 30.77 10.34
C PHE F 105 0.16 31.92 10.25
N LEU F 106 -0.39 32.29 11.41
CA LEU F 106 -1.37 33.36 11.49
C LEU F 106 -0.98 34.63 10.71
N PRO F 107 0.29 35.05 10.81
CA PRO F 107 0.70 36.28 10.12
C PRO F 107 0.64 36.15 8.60
N TYR F 108 0.74 34.91 8.12
CA TYR F 108 0.94 34.67 6.71
C TYR F 108 -0.27 34.02 6.03
N VAL F 109 -1.32 33.74 6.79
CA VAL F 109 -2.50 33.12 6.21
C VAL F 109 -3.19 34.06 5.21
N ASP F 110 -3.73 33.46 4.14
CA ASP F 110 -4.33 34.20 3.03
C ASP F 110 -5.75 33.74 2.79
N LYS F 111 -6.05 32.54 3.27
CA LYS F 111 -7.35 31.93 3.03
C LYS F 111 -7.75 31.08 4.22
N LEU F 112 -9.05 30.93 4.43
CA LEU F 112 -9.59 30.19 5.56
C LEU F 112 -10.60 29.19 5.07
N TYR F 113 -10.32 27.91 5.29
CA TYR F 113 -11.28 26.86 4.99
C TYR F 113 -11.87 26.37 6.30
N ILE F 114 -12.92 27.06 6.72
CA ILE F 114 -13.54 26.84 8.03
C ILE F 114 -14.89 26.13 7.95
N THR F 115 -14.95 24.91 8.47
CA THR F 115 -16.22 24.21 8.65
C THR F 115 -16.70 24.36 10.08
N LYS F 116 -17.91 24.89 10.26
CA LYS F 116 -18.50 25.07 11.59
C LYS F 116 -19.64 24.10 11.83
N ILE F 117 -19.45 23.15 12.74
CA ILE F 117 -20.49 22.19 13.09
C ILE F 117 -21.50 22.85 14.03
N HIS F 118 -22.78 22.81 13.69
CA HIS F 118 -23.79 23.49 14.49
C HIS F 118 -24.17 22.72 15.75
N HIS F 119 -23.16 22.46 16.59
CA HIS F 119 -23.32 21.70 17.81
C HIS F 119 -22.22 22.08 18.80
N ALA F 120 -22.40 21.71 20.07
CA ALA F 120 -21.41 21.99 21.08
C ALA F 120 -20.83 20.71 21.70
N PHE F 121 -19.69 20.26 21.19
CA PHE F 121 -19.04 19.06 21.71
C PHE F 121 -18.03 19.44 22.79
N GLU F 122 -17.83 18.54 23.74
CA GLU F 122 -16.78 18.70 24.72
C GLU F 122 -15.43 18.50 24.03
N GLY F 123 -14.60 19.54 24.07
CA GLY F 123 -13.29 19.48 23.46
C GLY F 123 -12.23 20.13 24.33
N ASP F 124 -10.96 19.93 23.98
CA ASP F 124 -9.84 20.48 24.75
C ASP F 124 -8.87 21.30 23.91
N THR F 125 -8.73 20.96 22.62
CA THR F 125 -8.04 21.84 21.69
C THR F 125 -9.08 22.75 21.02
N PHE F 126 -8.75 24.03 20.90
CA PHE F 126 -9.69 25.01 20.34
C PHE F 126 -9.07 25.81 19.21
N PHE F 127 -9.92 26.44 18.40
CA PHE F 127 -9.46 27.23 17.26
C PHE F 127 -9.28 28.71 17.63
N PRO F 128 -8.05 29.21 17.49
CA PRO F 128 -7.75 30.60 17.84
C PRO F 128 -8.70 31.56 17.13
N GLU F 129 -9.33 32.44 17.89
CA GLU F 129 -10.26 33.41 17.30
C GLU F 129 -9.56 34.25 16.25
N MET F 130 -10.33 35.02 15.49
CA MET F 130 -9.78 35.88 14.45
C MET F 130 -10.62 37.13 14.27
N ASP F 131 -10.40 37.82 13.16
CA ASP F 131 -11.15 39.03 12.86
C ASP F 131 -11.51 39.05 11.38
N MET F 132 -12.71 38.59 11.07
CA MET F 132 -13.18 38.54 9.70
C MET F 132 -13.59 39.95 9.28
N THR F 133 -13.08 40.93 10.03
CA THR F 133 -13.37 42.32 9.75
C THR F 133 -12.75 42.75 8.43
N TRP F 135 -10.90 39.33 6.03
CA TRP F 135 -11.49 38.07 5.60
C TRP F 135 -12.96 38.24 5.25
N LYS F 136 -13.25 38.13 3.96
CA LYS F 136 -14.62 38.16 3.48
C LYS F 136 -15.01 36.79 2.98
N GLU F 137 -16.26 36.40 3.24
CA GLU F 137 -16.79 35.13 2.77
C GLU F 137 -16.97 35.11 1.26
N VAL F 138 -16.40 34.11 0.61
CA VAL F 138 -16.44 34.05 -0.85
C VAL F 138 -17.29 32.85 -1.33
N PHE F 139 -17.44 31.85 -0.46
CA PHE F 139 -18.24 30.68 -0.79
C PHE F 139 -18.75 29.93 0.44
N VAL F 140 -20.00 29.48 0.38
CA VAL F 140 -20.59 28.69 1.45
C VAL F 140 -21.38 27.49 0.93
N GLU F 141 -21.33 26.38 1.66
CA GLU F 141 -22.09 25.20 1.28
C GLU F 141 -22.48 24.39 2.50
N LYS F 142 -23.74 23.98 2.54
CA LYS F 142 -24.21 23.10 3.61
C LYS F 142 -23.69 21.66 3.44
N GLY F 143 -22.86 21.22 4.36
CA GLY F 143 -22.34 19.87 4.31
C GLY F 143 -23.46 18.85 4.27
N LEU F 144 -23.11 17.62 3.94
CA LEU F 144 -24.09 16.53 3.85
C LEU F 144 -24.41 15.98 5.23
N THR F 145 -25.66 16.09 5.65
CA THR F 145 -26.10 15.43 6.87
C THR F 145 -26.79 14.13 6.50
N ASP F 146 -26.19 13.03 6.96
CA ASP F 146 -26.64 11.69 6.69
C ASP F 146 -26.94 10.97 7.99
N GLU F 147 -26.84 9.65 7.94
CA GLU F 147 -26.81 8.82 9.13
C GLU F 147 -25.34 8.57 9.42
N LYS F 148 -24.51 8.86 8.43
CA LYS F 148 -23.06 8.82 8.57
C LYS F 148 -22.58 10.15 9.15
N ASN F 149 -23.36 11.19 8.90
CA ASN F 149 -23.07 12.53 9.40
C ASN F 149 -24.25 13.06 10.21
N PRO F 150 -24.43 12.52 11.41
CA PRO F 150 -25.56 12.84 12.32
C PRO F 150 -25.66 14.31 12.68
N TYR F 151 -24.70 15.12 12.23
CA TYR F 151 -24.66 16.54 12.60
C TYR F 151 -24.77 17.49 11.43
N THR F 152 -25.56 18.54 11.61
CA THR F 152 -25.65 19.62 10.63
C THR F 152 -24.39 20.50 10.66
N TYR F 153 -23.97 20.94 9.49
CA TYR F 153 -22.72 21.67 9.38
C TYR F 153 -22.65 22.38 8.03
N TYR F 154 -21.65 23.26 7.89
CA TYR F 154 -21.46 24.05 6.68
C TYR F 154 -19.97 24.20 6.39
N TYR F 155 -19.65 24.52 5.14
CA TYR F 155 -18.29 24.89 4.77
C TYR F 155 -18.25 26.39 4.52
N HIS F 156 -17.22 27.05 5.06
CA HIS F 156 -17.05 28.48 4.86
C HIS F 156 -15.65 28.76 4.30
N VAL F 157 -15.61 29.48 3.19
CA VAL F 157 -14.34 29.91 2.63
C VAL F 157 -14.25 31.44 2.63
N TYR F 158 -13.17 31.95 3.23
CA TYR F 158 -12.93 33.38 3.28
C TYR F 158 -11.57 33.70 2.67
N GLU F 159 -11.49 34.84 2.01
CA GLU F 159 -10.21 35.38 1.55
C GLU F 159 -10.01 36.74 2.19
N LYS F 160 -8.80 37.28 2.09
CA LYS F 160 -8.46 38.53 2.77
C LYS F 160 -9.04 39.72 2.02
N GLN F 161 -9.98 40.42 2.66
CA GLN F 161 -10.64 41.55 2.04
C GLN F 161 -10.01 42.86 2.51
N GLN F 162 -10.53 43.97 2.02
CA GLN F 162 -10.15 45.26 2.57
C GLN F 162 -8.63 45.39 2.55
N LEU F 163 -8.11 46.55 2.98
CA LEU F 163 -8.96 47.68 3.34
C LEU F 163 -9.07 48.65 2.17
N VAL F 164 -10.00 49.59 2.28
CA VAL F 164 -10.07 50.69 1.33
C VAL F 164 -9.27 51.88 1.86
N PRO F 165 -8.54 52.57 0.96
CA PRO F 165 -7.63 53.67 1.33
C PRO F 165 -8.37 54.93 1.76
N ARG F 166 -8.08 55.45 2.95
CA ARG F 166 -8.73 56.66 3.42
C ARG F 166 -8.30 57.86 2.59
N MET G 1 -22.25 -15.54 -18.24
CA MET G 1 -22.18 -14.14 -18.62
C MET G 1 -21.37 -13.32 -17.61
N ILE G 2 -20.33 -12.64 -18.11
CA ILE G 2 -19.49 -11.81 -17.28
C ILE G 2 -19.86 -10.34 -17.42
N VAL G 3 -20.29 -9.73 -16.32
CA VAL G 3 -20.55 -8.30 -16.27
C VAL G 3 -19.25 -7.62 -15.89
N SER G 4 -18.58 -7.01 -16.86
CA SER G 4 -17.24 -6.49 -16.64
C SER G 4 -17.20 -4.96 -16.63
N PHE G 5 -16.53 -4.41 -15.63
CA PHE G 5 -16.27 -2.97 -15.60
C PHE G 5 -15.03 -2.67 -16.43
N MET G 6 -15.17 -1.75 -17.38
CA MET G 6 -14.03 -1.24 -18.12
C MET G 6 -13.83 0.22 -17.77
N VAL G 7 -12.76 0.50 -17.03
CA VAL G 7 -12.54 1.86 -16.56
C VAL G 7 -11.11 2.35 -16.76
N ALA G 8 -10.97 3.54 -17.31
CA ALA G 8 -9.71 4.27 -17.26
C ALA G 8 -9.85 5.31 -16.16
N MET G 9 -8.94 5.28 -15.20
CA MET G 9 -9.16 5.97 -13.94
C MET G 9 -8.14 7.07 -13.77
N ASP G 10 -7.93 7.46 -12.52
CA ASP G 10 -6.96 8.48 -12.19
C ASP G 10 -6.28 8.05 -10.91
N GLU G 11 -5.38 8.89 -10.40
CA GLU G 11 -4.85 8.70 -9.05
C GLU G 11 -5.99 8.97 -8.09
N ASN G 12 -6.78 9.99 -8.42
CA ASN G 12 -7.94 10.37 -7.62
C ASN G 12 -9.24 9.93 -8.27
N ARG G 13 -9.20 8.76 -8.89
CA ARG G 13 -10.38 8.11 -9.49
C ARG G 13 -11.14 8.98 -10.49
N VAL G 14 -10.50 10.03 -11.00
CA VAL G 14 -11.09 10.85 -12.05
C VAL G 14 -11.18 10.07 -13.35
N ILE G 15 -12.41 9.78 -13.79
CA ILE G 15 -12.62 9.03 -15.03
C ILE G 15 -13.13 9.93 -16.15
N GLY G 16 -13.12 11.23 -15.90
CA GLY G 16 -13.59 12.19 -16.88
C GLY G 16 -13.67 13.59 -16.29
N LYS G 17 -14.26 14.50 -17.05
CA LYS G 17 -14.55 15.84 -16.56
C LYS G 17 -16.07 16.01 -16.63
N ASP G 18 -16.52 17.18 -17.04
CA ASP G 18 -17.94 17.42 -17.25
C ASP G 18 -18.44 16.62 -18.46
N ASN G 19 -17.71 15.55 -18.78
CA ASN G 19 -18.08 14.62 -19.84
C ASN G 19 -16.94 13.70 -20.29
N ASN G 20 -15.91 14.30 -20.88
CA ASN G 20 -14.87 13.53 -21.56
C ASN G 20 -13.65 13.19 -20.70
N LEU G 21 -12.72 12.45 -21.29
CA LEU G 21 -11.51 11.99 -20.60
C LEU G 21 -10.47 13.09 -20.42
N PRO G 22 -9.96 13.23 -19.19
CA PRO G 22 -8.95 14.23 -18.82
C PRO G 22 -7.57 13.92 -19.44
N TRP G 23 -7.47 12.80 -20.13
CA TRP G 23 -6.21 12.39 -20.75
C TRP G 23 -6.40 11.96 -22.19
N ARG G 24 -5.29 11.77 -22.90
CA ARG G 24 -5.32 11.41 -24.31
C ARG G 24 -4.34 10.29 -24.58
N LEU G 25 -4.75 9.06 -24.27
CA LEU G 25 -3.91 7.89 -24.44
C LEU G 25 -4.55 6.91 -25.42
N PRO G 26 -4.10 6.95 -26.69
CA PRO G 26 -4.56 6.10 -27.78
C PRO G 26 -4.11 4.64 -27.60
N SER G 27 -2.96 4.44 -26.95
CA SER G 27 -2.48 3.09 -26.68
C SER G 27 -3.43 2.42 -25.70
N GLU G 28 -3.85 3.19 -24.70
CA GLU G 28 -4.83 2.72 -23.73
C GLU G 28 -6.15 2.38 -24.41
N LEU G 29 -6.71 3.34 -25.15
CA LEU G 29 -7.99 3.15 -25.83
C LEU G 29 -7.95 1.95 -26.78
N GLN G 30 -6.78 1.71 -27.35
CA GLN G 30 -6.59 0.59 -28.27
C GLN G 30 -6.72 -0.73 -27.52
N TYR G 31 -6.22 -0.77 -26.29
CA TYR G 31 -6.32 -1.95 -25.45
C TYR G 31 -7.77 -2.19 -25.03
N VAL G 32 -8.50 -1.11 -24.82
CA VAL G 32 -9.93 -1.19 -24.54
C VAL G 32 -10.65 -1.70 -25.78
N LYS G 33 -10.42 -1.05 -26.92
CA LYS G 33 -10.99 -1.51 -28.18
C LYS G 33 -10.65 -2.97 -28.43
N LYS G 34 -9.37 -3.30 -28.25
CA LYS G 34 -8.87 -4.68 -28.35
C LYS G 34 -9.63 -5.61 -27.41
N THR G 35 -9.68 -5.25 -26.13
CA THR G 35 -10.26 -6.08 -25.07
C THR G 35 -11.77 -6.21 -25.16
N THR G 36 -12.46 -5.12 -25.50
CA THR G 36 -13.93 -5.11 -25.50
C THR G 36 -14.57 -5.51 -26.83
N MET G 37 -13.75 -5.70 -27.87
CA MET G 37 -14.25 -6.09 -29.19
C MET G 37 -15.09 -7.36 -29.13
N GLY G 38 -16.18 -7.37 -29.90
CA GLY G 38 -17.05 -8.54 -29.99
C GLY G 38 -18.08 -8.60 -28.87
N HIS G 39 -17.90 -7.74 -27.87
CA HIS G 39 -18.74 -7.75 -26.67
C HIS G 39 -19.57 -6.47 -26.57
N PRO G 40 -20.82 -6.60 -26.09
CA PRO G 40 -21.68 -5.43 -25.89
C PRO G 40 -20.99 -4.33 -25.07
N LEU G 41 -21.38 -3.09 -25.34
CA LEU G 41 -20.93 -1.96 -24.53
C LEU G 41 -22.10 -1.40 -23.74
N ILE G 42 -22.00 -1.44 -22.43
CA ILE G 42 -23.03 -0.90 -21.55
C ILE G 42 -22.56 0.45 -21.01
N MET G 43 -23.11 1.53 -21.57
CA MET G 43 -22.70 2.87 -21.15
C MET G 43 -23.90 3.80 -21.12
N GLY G 44 -23.83 4.82 -20.27
CA GLY G 44 -24.93 5.72 -20.08
C GLY G 44 -25.26 6.58 -21.28
N ARG G 45 -26.07 7.61 -21.04
CA ARG G 45 -26.52 8.53 -22.07
C ARG G 45 -25.52 9.67 -22.22
N LYS G 46 -25.11 10.23 -21.09
CA LYS G 46 -24.12 11.30 -21.07
C LYS G 46 -22.74 10.73 -21.36
N ASN G 47 -22.58 9.43 -21.12
CA ASN G 47 -21.35 8.73 -21.42
C ASN G 47 -21.26 8.33 -22.89
N TYR G 48 -22.40 8.07 -23.50
CA TYR G 48 -22.44 7.73 -24.91
C TYR G 48 -22.28 9.00 -25.74
N GLU G 49 -22.43 10.13 -25.08
CA GLU G 49 -22.26 11.41 -25.75
C GLU G 49 -20.92 12.03 -25.37
N ALA G 50 -20.22 11.37 -24.44
CA ALA G 50 -18.83 11.71 -24.14
C ALA G 50 -17.96 11.11 -25.23
N ILE G 51 -18.03 9.79 -25.39
CA ILE G 51 -17.51 9.13 -26.57
C ILE G 51 -18.11 9.80 -27.79
N GLY G 52 -19.44 9.86 -27.81
CA GLY G 52 -20.19 10.52 -28.87
C GLY G 52 -20.44 9.60 -30.05
N ARG G 53 -19.47 8.76 -30.35
CA ARG G 53 -19.48 7.94 -31.55
C ARG G 53 -19.65 6.46 -31.22
N PRO G 54 -20.64 5.81 -31.87
CA PRO G 54 -20.93 4.39 -31.68
C PRO G 54 -19.73 3.52 -32.05
N LEU G 55 -19.06 3.00 -31.03
CA LEU G 55 -17.85 2.20 -31.21
C LEU G 55 -18.20 0.87 -31.88
N PRO G 56 -17.73 0.67 -33.13
CA PRO G 56 -18.10 -0.43 -34.03
C PRO G 56 -17.48 -1.78 -33.69
N GLY G 57 -18.29 -2.83 -33.77
CA GLY G 57 -17.84 -4.19 -33.54
C GLY G 57 -18.52 -4.85 -32.34
N ARG G 58 -19.21 -4.03 -31.56
CA ARG G 58 -19.76 -4.46 -30.28
C ARG G 58 -21.16 -3.92 -30.09
N ARG G 59 -22.07 -4.76 -29.62
CA ARG G 59 -23.45 -4.35 -29.41
C ARG G 59 -23.50 -3.11 -28.52
N ASN G 60 -23.73 -1.95 -29.14
CA ASN G 60 -23.79 -0.70 -28.41
C ASN G 60 -25.09 -0.55 -27.62
N ILE G 61 -25.07 -0.95 -26.36
CA ILE G 61 -26.24 -0.85 -25.49
C ILE G 61 -26.19 0.37 -24.57
N ILE G 62 -27.23 1.19 -24.62
CA ILE G 62 -27.32 2.40 -23.82
C ILE G 62 -28.45 2.29 -22.82
N VAL G 63 -28.24 2.85 -21.64
CA VAL G 63 -29.19 2.70 -20.54
C VAL G 63 -29.78 4.04 -20.12
N THR G 64 -31.10 4.16 -20.18
CA THR G 64 -31.75 5.42 -19.87
C THR G 64 -33.18 5.26 -19.35
N ARG G 65 -33.62 6.18 -18.51
CA ARG G 65 -34.98 6.21 -18.00
C ARG G 65 -35.95 6.48 -19.15
N ASN G 66 -35.83 7.68 -19.72
CA ASN G 66 -36.63 8.08 -20.87
C ASN G 66 -36.85 6.91 -21.82
N GLU G 67 -38.08 6.41 -21.85
CA GLU G 67 -38.44 5.25 -22.66
C GLU G 67 -38.50 5.61 -24.14
N GLY G 68 -38.39 6.91 -24.45
CA GLY G 68 -38.41 7.36 -25.83
C GLY G 68 -37.03 7.71 -26.36
N TYR G 69 -35.98 7.30 -25.65
CA TYR G 69 -34.63 7.61 -26.07
C TYR G 69 -34.14 6.64 -27.15
N HIS G 70 -33.84 7.19 -28.32
CA HIS G 70 -33.35 6.40 -29.44
C HIS G 70 -32.03 6.95 -29.97
N VAL G 71 -31.31 6.10 -30.69
CA VAL G 71 -30.07 6.51 -31.34
C VAL G 71 -29.63 5.41 -32.30
N GLU G 72 -29.30 5.80 -33.53
CA GLU G 72 -29.01 4.86 -34.60
C GLU G 72 -27.74 4.04 -34.35
N GLY G 73 -27.82 2.75 -34.63
CA GLY G 73 -26.68 1.86 -34.50
C GLY G 73 -26.38 1.46 -33.08
N CYS G 74 -27.37 1.63 -32.21
CA CYS G 74 -27.22 1.32 -30.80
C CYS G 74 -28.53 0.81 -30.19
N GLU G 75 -28.42 -0.05 -29.18
CA GLU G 75 -29.59 -0.61 -28.51
C GLU G 75 -29.88 0.12 -27.20
N VAL G 76 -31.16 0.41 -26.96
CA VAL G 76 -31.55 1.15 -25.77
C VAL G 76 -32.27 0.27 -24.75
N ALA G 77 -31.70 0.21 -23.54
CA ALA G 77 -32.31 -0.53 -22.44
C ALA G 77 -32.59 0.44 -21.31
N HIS G 78 -33.74 0.28 -20.64
CA HIS G 78 -34.12 1.22 -19.61
C HIS G 78 -33.96 0.62 -18.21
N SER G 79 -33.37 -0.57 -18.15
CA SER G 79 -33.20 -1.28 -16.88
C SER G 79 -31.87 -2.00 -16.81
N VAL G 80 -31.64 -2.66 -15.68
CA VAL G 80 -30.56 -3.64 -15.56
C VAL G 80 -31.16 -5.00 -15.92
N GLU G 81 -32.42 -5.19 -15.54
CA GLU G 81 -33.16 -6.38 -15.93
C GLU G 81 -33.18 -6.50 -17.45
N GLU G 82 -33.33 -5.36 -18.12
CA GLU G 82 -33.48 -5.32 -19.57
C GLU G 82 -32.17 -5.57 -20.31
N VAL G 83 -31.06 -5.14 -19.72
CA VAL G 83 -29.74 -5.41 -20.30
C VAL G 83 -29.41 -6.90 -20.20
N PHE G 84 -29.55 -7.47 -19.01
CA PHE G 84 -29.30 -8.90 -18.82
C PHE G 84 -30.18 -9.70 -19.76
N GLU G 85 -31.37 -9.18 -20.02
CA GLU G 85 -32.30 -9.77 -20.96
C GLU G 85 -31.75 -9.73 -22.39
N LEU G 86 -31.19 -8.59 -22.77
CA LEU G 86 -30.59 -8.43 -24.10
C LEU G 86 -29.33 -9.28 -24.21
N CYS G 87 -28.40 -9.07 -23.27
CA CYS G 87 -27.12 -9.74 -23.26
C CYS G 87 -27.26 -11.13 -22.70
N LYS G 88 -28.49 -11.62 -22.70
CA LYS G 88 -28.84 -12.92 -22.16
C LYS G 88 -28.07 -14.06 -22.82
N ASN G 89 -27.61 -13.82 -24.06
CA ASN G 89 -26.86 -14.81 -24.81
C ASN G 89 -25.38 -14.48 -24.90
N GLU G 90 -24.96 -13.42 -24.23
CA GLU G 90 -23.58 -12.97 -24.29
C GLU G 90 -22.65 -13.80 -23.40
N GLU G 91 -21.35 -13.70 -23.65
CA GLU G 91 -20.34 -14.36 -22.83
C GLU G 91 -19.74 -13.34 -21.86
N GLU G 92 -19.70 -12.09 -22.31
CA GLU G 92 -19.21 -10.99 -21.49
C GLU G 92 -19.65 -9.63 -22.02
N ILE G 93 -20.16 -8.80 -21.11
CA ILE G 93 -20.49 -7.42 -21.43
C ILE G 93 -19.65 -6.50 -20.56
N PHE G 94 -19.28 -5.35 -21.11
CA PHE G 94 -18.42 -4.39 -20.41
C PHE G 94 -19.16 -3.12 -20.04
N ILE G 95 -19.33 -2.88 -18.75
CA ILE G 95 -19.87 -1.62 -18.25
C ILE G 95 -18.85 -0.51 -18.49
N PHE G 96 -19.25 0.49 -19.23
CA PHE G 96 -18.29 1.39 -19.87
C PHE G 96 -18.24 2.77 -19.24
N GLY G 97 -19.37 3.26 -18.78
CA GLY G 97 -19.39 4.64 -18.31
C GLY G 97 -20.56 5.02 -17.44
N GLY G 98 -20.38 6.11 -16.71
CA GLY G 98 -21.37 6.57 -15.75
C GLY G 98 -21.12 5.96 -14.38
N ALA G 99 -20.74 6.81 -13.43
CA ALA G 99 -20.60 6.39 -12.05
C ALA G 99 -21.89 5.75 -11.59
N GLN G 100 -23.00 6.20 -12.17
CA GLN G 100 -24.33 5.71 -11.80
C GLN G 100 -24.62 4.37 -12.46
N ILE G 101 -24.12 4.18 -13.68
CA ILE G 101 -24.30 2.92 -14.41
C ILE G 101 -23.43 1.83 -13.80
N TYR G 102 -22.22 2.18 -13.40
CA TYR G 102 -21.38 1.24 -12.70
C TYR G 102 -22.12 0.84 -11.46
N ASP G 103 -22.63 1.83 -10.73
CA ASP G 103 -23.43 1.59 -9.54
C ASP G 103 -24.55 0.59 -9.83
N LEU G 104 -25.36 0.90 -10.84
CA LEU G 104 -26.45 0.03 -11.27
C LEU G 104 -26.02 -1.41 -11.51
N PHE G 105 -24.79 -1.60 -11.96
CA PHE G 105 -24.31 -2.93 -12.31
C PHE G 105 -23.33 -3.44 -11.27
N LEU G 106 -23.17 -2.67 -10.20
CA LEU G 106 -22.28 -3.04 -9.11
C LEU G 106 -22.59 -4.42 -8.49
N PRO G 107 -23.88 -4.71 -8.25
CA PRO G 107 -24.29 -5.95 -7.59
C PRO G 107 -24.13 -7.19 -8.47
N TYR G 108 -23.67 -7.00 -9.70
CA TYR G 108 -23.62 -8.09 -10.67
C TYR G 108 -22.26 -8.22 -11.35
N VAL G 109 -21.25 -7.51 -10.83
CA VAL G 109 -19.95 -7.46 -11.50
C VAL G 109 -19.03 -8.64 -11.16
N ASP G 110 -18.43 -9.22 -12.20
CA ASP G 110 -17.60 -10.41 -12.06
C ASP G 110 -16.13 -10.10 -12.31
N LYS G 111 -15.88 -9.05 -13.08
CA LYS G 111 -14.51 -8.67 -13.45
C LYS G 111 -14.34 -7.15 -13.56
N LEU G 112 -13.13 -6.68 -13.29
CA LEU G 112 -12.80 -5.27 -13.40
C LEU G 112 -11.52 -5.09 -14.17
N TYR G 113 -11.61 -4.60 -15.41
CA TYR G 113 -10.43 -4.13 -16.12
C TYR G 113 -10.27 -2.67 -15.76
N ILE G 114 -9.20 -2.36 -15.02
CA ILE G 114 -9.02 -1.02 -14.49
C ILE G 114 -7.69 -0.36 -14.91
N THR G 115 -7.75 0.55 -15.86
CA THR G 115 -6.59 1.40 -16.15
C THR G 115 -6.54 2.54 -15.14
N LYS G 116 -5.44 2.63 -14.39
CA LYS G 116 -5.21 3.77 -13.51
C LYS G 116 -4.07 4.62 -14.07
N ILE G 117 -4.35 5.87 -14.39
CA ILE G 117 -3.30 6.79 -14.80
C ILE G 117 -2.56 7.31 -13.57
N HIS G 118 -1.25 7.43 -13.68
CA HIS G 118 -0.42 7.89 -12.56
C HIS G 118 -0.26 9.41 -12.58
N HIS G 119 -1.38 10.12 -12.46
CA HIS G 119 -1.36 11.57 -12.53
C HIS G 119 -2.62 12.13 -11.90
N ALA G 120 -2.52 13.36 -11.40
CA ALA G 120 -3.67 14.03 -10.80
C ALA G 120 -4.32 14.99 -11.79
N PHE G 121 -5.36 14.52 -12.47
CA PHE G 121 -6.10 15.38 -13.38
C PHE G 121 -7.28 15.99 -12.65
N GLU G 122 -7.62 17.22 -13.00
CA GLU G 122 -8.82 17.84 -12.47
C GLU G 122 -10.00 17.35 -13.29
N GLY G 123 -11.02 16.85 -12.62
CA GLY G 123 -12.17 16.26 -13.30
C GLY G 123 -13.48 16.45 -12.58
N ASP G 124 -14.53 15.85 -13.14
CA ASP G 124 -15.87 15.91 -12.55
C ASP G 124 -16.35 14.53 -12.16
N THR G 125 -16.48 13.65 -13.15
CA THR G 125 -16.98 12.31 -12.94
C THR G 125 -15.89 11.43 -12.33
N PHE G 126 -16.20 10.84 -11.19
CA PHE G 126 -15.25 9.99 -10.47
C PHE G 126 -15.73 8.55 -10.48
N PHE G 127 -14.81 7.63 -10.22
CA PHE G 127 -15.14 6.22 -10.17
C PHE G 127 -15.40 5.84 -8.71
N PRO G 128 -16.50 5.12 -8.45
CA PRO G 128 -16.90 4.75 -7.08
C PRO G 128 -15.90 3.79 -6.42
N GLU G 129 -15.84 3.83 -5.09
CA GLU G 129 -14.97 2.93 -4.34
C GLU G 129 -15.44 1.48 -4.43
N MET G 130 -14.78 0.57 -3.75
CA MET G 130 -15.21 -0.79 -3.84
C MET G 130 -14.57 -1.70 -2.83
N ASP G 131 -13.99 -2.79 -3.31
CA ASP G 131 -13.32 -3.73 -2.45
C ASP G 131 -12.30 -4.52 -3.25
N ASN G 134 -12.80 -6.70 -1.09
CA ASN G 134 -12.26 -7.92 -1.65
C ASN G 134 -11.54 -7.65 -2.94
N TRP G 135 -12.08 -8.26 -4.00
CA TRP G 135 -11.49 -8.36 -5.35
C TRP G 135 -10.06 -8.86 -5.40
N LYS G 136 -9.80 -9.71 -6.37
CA LYS G 136 -8.47 -10.25 -6.59
C LYS G 136 -7.99 -9.89 -7.98
N GLU G 137 -6.68 -9.69 -8.11
CA GLU G 137 -6.09 -9.32 -9.39
C GLU G 137 -5.72 -10.57 -10.18
N VAL G 138 -5.88 -10.50 -11.49
CA VAL G 138 -5.61 -11.65 -12.34
C VAL G 138 -4.59 -11.29 -13.43
N PHE G 139 -4.42 -10.00 -13.67
CA PHE G 139 -3.44 -9.54 -14.65
C PHE G 139 -3.12 -8.05 -14.53
N VAL G 140 -1.85 -7.72 -14.69
CA VAL G 140 -1.38 -6.33 -14.64
C VAL G 140 -0.35 -6.08 -15.73
N GLU G 141 -0.34 -4.87 -16.28
CA GLU G 141 0.65 -4.51 -17.27
C GLU G 141 0.79 -3.00 -17.36
N LYS G 142 2.03 -2.53 -17.37
CA LYS G 142 2.32 -1.12 -17.60
C LYS G 142 1.92 -0.73 -19.03
N GLY G 143 1.40 0.47 -19.19
CA GLY G 143 1.01 0.93 -20.51
C GLY G 143 2.13 1.65 -21.24
N LEU G 144 2.04 1.67 -22.57
CA LEU G 144 3.06 2.30 -23.41
C LEU G 144 3.07 3.82 -23.27
N THR G 145 3.95 4.33 -22.40
CA THR G 145 4.13 5.77 -22.27
C THR G 145 4.90 6.33 -23.46
N ASP G 146 4.32 7.34 -24.11
CA ASP G 146 4.82 7.84 -25.38
C ASP G 146 4.84 9.35 -25.46
N GLU G 147 5.04 9.85 -26.68
CA GLU G 147 4.75 11.24 -26.99
C GLU G 147 3.23 11.36 -27.07
N LYS G 148 2.59 10.31 -27.58
CA LYS G 148 1.14 10.25 -27.66
C LYS G 148 0.59 9.48 -26.48
N ASN G 149 1.42 9.37 -25.44
CA ASN G 149 1.01 8.79 -24.18
C ASN G 149 1.79 9.47 -23.08
N PRO G 150 1.52 10.77 -22.87
CA PRO G 150 2.30 11.67 -22.02
C PRO G 150 2.22 11.33 -20.54
N TYR G 151 1.77 10.12 -20.19
CA TYR G 151 1.71 9.72 -18.80
C TYR G 151 2.00 8.25 -18.61
N THR G 152 2.48 7.90 -17.43
CA THR G 152 2.68 6.51 -17.05
C THR G 152 1.38 5.93 -16.48
N TYR G 153 0.98 4.75 -16.98
CA TYR G 153 -0.24 4.11 -16.53
C TYR G 153 -0.11 2.58 -16.49
N TYR G 154 -1.09 1.94 -15.87
CA TYR G 154 -1.09 0.48 -15.71
C TYR G 154 -2.47 -0.10 -15.98
N TYR G 155 -2.52 -1.18 -16.76
CA TYR G 155 -3.73 -1.95 -16.93
C TYR G 155 -3.85 -2.94 -15.78
N HIS G 156 -5.07 -3.13 -15.31
CA HIS G 156 -5.36 -4.10 -14.26
C HIS G 156 -6.62 -4.87 -14.62
N VAL G 157 -6.63 -6.15 -14.25
CA VAL G 157 -7.83 -6.95 -14.37
C VAL G 157 -8.07 -7.66 -13.05
N TYR G 158 -9.32 -7.60 -12.58
CA TYR G 158 -9.69 -8.21 -11.31
C TYR G 158 -10.80 -9.25 -11.47
N GLU G 159 -10.69 -10.33 -10.71
CA GLU G 159 -11.75 -11.32 -10.66
C GLU G 159 -12.14 -11.56 -9.21
N LYS G 160 -13.42 -11.34 -8.90
CA LYS G 160 -13.94 -11.52 -7.56
C LYS G 160 -13.25 -12.69 -6.88
N GLN G 161 -12.71 -12.46 -5.68
CA GLN G 161 -11.93 -13.49 -5.02
C GLN G 161 -12.82 -14.65 -4.56
N GLN G 162 -12.29 -15.86 -4.71
CA GLN G 162 -12.99 -17.06 -4.26
C GLN G 162 -13.61 -16.87 -2.89
N LEU G 163 -14.92 -17.06 -2.81
CA LEU G 163 -15.61 -17.03 -1.54
C LEU G 163 -15.40 -18.38 -0.85
N VAL G 164 -14.28 -18.52 -0.15
CA VAL G 164 -13.98 -19.74 0.59
C VAL G 164 -14.64 -19.69 1.97
N PRO G 165 -15.42 -20.73 2.29
CA PRO G 165 -16.18 -20.84 3.54
C PRO G 165 -15.28 -20.86 4.78
N ARG G 166 -15.86 -20.56 5.94
CA ARG G 166 -15.12 -20.54 7.19
C ARG G 166 -15.63 -21.60 8.17
N MET H 1 -24.71 1.93 8.38
CA MET H 1 -25.95 1.93 9.14
C MET H 1 -27.17 1.83 8.22
N ILE H 2 -27.84 0.69 8.29
CA ILE H 2 -29.08 0.47 7.56
C ILE H 2 -30.25 0.96 8.41
N VAL H 3 -30.77 2.13 8.07
CA VAL H 3 -31.97 2.66 8.70
C VAL H 3 -33.14 1.83 8.18
N SER H 4 -33.69 0.99 9.05
CA SER H 4 -34.77 0.09 8.64
C SER H 4 -36.09 0.41 9.34
N PHE H 5 -37.17 0.30 8.58
CA PHE H 5 -38.51 0.45 9.13
C PHE H 5 -39.10 -0.92 9.41
N MET H 6 -39.61 -1.10 10.62
CA MET H 6 -40.33 -2.33 10.96
C MET H 6 -41.75 -1.98 11.34
N VAL H 7 -42.65 -2.08 10.37
CA VAL H 7 -44.03 -1.68 10.58
C VAL H 7 -45.02 -2.83 10.39
N ALA H 8 -45.88 -3.04 11.40
CA ALA H 8 -47.02 -3.91 11.24
C ALA H 8 -48.21 -3.04 10.80
N MET H 9 -48.70 -3.28 9.60
CA MET H 9 -49.65 -2.35 8.99
C MET H 9 -51.03 -2.97 8.78
N ASP H 10 -51.77 -2.42 7.82
CA ASP H 10 -53.15 -2.80 7.58
C ASP H 10 -53.43 -2.77 6.08
N GLU H 11 -54.69 -3.01 5.72
CA GLU H 11 -55.13 -2.81 4.35
C GLU H 11 -55.66 -1.37 4.24
N ASN H 12 -55.55 -0.66 5.36
CA ASN H 12 -55.84 0.77 5.44
C ASN H 12 -54.64 1.49 6.04
N ARG H 13 -53.58 0.73 6.31
CA ARG H 13 -52.33 1.27 6.84
C ARG H 13 -52.37 1.51 8.35
N VAL H 14 -53.41 1.01 9.00
CA VAL H 14 -53.55 1.10 10.44
C VAL H 14 -52.36 0.43 11.14
N ILE H 15 -51.78 1.13 12.11
CA ILE H 15 -50.68 0.58 12.90
C ILE H 15 -50.94 0.71 14.39
N GLY H 16 -52.22 0.71 14.76
CA GLY H 16 -52.61 0.80 16.14
C GLY H 16 -53.84 1.66 16.34
N LYS H 17 -54.34 1.70 17.58
CA LYS H 17 -55.48 2.53 17.90
C LYS H 17 -55.11 3.48 19.04
N ASP H 18 -55.84 3.40 20.14
CA ASP H 18 -55.58 4.25 21.30
C ASP H 18 -54.09 4.30 21.63
N ASN H 19 -53.38 3.23 21.29
CA ASN H 19 -51.95 3.11 21.52
C ASN H 19 -51.44 1.75 21.07
N ASN H 20 -52.31 0.75 21.16
CA ASN H 20 -51.93 -0.65 20.95
C ASN H 20 -52.45 -1.26 19.66
N LEU H 21 -51.93 -2.44 19.31
CA LEU H 21 -52.25 -3.12 18.07
C LEU H 21 -53.71 -3.54 17.98
N PRO H 22 -54.38 -3.20 16.87
CA PRO H 22 -55.76 -3.61 16.58
C PRO H 22 -55.87 -5.11 16.33
N TRP H 23 -54.73 -5.80 16.27
CA TRP H 23 -54.70 -7.25 16.07
C TRP H 23 -53.83 -7.96 17.09
N ARG H 24 -53.92 -9.29 17.11
CA ARG H 24 -53.16 -10.10 18.06
C ARG H 24 -52.55 -11.30 17.36
N LEU H 25 -51.28 -11.16 16.97
CA LEU H 25 -50.59 -12.17 16.17
C LEU H 25 -49.19 -12.44 16.73
N PRO H 26 -49.09 -13.42 17.66
CA PRO H 26 -47.85 -13.89 18.27
C PRO H 26 -46.79 -14.34 17.26
N SER H 27 -47.23 -14.91 16.14
CA SER H 27 -46.32 -15.40 15.10
C SER H 27 -45.61 -14.24 14.40
N GLU H 28 -46.33 -13.13 14.25
CA GLU H 28 -45.78 -11.93 13.63
C GLU H 28 -44.78 -11.28 14.59
N LEU H 29 -45.12 -11.26 15.88
CA LEU H 29 -44.30 -10.63 16.90
C LEU H 29 -43.08 -11.48 17.23
N GLN H 30 -43.03 -12.68 16.66
CA GLN H 30 -41.91 -13.57 16.85
C GLN H 30 -41.03 -13.61 15.59
N TYR H 31 -41.58 -13.10 14.49
CA TYR H 31 -40.80 -12.83 13.29
C TYR H 31 -40.15 -11.47 13.47
N VAL H 32 -40.92 -10.53 14.00
CA VAL H 32 -40.40 -9.23 14.36
C VAL H 32 -39.25 -9.43 15.32
N LYS H 33 -39.47 -10.26 16.33
CA LYS H 33 -38.46 -10.53 17.35
C LYS H 33 -37.17 -11.09 16.75
N LYS H 34 -37.30 -12.12 15.91
CA LYS H 34 -36.13 -12.70 15.26
C LYS H 34 -35.43 -11.65 14.41
N THR H 35 -36.17 -11.08 13.47
CA THR H 35 -35.62 -10.11 12.51
C THR H 35 -34.83 -8.98 13.17
N THR H 36 -35.34 -8.47 14.29
CA THR H 36 -34.74 -7.33 14.96
C THR H 36 -33.87 -7.74 16.15
N MET H 37 -33.60 -9.04 16.27
CA MET H 37 -32.76 -9.55 17.34
C MET H 37 -31.32 -9.08 17.21
N GLY H 38 -30.85 -8.32 18.20
CA GLY H 38 -29.48 -7.86 18.23
C GLY H 38 -29.30 -6.47 17.66
N HIS H 39 -30.39 -5.91 17.16
CA HIS H 39 -30.37 -4.58 16.57
C HIS H 39 -31.14 -3.59 17.44
N PRO H 40 -30.66 -2.34 17.47
CA PRO H 40 -31.32 -1.28 18.24
C PRO H 40 -32.76 -1.03 17.77
N LEU H 41 -33.66 -0.90 18.75
CA LEU H 41 -35.07 -0.60 18.48
C LEU H 41 -35.36 0.86 18.74
N ILE H 42 -35.61 1.62 17.67
CA ILE H 42 -35.88 3.04 17.80
C ILE H 42 -37.38 3.29 17.80
N MET H 43 -37.88 3.80 18.92
CA MET H 43 -39.31 3.96 19.09
C MET H 43 -39.63 5.25 19.87
N GLY H 44 -40.85 5.76 19.71
CA GLY H 44 -41.32 6.90 20.47
C GLY H 44 -41.81 6.47 21.83
N ARG H 45 -41.90 7.41 22.77
CA ARG H 45 -42.32 7.09 24.14
C ARG H 45 -43.68 6.41 24.19
N LYS H 46 -44.68 7.04 23.57
CA LYS H 46 -46.02 6.49 23.56
C LYS H 46 -46.05 5.11 22.93
N ASN H 47 -45.15 4.88 21.98
CA ASN H 47 -45.00 3.56 21.37
C ASN H 47 -44.36 2.57 22.33
N TYR H 48 -43.34 3.01 23.05
CA TYR H 48 -42.68 2.16 24.03
C TYR H 48 -43.62 1.83 25.19
N GLU H 49 -44.54 2.75 25.46
CA GLU H 49 -45.53 2.55 26.52
C GLU H 49 -46.64 1.61 26.04
N ALA H 50 -46.82 1.54 24.73
CA ALA H 50 -47.73 0.58 24.12
C ALA H 50 -47.18 -0.84 24.25
N ILE H 51 -45.90 -1.01 23.91
CA ILE H 51 -45.24 -2.30 24.09
C ILE H 51 -45.08 -2.61 25.57
N GLY H 52 -44.88 -1.58 26.38
CA GLY H 52 -44.84 -1.72 27.82
C GLY H 52 -43.45 -1.85 28.43
N ARG H 53 -42.74 -2.91 28.05
CA ARG H 53 -41.47 -3.26 28.66
C ARG H 53 -40.34 -3.35 27.63
N PRO H 54 -39.09 -3.20 28.09
CA PRO H 54 -37.94 -3.24 27.19
C PRO H 54 -37.79 -4.60 26.53
N LEU H 55 -37.86 -4.63 25.20
CA LEU H 55 -37.68 -5.87 24.46
C LEU H 55 -36.24 -6.32 24.56
N PRO H 56 -36.01 -7.50 25.17
CA PRO H 56 -34.70 -8.00 25.56
C PRO H 56 -33.86 -8.49 24.38
N GLY H 57 -32.58 -8.14 24.37
CA GLY H 57 -31.65 -8.50 23.33
C GLY H 57 -31.21 -7.32 22.48
N ARG H 58 -31.89 -6.20 22.64
CA ARG H 58 -31.76 -5.08 21.70
C ARG H 58 -31.69 -3.72 22.38
N ARG H 59 -30.78 -2.87 21.90
CA ARG H 59 -30.70 -1.49 22.42
C ARG H 59 -32.05 -0.83 22.29
N ASN H 60 -32.65 -0.51 23.43
CA ASN H 60 -33.93 0.19 23.43
C ASN H 60 -33.74 1.70 23.40
N ILE H 61 -33.69 2.27 22.20
CA ILE H 61 -33.55 3.71 22.07
C ILE H 61 -34.90 4.37 21.82
N ILE H 62 -35.43 5.03 22.83
CA ILE H 62 -36.69 5.76 22.74
C ILE H 62 -36.42 7.21 22.34
N VAL H 63 -37.39 7.82 21.65
CA VAL H 63 -37.25 9.18 21.17
C VAL H 63 -38.32 10.07 21.81
N THR H 64 -37.91 11.20 22.37
CA THR H 64 -38.81 12.08 23.12
C THR H 64 -38.16 13.45 23.33
N ARG H 65 -38.92 14.53 23.16
CA ARG H 65 -38.40 15.87 23.39
C ARG H 65 -38.04 16.06 24.85
N ASN H 66 -38.77 15.36 25.71
CA ASN H 66 -38.53 15.42 27.13
C ASN H 66 -37.08 15.06 27.44
N GLU H 67 -36.30 16.06 27.83
CA GLU H 67 -34.89 15.85 28.12
C GLU H 67 -34.70 15.14 29.44
N GLY H 68 -35.75 15.16 30.27
CA GLY H 68 -35.69 14.52 31.57
C GLY H 68 -36.43 13.20 31.62
N TYR H 69 -36.75 12.65 30.46
CA TYR H 69 -37.39 11.34 30.39
C TYR H 69 -36.36 10.24 30.50
N HIS H 70 -36.53 9.38 31.51
CA HIS H 70 -35.63 8.25 31.74
C HIS H 70 -36.45 7.00 32.04
N VAL H 71 -36.04 5.88 31.46
CA VAL H 71 -36.73 4.63 31.70
C VAL H 71 -35.73 3.48 31.73
N GLU H 72 -35.82 2.64 32.77
CA GLU H 72 -34.82 1.62 33.02
C GLU H 72 -34.66 0.62 31.88
N GLY H 73 -33.42 0.17 31.66
CA GLY H 73 -33.12 -0.80 30.62
C GLY H 73 -33.25 -0.23 29.23
N CYS H 74 -33.55 1.06 29.16
CA CYS H 74 -33.72 1.76 27.89
C CYS H 74 -32.73 2.92 27.75
N GLU H 75 -32.36 3.22 26.50
CA GLU H 75 -31.58 4.40 26.19
C GLU H 75 -32.55 5.48 25.73
N VAL H 76 -32.23 6.75 26.04
CA VAL H 76 -33.14 7.84 25.69
C VAL H 76 -32.47 8.89 24.82
N ALA H 77 -33.09 9.17 23.68
CA ALA H 77 -32.60 10.16 22.73
C ALA H 77 -33.71 11.16 22.41
N HIS H 78 -33.34 12.40 22.08
CA HIS H 78 -34.32 13.44 21.82
C HIS H 78 -34.15 13.99 20.41
N SER H 79 -33.06 13.58 19.77
CA SER H 79 -32.79 13.92 18.38
C SER H 79 -32.63 12.65 17.55
N VAL H 80 -33.06 12.73 16.30
CA VAL H 80 -32.79 11.70 15.30
C VAL H 80 -31.28 11.64 15.15
N GLU H 81 -30.65 12.79 15.34
CA GLU H 81 -29.20 12.92 15.29
C GLU H 81 -28.53 12.20 16.46
N GLU H 82 -29.12 12.30 17.64
CA GLU H 82 -28.61 11.61 18.83
C GLU H 82 -28.89 10.11 18.75
N VAL H 83 -29.81 9.74 17.86
CA VAL H 83 -30.10 8.33 17.62
C VAL H 83 -29.05 7.73 16.67
N PHE H 84 -28.74 8.45 15.60
CA PHE H 84 -27.63 8.07 14.72
C PHE H 84 -26.30 8.13 15.46
N GLU H 85 -26.25 8.96 16.50
CA GLU H 85 -25.03 9.10 17.30
C GLU H 85 -24.86 7.92 18.24
N LEU H 86 -25.97 7.47 18.81
CA LEU H 86 -25.96 6.26 19.63
C LEU H 86 -25.69 5.04 18.76
N CYS H 87 -26.34 5.01 17.59
CA CYS H 87 -26.23 3.89 16.66
C CYS H 87 -25.14 4.11 15.63
N LYS H 88 -24.24 5.05 15.91
CA LYS H 88 -23.13 5.37 15.02
C LYS H 88 -22.27 4.15 14.70
N ASN H 89 -22.40 3.10 15.53
CA ASN H 89 -21.65 1.86 15.33
C ASN H 89 -22.55 0.67 14.99
N GLU H 90 -23.81 0.94 14.71
CA GLU H 90 -24.76 -0.11 14.36
C GLU H 90 -24.86 -0.26 12.86
N GLU H 91 -24.70 -1.49 12.38
CA GLU H 91 -24.80 -1.77 10.95
C GLU H 91 -26.25 -1.74 10.48
N GLU H 92 -27.17 -1.74 11.44
CA GLU H 92 -28.59 -1.61 11.15
C GLU H 92 -29.39 -1.31 12.41
N ILE H 93 -30.43 -0.49 12.24
CA ILE H 93 -31.37 -0.21 13.33
C ILE H 93 -32.77 -0.32 12.75
N PHE H 94 -33.76 -0.37 13.64
CA PHE H 94 -35.14 -0.53 13.21
C PHE H 94 -36.04 0.52 13.81
N ILE H 95 -36.50 1.44 12.98
CA ILE H 95 -37.47 2.43 13.39
C ILE H 95 -38.77 1.71 13.68
N PHE H 96 -39.16 1.71 14.94
CA PHE H 96 -40.14 0.77 15.46
C PHE H 96 -41.54 1.35 15.62
N GLY H 97 -41.62 2.49 16.31
CA GLY H 97 -42.92 3.00 16.73
C GLY H 97 -43.07 4.51 16.71
N GLY H 98 -44.28 4.95 16.35
CA GLY H 98 -44.57 6.35 16.16
C GLY H 98 -44.69 6.66 14.68
N ALA H 99 -45.90 7.00 14.24
CA ALA H 99 -46.11 7.42 12.86
C ALA H 99 -45.32 8.71 12.64
N GLN H 100 -44.94 9.32 13.75
CA GLN H 100 -44.20 10.57 13.75
C GLN H 100 -42.71 10.30 13.90
N ILE H 101 -42.38 9.14 14.45
CA ILE H 101 -41.02 8.63 14.48
C ILE H 101 -40.68 8.05 13.12
N TYR H 102 -41.72 7.74 12.34
CA TYR H 102 -41.54 7.27 10.98
C TYR H 102 -41.26 8.44 10.04
N ASP H 103 -41.91 9.57 10.28
CA ASP H 103 -41.65 10.78 9.51
C ASP H 103 -40.24 11.30 9.76
N LEU H 104 -39.85 11.32 11.03
CA LEU H 104 -38.52 11.78 11.42
C LEU H 104 -37.40 11.04 10.71
N PHE H 105 -37.55 9.74 10.53
CA PHE H 105 -36.50 8.92 9.93
C PHE H 105 -36.77 8.61 8.46
N LEU H 106 -37.89 9.11 7.95
CA LEU H 106 -38.26 8.99 6.55
C LEU H 106 -37.16 9.46 5.58
N PRO H 107 -36.41 10.51 5.95
CA PRO H 107 -35.35 10.97 5.04
C PRO H 107 -34.26 9.93 4.81
N TYR H 108 -34.03 9.11 5.83
CA TYR H 108 -32.85 8.25 5.87
C TYR H 108 -33.18 6.76 5.71
N VAL H 109 -34.44 6.43 5.52
CA VAL H 109 -34.85 5.02 5.47
C VAL H 109 -34.23 4.28 4.28
N ASP H 110 -33.69 3.09 4.57
CA ASP H 110 -32.95 2.29 3.59
C ASP H 110 -33.74 1.07 3.17
N LYS H 111 -34.44 0.50 4.13
CA LYS H 111 -35.18 -0.74 3.91
C LYS H 111 -36.53 -0.64 4.62
N LEU H 112 -37.46 -1.51 4.22
CA LEU H 112 -38.81 -1.48 4.72
C LEU H 112 -39.29 -2.89 5.06
N TYR H 113 -39.37 -3.20 6.34
CA TYR H 113 -40.01 -4.43 6.77
C TYR H 113 -41.46 -4.11 7.12
N ILE H 114 -42.34 -4.24 6.13
CA ILE H 114 -43.75 -3.97 6.35
C ILE H 114 -44.56 -5.25 6.33
N THR H 115 -45.30 -5.50 7.42
CA THR H 115 -46.27 -6.59 7.47
C THR H 115 -47.63 -6.05 7.07
N LYS H 116 -48.26 -6.66 6.07
CA LYS H 116 -49.57 -6.22 5.63
C LYS H 116 -50.68 -7.21 5.99
N ILE H 117 -51.45 -6.85 7.02
CA ILE H 117 -52.62 -7.62 7.43
C ILE H 117 -53.79 -7.31 6.51
N HIS H 118 -54.38 -8.35 5.92
CA HIS H 118 -55.45 -8.18 4.94
C HIS H 118 -56.80 -7.95 5.57
N HIS H 119 -56.84 -7.21 6.67
CA HIS H 119 -58.07 -6.89 7.35
C HIS H 119 -58.20 -5.38 7.48
N ALA H 120 -59.39 -4.90 7.81
CA ALA H 120 -59.60 -3.47 8.07
C ALA H 120 -59.95 -3.23 9.52
N PHE H 121 -58.97 -2.79 10.30
CA PHE H 121 -59.16 -2.59 11.73
C PHE H 121 -59.45 -1.14 12.09
N GLU H 122 -60.33 -0.95 13.06
CA GLU H 122 -60.55 0.38 13.60
C GLU H 122 -59.31 0.81 14.37
N GLY H 123 -58.72 1.94 13.99
CA GLY H 123 -57.55 2.46 14.67
C GLY H 123 -57.45 3.96 14.46
N ASP H 124 -56.61 4.62 15.25
CA ASP H 124 -56.36 6.05 15.06
C ASP H 124 -54.96 6.36 14.53
N THR H 125 -54.00 5.51 14.88
CA THR H 125 -52.62 5.67 14.43
C THR H 125 -52.42 4.97 13.10
N PHE H 126 -51.70 5.61 12.17
CA PHE H 126 -51.52 5.10 10.82
C PHE H 126 -50.06 5.20 10.36
N PHE H 127 -49.73 4.44 9.31
CA PHE H 127 -48.37 4.41 8.78
C PHE H 127 -48.21 5.33 7.57
N PRO H 128 -47.14 6.14 7.57
CA PRO H 128 -46.84 7.10 6.50
C PRO H 128 -46.84 6.47 5.11
N GLU H 129 -47.46 7.15 4.16
CA GLU H 129 -47.52 6.67 2.77
C GLU H 129 -46.20 6.80 2.04
N MET H 130 -45.94 6.02 1.00
CA MET H 130 -44.62 6.18 0.36
C MET H 130 -44.50 6.14 -1.17
N ASP H 131 -43.84 5.10 -1.68
CA ASP H 131 -43.67 4.90 -3.12
C ASP H 131 -43.94 3.47 -3.53
N ASN H 134 -39.66 4.71 -6.47
CA ASN H 134 -40.76 3.77 -6.33
C ASN H 134 -40.41 2.61 -5.42
N TRP H 135 -39.15 2.54 -4.98
CA TRP H 135 -38.66 1.51 -4.04
C TRP H 135 -38.30 0.17 -4.66
N LYS H 136 -38.61 -0.95 -4.02
CA LYS H 136 -38.17 -2.24 -4.57
C LYS H 136 -38.31 -3.34 -3.53
N GLU H 137 -39.00 -4.42 -3.90
CA GLU H 137 -39.19 -5.55 -3.01
C GLU H 137 -38.10 -6.59 -3.20
N VAL H 138 -37.72 -7.25 -2.11
CA VAL H 138 -36.61 -8.20 -2.14
C VAL H 138 -37.00 -9.54 -1.51
N PHE H 139 -38.04 -9.56 -0.68
CA PHE H 139 -38.52 -10.82 -0.08
C PHE H 139 -39.96 -10.79 0.41
N VAL H 140 -40.75 -11.77 -0.01
CA VAL H 140 -42.14 -11.90 0.44
C VAL H 140 -42.49 -13.32 0.92
N GLU H 141 -43.24 -13.39 2.01
CA GLU H 141 -43.64 -14.68 2.58
C GLU H 141 -44.93 -14.54 3.37
N LYS H 142 -45.92 -15.37 3.03
CA LYS H 142 -47.19 -15.37 3.75
C LYS H 142 -46.97 -15.65 5.22
N GLY H 143 -47.81 -15.04 6.06
CA GLY H 143 -47.72 -15.22 7.50
C GLY H 143 -48.64 -16.33 7.98
N LEU H 144 -48.23 -17.00 9.05
CA LEU H 144 -48.98 -18.13 9.58
C LEU H 144 -50.33 -17.73 10.16
N THR H 145 -51.40 -18.19 9.53
CA THR H 145 -52.75 -17.98 10.05
C THR H 145 -53.15 -19.14 10.96
N ASP H 146 -53.40 -18.83 12.24
CA ASP H 146 -53.67 -19.83 13.26
C ASP H 146 -55.02 -19.57 13.91
N GLU H 147 -55.24 -20.26 15.03
CA GLU H 147 -56.30 -19.89 15.96
C GLU H 147 -55.77 -18.73 16.80
N LYS H 148 -54.46 -18.75 17.03
CA LYS H 148 -53.79 -17.68 17.75
C LYS H 148 -53.18 -16.68 16.77
N ASN H 149 -53.76 -16.65 15.58
CA ASN H 149 -53.36 -15.72 14.54
C ASN H 149 -54.50 -15.54 13.57
N PRO H 150 -55.65 -15.07 14.09
CA PRO H 150 -56.95 -15.03 13.41
C PRO H 150 -57.00 -14.15 12.16
N TYR H 151 -55.95 -14.17 11.34
CA TYR H 151 -55.97 -13.36 10.12
C TYR H 151 -55.02 -13.88 9.06
N THR H 152 -55.21 -13.39 7.84
CA THR H 152 -54.27 -13.59 6.75
C THR H 152 -53.37 -12.35 6.66
N TYR H 153 -52.07 -12.57 6.51
CA TYR H 153 -51.11 -11.47 6.48
C TYR H 153 -49.75 -11.91 5.92
N TYR H 154 -49.08 -11.01 5.22
CA TYR H 154 -47.78 -11.30 4.60
C TYR H 154 -46.67 -10.44 5.18
N TYR H 155 -45.44 -10.95 5.10
CA TYR H 155 -44.26 -10.16 5.45
C TYR H 155 -43.65 -9.58 4.18
N HIS H 156 -43.24 -8.32 4.24
CA HIS H 156 -42.65 -7.64 3.09
C HIS H 156 -41.34 -6.94 3.45
N VAL H 157 -40.37 -7.06 2.55
CA VAL H 157 -39.10 -6.37 2.70
C VAL H 157 -38.86 -5.59 1.42
N TYR H 158 -38.37 -4.37 1.58
CA TYR H 158 -38.12 -3.50 0.43
C TYR H 158 -36.79 -2.79 0.61
N GLU H 159 -35.93 -2.88 -0.40
CA GLU H 159 -34.71 -2.09 -0.41
C GLU H 159 -34.80 -1.01 -1.47
N LYS H 160 -34.21 0.14 -1.17
CA LYS H 160 -34.32 1.31 -2.00
C LYS H 160 -33.77 1.02 -3.38
N GLN H 161 -34.54 1.32 -4.42
CA GLN H 161 -34.01 1.11 -5.76
C GLN H 161 -33.31 2.36 -6.26
N GLN H 162 -32.40 2.14 -7.21
CA GLN H 162 -31.46 3.17 -7.62
C GLN H 162 -31.58 3.51 -9.10
N LEU H 163 -31.45 4.81 -9.40
CA LEU H 163 -31.23 5.30 -10.76
C LEU H 163 -32.25 4.81 -11.80
N VAL H 164 -32.61 5.63 -12.79
CA VAL H 164 -32.14 7.01 -13.03
C VAL H 164 -30.89 7.13 -13.91
N PRO H 165 -30.99 6.62 -15.15
CA PRO H 165 -30.08 7.04 -16.22
C PRO H 165 -30.76 8.11 -17.07
N ARG H 166 -30.70 9.37 -16.63
CA ARG H 166 -31.30 10.48 -17.37
C ARG H 166 -30.44 10.90 -18.55
#